data_2N91
#
_entry.id   2N91
#
loop_
_entity.id
_entity.type
_entity.pdbx_description
1 polymer 'Cytochrome C'
2 non-polymer 'PROTOPORPHYRIN IX CONTAINING FE'
#
_entity_poly.entity_id   1
_entity_poly.type   'polypeptide(L)'
_entity_poly.pdbx_seq_one_letter_code
;ADDIVFKAKNGDVKFPHKAHQKAVPDCKKCHEKGPGKIEGFGKEMAHGKGCKGCHEEMKKGPTKCGECHKK
;
_entity_poly.pdbx_strand_id   A
#
loop_
_chem_comp.id
_chem_comp.type
_chem_comp.name
_chem_comp.formula
HEM non-polymer 'PROTOPORPHYRIN IX CONTAINING FE' 'C34 H32 Fe N4 O4'
#
# COMPACT_ATOMS: atom_id res chain seq x y z
N ALA A 1 8.37 -9.69 9.32
CA ALA A 1 9.76 -9.30 9.10
C ALA A 1 9.82 -8.32 7.92
N ASP A 2 10.20 -8.85 6.77
CA ASP A 2 10.30 -8.04 5.57
C ASP A 2 9.02 -7.22 5.41
N ASP A 3 7.96 -7.71 6.00
CA ASP A 3 6.67 -7.04 5.93
C ASP A 3 6.81 -5.61 6.48
N ILE A 4 5.69 -4.92 6.53
CA ILE A 4 5.68 -3.55 7.03
C ILE A 4 4.30 -3.23 7.59
N VAL A 5 4.29 -2.68 8.79
CA VAL A 5 3.04 -2.32 9.45
C VAL A 5 2.97 -0.80 9.60
N PHE A 6 1.79 -0.27 9.31
CA PHE A 6 1.58 1.17 9.41
C PHE A 6 0.52 1.50 10.46
N LYS A 7 0.99 1.95 11.62
CA LYS A 7 0.11 2.30 12.71
C LYS A 7 -1.02 3.19 12.18
N ALA A 8 -2.24 2.71 12.36
CA ALA A 8 -3.42 3.45 11.90
C ALA A 8 -4.36 3.68 13.09
N LYS A 9 -5.10 4.78 13.00
CA LYS A 9 -6.05 5.13 14.05
C LYS A 9 -7.37 4.41 13.80
N ASN A 10 -7.33 3.45 12.88
CA ASN A 10 -8.52 2.69 12.54
C ASN A 10 -8.12 1.24 12.26
N GLY A 11 -6.97 0.86 12.79
CA GLY A 11 -6.47 -0.49 12.60
C GLY A 11 -5.22 -0.50 11.72
N ASP A 12 -4.21 -1.23 12.17
CA ASP A 12 -2.97 -1.33 11.43
C ASP A 12 -3.27 -1.69 9.98
N VAL A 13 -2.41 -1.21 9.09
CA VAL A 13 -2.57 -1.47 7.66
C VAL A 13 -1.36 -2.25 7.16
N LYS A 14 -1.51 -3.57 7.17
CA LYS A 14 -0.43 -4.45 6.72
C LYS A 14 -0.22 -4.25 5.21
N PHE A 15 1.04 -4.27 4.82
CA PHE A 15 1.38 -4.09 3.42
C PHE A 15 2.60 -4.93 3.04
N PRO A 16 2.33 -6.00 2.27
CA PRO A 16 3.33 -6.94 1.80
C PRO A 16 4.32 -6.21 0.90
N HIS A 17 5.44 -5.78 1.46
CA HIS A 17 6.45 -5.08 0.68
C HIS A 17 7.18 -6.07 -0.23
N LYS A 18 7.77 -7.08 0.40
CA LYS A 18 8.50 -8.09 -0.34
C LYS A 18 7.55 -8.76 -1.33
N ALA A 19 6.33 -9.01 -0.88
CA ALA A 19 5.33 -9.65 -1.72
C ALA A 19 5.06 -8.76 -2.93
N HIS A 20 4.78 -7.50 -2.65
CA HIS A 20 4.50 -6.53 -3.71
C HIS A 20 5.74 -6.35 -4.58
N GLN A 21 6.86 -6.83 -4.07
CA GLN A 21 8.12 -6.74 -4.79
C GLN A 21 8.25 -7.88 -5.80
N LYS A 22 7.38 -8.86 -5.63
CA LYS A 22 7.39 -10.02 -6.52
C LYS A 22 6.19 -9.95 -7.45
N ALA A 23 5.18 -9.21 -7.02
CA ALA A 23 3.98 -9.04 -7.82
C ALA A 23 4.18 -7.91 -8.82
N VAL A 24 4.73 -6.81 -8.32
CA VAL A 24 4.97 -5.65 -9.16
C VAL A 24 6.47 -5.56 -9.46
N PRO A 25 6.77 -5.22 -10.72
CA PRO A 25 8.12 -5.07 -11.22
C PRO A 25 8.66 -3.69 -10.87
N ASP A 26 8.56 -2.76 -11.82
CA ASP A 26 9.04 -1.41 -11.58
C ASP A 26 8.57 -0.94 -10.20
N CYS A 27 9.52 -0.42 -9.43
CA CYS A 27 9.23 0.07 -8.10
C CYS A 27 8.90 1.55 -8.19
N LYS A 28 9.35 2.16 -9.28
CA LYS A 28 9.11 3.58 -9.50
C LYS A 28 7.61 3.87 -9.33
N LYS A 29 6.82 2.82 -9.50
CA LYS A 29 5.38 2.95 -9.37
C LYS A 29 5.03 3.32 -7.93
N CYS A 30 5.92 2.94 -7.02
CA CYS A 30 5.73 3.24 -5.62
C CYS A 30 6.81 4.20 -5.17
N HIS A 31 8.01 3.99 -5.70
CA HIS A 31 9.14 4.83 -5.36
C HIS A 31 9.53 5.68 -6.57
N GLU A 32 8.71 6.68 -6.86
CA GLU A 32 8.95 7.57 -7.97
C GLU A 32 10.25 8.34 -7.77
N LYS A 33 10.49 8.70 -6.52
CA LYS A 33 11.68 9.45 -6.17
C LYS A 33 12.73 8.49 -5.59
N GLY A 34 12.82 7.33 -6.21
CA GLY A 34 13.78 6.32 -5.78
C GLY A 34 13.30 5.64 -4.49
N PRO A 35 13.70 4.38 -4.34
CA PRO A 35 13.37 3.54 -3.21
C PRO A 35 13.60 4.32 -1.92
N GLY A 36 12.67 4.20 -0.98
CA GLY A 36 12.80 4.90 0.29
C GLY A 36 11.42 5.28 0.85
N LYS A 37 11.42 6.29 1.70
CA LYS A 37 10.19 6.74 2.31
C LYS A 37 9.41 7.60 1.31
N ILE A 38 8.12 7.71 1.54
CA ILE A 38 7.26 8.49 0.66
C ILE A 38 6.69 9.68 1.44
N GLU A 39 7.43 10.78 1.41
CA GLU A 39 7.01 11.98 2.10
C GLU A 39 5.75 12.56 1.46
N GLY A 40 4.62 12.28 2.08
CA GLY A 40 3.35 12.76 1.58
C GLY A 40 2.30 11.63 1.56
N PHE A 41 2.77 10.43 1.83
CA PHE A 41 1.90 9.27 1.83
C PHE A 41 0.77 9.45 2.84
N GLY A 42 -0.21 8.55 2.77
CA GLY A 42 -1.35 8.60 3.66
C GLY A 42 -2.65 8.34 2.90
N LYS A 43 -3.75 8.35 3.65
CA LYS A 43 -5.06 8.12 3.05
C LYS A 43 -5.08 8.71 1.64
N GLU A 44 -4.43 9.86 1.49
CA GLU A 44 -4.37 10.51 0.20
C GLU A 44 -4.24 9.48 -0.92
N MET A 45 -3.03 8.98 -1.09
CA MET A 45 -2.76 7.99 -2.12
C MET A 45 -3.29 6.61 -1.70
N ALA A 46 -3.02 6.25 -0.46
CA ALA A 46 -3.47 4.98 0.07
C ALA A 46 -4.91 4.73 -0.37
N HIS A 47 -5.62 5.82 -0.60
CA HIS A 47 -7.02 5.74 -1.02
C HIS A 47 -7.11 5.95 -2.53
N GLY A 48 -6.61 7.10 -2.96
CA GLY A 48 -6.63 7.44 -4.38
C GLY A 48 -5.86 6.41 -5.20
N LYS A 49 -5.16 6.90 -6.21
CA LYS A 49 -4.38 6.04 -7.07
C LYS A 49 -3.06 5.69 -6.38
N GLY A 50 -3.18 5.18 -5.17
CA GLY A 50 -2.01 4.80 -4.40
C GLY A 50 -1.94 3.29 -4.21
N CYS A 51 -2.94 2.76 -3.52
CA CYS A 51 -3.01 1.33 -3.27
C CYS A 51 -4.31 0.80 -3.86
N LYS A 52 -5.40 1.46 -3.51
CA LYS A 52 -6.70 1.06 -4.01
C LYS A 52 -6.74 1.23 -5.53
N GLY A 53 -5.90 2.12 -6.01
CA GLY A 53 -5.83 2.39 -7.44
C GLY A 53 -5.27 1.17 -8.19
N CYS A 54 -4.22 0.61 -7.64
CA CYS A 54 -3.59 -0.55 -8.24
C CYS A 54 -4.24 -1.81 -7.68
N HIS A 55 -5.45 -1.63 -7.17
CA HIS A 55 -6.20 -2.74 -6.59
C HIS A 55 -7.51 -2.91 -7.36
N GLU A 56 -8.40 -1.93 -7.18
CA GLU A 56 -9.69 -1.98 -7.85
C GLU A 56 -9.52 -2.24 -9.34
N GLU A 57 -8.57 -1.51 -9.92
CA GLU A 57 -8.29 -1.66 -11.34
C GLU A 57 -8.31 -3.13 -11.75
N MET A 58 -7.69 -3.95 -10.91
CA MET A 58 -7.64 -5.38 -11.16
C MET A 58 -8.74 -6.12 -10.40
N LYS A 59 -9.31 -5.43 -9.41
CA LYS A 59 -10.36 -6.00 -8.60
C LYS A 59 -9.79 -7.11 -7.73
N LYS A 60 -8.69 -6.80 -7.06
CA LYS A 60 -8.03 -7.76 -6.19
C LYS A 60 -7.24 -7.01 -5.11
N GLY A 61 -7.47 -7.40 -3.88
CA GLY A 61 -6.79 -6.78 -2.75
C GLY A 61 -7.79 -6.09 -1.82
N PRO A 62 -7.25 -5.55 -0.72
CA PRO A 62 -8.01 -4.86 0.31
C PRO A 62 -8.63 -3.61 -0.29
N THR A 63 -9.89 -3.71 -0.70
CA THR A 63 -10.58 -2.56 -1.27
C THR A 63 -11.58 -1.97 -0.28
N LYS A 64 -11.87 -2.76 0.75
CA LYS A 64 -12.80 -2.33 1.78
C LYS A 64 -12.02 -1.73 2.95
N CYS A 65 -12.74 -1.01 3.79
CA CYS A 65 -12.13 -0.38 4.96
C CYS A 65 -11.97 -1.43 6.05
N GLY A 66 -12.53 -2.61 5.79
CA GLY A 66 -12.46 -3.71 6.73
C GLY A 66 -11.31 -4.65 6.39
N GLU A 67 -10.60 -4.30 5.33
CA GLU A 67 -9.48 -5.11 4.88
C GLU A 67 -8.15 -4.44 5.27
N CYS A 68 -8.09 -3.15 5.02
CA CYS A 68 -6.89 -2.38 5.34
C CYS A 68 -6.98 -1.93 6.80
N HIS A 69 -8.09 -1.29 7.12
CA HIS A 69 -8.31 -0.80 8.47
C HIS A 69 -9.00 -1.89 9.30
N LYS A 70 -8.19 -2.80 9.81
CA LYS A 70 -8.69 -3.89 10.62
C LYS A 70 -7.52 -4.72 11.14
N LYS A 71 -7.05 -4.33 12.32
CA LYS A 71 -5.94 -5.03 12.95
C LYS A 71 -6.09 -6.54 12.72
CHA HEM B . 9.31 1.68 1.87
CHB HEM B . 12.79 -0.12 -1.01
CHC HEM B . 9.42 -1.71 -4.15
CHD HEM B . 5.94 0.55 -1.46
C1A HEM B . 10.54 1.29 1.36
C2A HEM B . 11.79 1.50 2.04
C3A HEM B . 12.77 1.01 1.24
C4A HEM B . 12.12 0.49 0.06
CMA HEM B . 14.25 0.97 1.49
CAA HEM B . 11.96 2.15 3.38
CBA HEM B . 13.24 2.96 3.54
CGA HEM B . 14.22 2.26 4.48
O1A HEM B . 15.43 2.34 4.19
O2A HEM B . 13.73 1.67 5.46
C1B HEM B . 12.16 -0.64 -2.15
C2B HEM B . 12.86 -1.06 -3.34
C3B HEM B . 11.93 -1.50 -4.21
C4B HEM B . 10.64 -1.36 -3.56
CMB HEM B . 14.35 -0.99 -3.53
CAB HEM B . 12.14 -2.04 -5.59
CBB HEM B . 13.39 -1.52 -6.28
C1C HEM B . 8.11 -1.21 -3.67
C2C HEM B . 6.88 -1.27 -4.42
C3C HEM B . 5.94 -0.63 -3.69
C4C HEM B . 6.59 -0.17 -2.49
CMC HEM B . 6.73 -1.93 -5.75
CAC HEM B . 4.50 -0.41 -4.03
CBC HEM B . 3.86 -1.58 -4.78
C1D HEM B . 6.57 1.06 -0.33
C2D HEM B . 5.90 1.81 0.71
C3D HEM B . 6.84 2.13 1.63
C4D HEM B . 8.09 1.57 1.18
CMD HEM B . 4.45 2.16 0.71
CAD HEM B . 6.65 2.91 2.90
CBD HEM B . 7.16 4.35 2.82
CGD HEM B . 6.26 5.28 3.61
O1D HEM B . 5.84 6.30 3.03
O2D HEM B . 6.00 4.96 4.79
NA HEM B . 10.75 0.66 0.15
NB HEM B . 10.81 -0.83 -2.29
NC HEM B . 7.92 -0.53 -2.48
ND HEM B . 7.92 0.91 -0.02
FE HEM B . 9.26 -0.04 -1.18
CHA HEM C . -2.72 -7.32 -3.09
CHB HEM C . -1.82 -3.73 0.07
CHC HEM C . -0.04 -0.98 -3.52
CHD HEM C . -1.12 -4.52 -6.73
C1A HEM C . -2.56 -6.60 -1.92
C2A HEM C . -2.79 -7.14 -0.60
C3A HEM C . -2.54 -6.15 0.28
C4A HEM C . -2.16 -4.98 -0.48
CMA HEM C . -2.63 -6.20 1.79
CAA HEM C . -3.22 -8.55 -0.30
CBA HEM C . -2.48 -9.60 -1.11
CGA HEM C . -1.87 -10.67 -0.20
O1A HEM C . -2.47 -11.76 -0.13
O2A HEM C . -0.82 -10.36 0.42
C1B HEM C . -1.28 -2.68 -0.63
C2B HEM C . -0.91 -1.41 -0.05
C3B HEM C . -0.41 -0.64 -1.05
C4B HEM C . -0.47 -1.42 -2.26
CMB HEM C . -1.06 -1.05 1.40
CAB HEM C . 0.10 0.77 -0.96
CBB HEM C . 0.99 1.02 0.26
C1C HEM C . -0.20 -1.72 -4.72
C2C HEM C . 0.19 -1.24 -6.04
C3C HEM C . -0.10 -2.21 -6.92
C4C HEM C . -0.68 -3.30 -6.17
CMC HEM C . 0.81 0.10 -6.31
CAC HEM C . 0.11 -2.21 -8.41
CBC HEM C . 1.35 -1.44 -8.85
C1D HEM C . -1.66 -5.58 -6.01
C2D HEM C . -2.14 -6.80 -6.60
C3D HEM C . -2.59 -7.58 -5.60
C4D HEM C . -2.39 -6.84 -4.37
CMD HEM C . -2.13 -7.11 -8.07
CAD HEM C . -3.18 -8.95 -5.69
CBD HEM C . -2.28 -10.06 -5.15
CGD HEM C . -2.04 -11.13 -6.20
O1D HEM C . -1.12 -10.93 -7.02
O2D HEM C . -2.80 -12.14 -6.17
NA HEM C . -2.18 -5.28 -1.83
NB HEM C . -1.00 -2.68 -2.00
NC HEM C . -0.74 -2.99 -4.82
ND HEM C . -1.81 -5.62 -4.64
FE HEM C . -1.37 -4.17 -3.45
CHA HEM D . -5.69 6.52 6.39
CHB HEM D . -10.53 6.07 6.12
CHC HEM D . -10.02 2.31 3.05
CHD HEM D . -5.13 2.48 3.73
C1A HEM D . -7.05 6.71 6.57
C2A HEM D . -7.62 7.75 7.40
C3A HEM D . -8.97 7.63 7.33
C4A HEM D . -9.25 6.52 6.46
CMA HEM D . -10.01 8.46 8.02
CAA HEM D . -6.83 8.76 8.19
CBA HEM D . -6.29 8.23 9.51
CGA HEM D . -5.53 9.31 10.26
O1A HEM D . -6.05 9.74 11.31
O2A HEM D . -4.43 9.67 9.78
C1B HEM D . -10.81 5.03 5.23
C2B HEM D . -12.12 4.65 4.80
C3B HEM D . -11.99 3.61 3.95
C4B HEM D . -10.57 3.33 3.85
CMB HEM D . -13.39 5.33 5.24
CAB HEM D . -13.07 2.86 3.23
CBB HEM D . -14.08 3.75 2.51
C1C HEM D . -8.56 2.05 2.89
C2C HEM D . -8.00 0.87 2.28
C3C HEM D . -6.67 0.90 2.52
C4C HEM D . -6.40 2.09 3.29
CMC HEM D . -8.78 -0.16 1.52
CAC HEM D . -5.64 -0.10 2.09
CBC HEM D . -5.70 -0.46 0.60
C1D HEM D . -4.88 3.58 4.54
C2D HEM D . -3.57 3.94 5.05
C3D HEM D . -3.72 5.06 5.78
C4D HEM D . -5.12 5.41 5.74
CMD HEM D . -2.31 3.17 4.78
CAD HEM D . -2.67 5.83 6.53
CBD HEM D . -2.42 5.34 7.94
CGD HEM D . -3.36 6.04 8.93
O1D HEM D . -4.29 5.36 9.40
O2D HEM D . -3.11 7.24 9.20
NA HEM D . -8.06 5.97 5.99
NB HEM D . -9.86 4.21 4.64
NC HEM D . -7.57 2.78 3.51
ND HEM D . -5.82 4.49 4.98
FE HEM D . -7.75 4.34 4.68
N ALA A 1 11.77 -8.93 10.01
CA ALA A 1 10.78 -9.32 9.01
C ALA A 1 10.94 -8.44 7.77
N ASP A 2 10.15 -8.75 6.76
CA ASP A 2 10.19 -7.99 5.52
C ASP A 2 8.90 -7.19 5.37
N ASP A 3 7.86 -7.67 6.04
CA ASP A 3 6.57 -7.01 5.98
C ASP A 3 6.71 -5.58 6.50
N ILE A 4 5.58 -4.89 6.58
CA ILE A 4 5.56 -3.51 7.04
C ILE A 4 4.18 -3.19 7.60
N VAL A 5 4.18 -2.55 8.77
CA VAL A 5 2.93 -2.18 9.42
C VAL A 5 2.87 -0.65 9.55
N PHE A 6 1.75 -0.09 9.16
CA PHE A 6 1.55 1.34 9.24
C PHE A 6 0.48 1.69 10.28
N LYS A 7 0.94 2.21 11.41
CA LYS A 7 0.04 2.60 12.47
C LYS A 7 -1.14 3.38 11.89
N ALA A 8 -2.34 2.97 12.28
CA ALA A 8 -3.55 3.62 11.80
C ALA A 8 -4.48 3.90 12.99
N LYS A 9 -5.26 4.95 12.85
CA LYS A 9 -6.20 5.32 13.90
C LYS A 9 -7.50 4.54 13.72
N ASN A 10 -7.44 3.54 12.86
CA ASN A 10 -8.60 2.71 12.58
C ASN A 10 -8.15 1.28 12.29
N GLY A 11 -6.98 0.94 12.80
CA GLY A 11 -6.42 -0.38 12.61
C GLY A 11 -5.18 -0.33 11.71
N ASP A 12 -4.14 -1.02 12.15
CA ASP A 12 -2.88 -1.06 11.41
C ASP A 12 -3.17 -1.51 9.97
N VAL A 13 -2.38 -0.97 9.05
CA VAL A 13 -2.53 -1.30 7.65
C VAL A 13 -1.30 -2.08 7.18
N LYS A 14 -1.46 -3.40 7.14
CA LYS A 14 -0.36 -4.26 6.72
C LYS A 14 -0.16 -4.10 5.21
N PHE A 15 1.09 -4.22 4.79
CA PHE A 15 1.43 -4.10 3.39
C PHE A 15 2.63 -4.98 3.04
N PRO A 16 2.35 -6.05 2.29
CA PRO A 16 3.33 -7.02 1.85
C PRO A 16 4.33 -6.33 0.94
N HIS A 17 5.35 -5.73 1.53
CA HIS A 17 6.37 -5.04 0.75
C HIS A 17 7.08 -6.05 -0.16
N LYS A 18 7.56 -7.12 0.44
CA LYS A 18 8.26 -8.16 -0.30
C LYS A 18 7.29 -8.80 -1.30
N ALA A 19 6.18 -9.30 -0.76
CA ALA A 19 5.18 -9.94 -1.59
C ALA A 19 4.90 -9.07 -2.81
N HIS A 20 4.72 -7.79 -2.56
CA HIS A 20 4.45 -6.84 -3.63
C HIS A 20 5.66 -6.74 -4.55
N GLN A 21 6.83 -6.96 -3.96
CA GLN A 21 8.07 -6.90 -4.71
C GLN A 21 8.15 -8.07 -5.69
N LYS A 22 7.27 -9.04 -5.48
CA LYS A 22 7.23 -10.22 -6.33
C LYS A 22 6.09 -10.09 -7.33
N ALA A 23 5.11 -9.29 -6.95
CA ALA A 23 3.94 -9.07 -7.81
C ALA A 23 4.19 -7.85 -8.70
N VAL A 24 4.62 -6.77 -8.06
CA VAL A 24 4.91 -5.54 -8.78
C VAL A 24 6.40 -5.49 -9.12
N PRO A 25 6.67 -5.33 -10.42
CA PRO A 25 8.00 -5.25 -10.97
C PRO A 25 8.60 -3.88 -10.65
N ASP A 26 8.49 -2.96 -11.59
CA ASP A 26 9.02 -1.62 -11.39
C ASP A 26 8.57 -1.08 -10.04
N CYS A 27 9.52 -0.57 -9.28
CA CYS A 27 9.24 -0.02 -7.96
C CYS A 27 8.89 1.46 -8.13
N LYS A 28 9.37 2.03 -9.22
CA LYS A 28 9.11 3.43 -9.50
C LYS A 28 7.63 3.72 -9.33
N LYS A 29 6.83 2.67 -9.47
CA LYS A 29 5.39 2.79 -9.33
C LYS A 29 5.06 3.29 -7.92
N CYS A 30 5.92 2.93 -6.98
CA CYS A 30 5.73 3.32 -5.60
C CYS A 30 6.88 4.26 -5.21
N HIS A 31 8.05 3.96 -5.73
CA HIS A 31 9.23 4.77 -5.44
C HIS A 31 9.63 5.56 -6.70
N GLU A 32 8.73 6.41 -7.13
CA GLU A 32 8.97 7.24 -8.31
C GLU A 32 10.22 8.09 -8.11
N LYS A 33 10.34 8.64 -6.90
CA LYS A 33 11.48 9.47 -6.58
C LYS A 33 12.57 8.61 -5.92
N GLY A 34 12.71 7.40 -6.44
CA GLY A 34 13.70 6.47 -5.92
C GLY A 34 13.24 5.84 -4.60
N PRO A 35 13.81 4.68 -4.31
CA PRO A 35 13.52 3.91 -3.11
C PRO A 35 13.62 4.81 -1.89
N GLY A 36 13.06 4.37 -0.77
CA GLY A 36 13.09 5.15 0.44
C GLY A 36 11.67 5.49 0.92
N LYS A 37 11.62 6.31 1.96
CA LYS A 37 10.33 6.71 2.52
C LYS A 37 9.58 7.56 1.48
N ILE A 38 8.28 7.69 1.72
CA ILE A 38 7.45 8.47 0.82
C ILE A 38 6.85 9.66 1.58
N GLU A 39 7.63 10.72 1.65
CA GLU A 39 7.19 11.93 2.35
C GLU A 39 5.97 12.53 1.66
N GLY A 40 4.82 12.25 2.23
CA GLY A 40 3.56 12.75 1.68
C GLY A 40 2.51 11.64 1.63
N PHE A 41 2.96 10.42 1.83
CA PHE A 41 2.07 9.27 1.82
C PHE A 41 0.92 9.45 2.83
N GLY A 42 -0.04 8.54 2.75
CA GLY A 42 -1.18 8.58 3.65
C GLY A 42 -2.48 8.33 2.88
N LYS A 43 -3.58 8.36 3.63
CA LYS A 43 -4.89 8.14 3.04
C LYS A 43 -4.90 8.70 1.62
N GLU A 44 -4.25 9.85 1.46
CA GLU A 44 -4.18 10.50 0.15
C GLU A 44 -4.05 9.45 -0.96
N MET A 45 -2.84 8.93 -1.09
CA MET A 45 -2.57 7.92 -2.11
C MET A 45 -3.12 6.55 -1.69
N ALA A 46 -2.90 6.24 -0.42
CA ALA A 46 -3.37 4.97 0.12
C ALA A 46 -4.81 4.74 -0.31
N HIS A 47 -5.50 5.84 -0.59
CA HIS A 47 -6.89 5.77 -1.01
C HIS A 47 -6.97 5.98 -2.52
N GLY A 48 -6.44 7.11 -2.95
CA GLY A 48 -6.44 7.44 -4.37
C GLY A 48 -5.73 6.37 -5.19
N LYS A 49 -5.03 6.83 -6.22
CA LYS A 49 -4.30 5.92 -7.09
C LYS A 49 -2.97 5.55 -6.43
N GLY A 50 -3.07 5.08 -5.20
CA GLY A 50 -1.89 4.68 -4.45
C GLY A 50 -1.87 3.17 -4.22
N CYS A 51 -2.86 2.70 -3.47
CA CYS A 51 -2.96 1.28 -3.17
C CYS A 51 -4.27 0.76 -3.77
N LYS A 52 -5.35 1.44 -3.44
CA LYS A 52 -6.66 1.06 -3.93
C LYS A 52 -6.69 1.21 -5.46
N GLY A 53 -5.80 2.07 -5.95
CA GLY A 53 -5.71 2.32 -7.38
C GLY A 53 -5.23 1.07 -8.13
N CYS A 54 -4.11 0.53 -7.66
CA CYS A 54 -3.54 -0.65 -8.27
C CYS A 54 -4.16 -1.88 -7.61
N HIS A 55 -5.39 -1.70 -7.13
CA HIS A 55 -6.11 -2.79 -6.48
C HIS A 55 -7.44 -3.03 -7.21
N GLU A 56 -8.32 -2.05 -7.10
CA GLU A 56 -9.62 -2.15 -7.72
C GLU A 56 -9.47 -2.43 -9.22
N GLU A 57 -8.59 -1.67 -9.84
CA GLU A 57 -8.33 -1.83 -11.27
C GLU A 57 -8.13 -3.30 -11.61
N MET A 58 -7.56 -4.02 -10.65
CA MET A 58 -7.31 -5.45 -10.84
C MET A 58 -8.41 -6.29 -10.19
N LYS A 59 -9.13 -5.66 -9.28
CA LYS A 59 -10.22 -6.33 -8.59
C LYS A 59 -9.63 -7.41 -7.67
N LYS A 60 -8.65 -7.00 -6.88
CA LYS A 60 -8.01 -7.91 -5.95
C LYS A 60 -7.22 -7.11 -4.90
N GLY A 61 -7.42 -7.48 -3.65
CA GLY A 61 -6.75 -6.80 -2.55
C GLY A 61 -7.76 -6.11 -1.64
N PRO A 62 -7.24 -5.52 -0.55
CA PRO A 62 -8.00 -4.81 0.44
C PRO A 62 -8.58 -3.53 -0.18
N THR A 63 -9.84 -3.59 -0.57
CA THR A 63 -10.48 -2.42 -1.17
C THR A 63 -11.50 -1.82 -0.20
N LYS A 64 -11.81 -2.58 0.84
CA LYS A 64 -12.76 -2.13 1.84
C LYS A 64 -12.01 -1.55 3.04
N CYS A 65 -12.74 -0.82 3.86
CA CYS A 65 -12.15 -0.20 5.04
C CYS A 65 -12.01 -1.27 6.13
N GLY A 66 -12.55 -2.44 5.84
CA GLY A 66 -12.50 -3.56 6.77
C GLY A 66 -11.40 -4.55 6.38
N GLU A 67 -10.66 -4.18 5.34
CA GLU A 67 -9.58 -5.02 4.86
C GLU A 67 -8.23 -4.40 5.19
N CYS A 68 -8.14 -3.10 4.98
CA CYS A 68 -6.92 -2.37 5.26
C CYS A 68 -6.93 -1.93 6.71
N HIS A 69 -8.00 -1.23 7.08
CA HIS A 69 -8.16 -0.75 8.45
C HIS A 69 -8.81 -1.84 9.30
N LYS A 70 -8.00 -2.79 9.73
CA LYS A 70 -8.49 -3.88 10.55
C LYS A 70 -7.30 -4.74 10.99
N LYS A 71 -6.71 -4.36 12.12
CA LYS A 71 -5.58 -5.08 12.67
C LYS A 71 -5.81 -6.58 12.50
CHA HEM B . 9.19 1.77 1.99
CHB HEM B . 12.74 -0.08 -0.78
CHC HEM B . 9.45 -1.66 -4.01
CHD HEM B . 5.92 0.64 -1.45
C1A HEM B . 10.43 1.38 1.52
C2A HEM B . 11.67 1.62 2.21
C3A HEM B . 12.67 1.11 1.45
C4A HEM B . 12.04 0.55 0.27
CMA HEM B . 14.14 1.10 1.73
CAA HEM B . 11.80 2.31 3.54
CBA HEM B . 12.66 1.56 4.55
CGA HEM B . 11.84 0.53 5.31
O1A HEM B . 10.74 0.89 5.75
O2A HEM B . 12.35 -0.61 5.44
C1B HEM B . 12.15 -0.60 -1.92
C2B HEM B . 12.88 -1.02 -3.09
C3B HEM B . 11.97 -1.46 -3.99
C4B HEM B . 10.67 -1.31 -3.39
CMB HEM B . 14.37 -0.97 -3.24
CAB HEM B . 12.22 -2.01 -5.37
CBB HEM B . 13.37 -1.32 -6.11
C1C HEM B . 8.16 -1.10 -3.60
C2C HEM B . 6.95 -1.18 -4.37
C3C HEM B . 5.99 -0.54 -3.68
C4C HEM B . 6.60 -0.07 -2.45
CMC HEM B . 6.83 -1.85 -5.71
CAC HEM B . 4.54 -0.35 -4.05
CBC HEM B . 3.93 -1.54 -4.77
C1D HEM B . 6.51 1.14 -0.29
C2D HEM B . 5.81 1.87 0.73
C3D HEM B . 6.71 2.18 1.69
C4D HEM B . 7.98 1.65 1.26
CMD HEM B . 4.34 2.19 0.71
CAD HEM B . 6.49 2.94 2.97
CBD HEM B . 7.11 4.33 2.98
CGD HEM B . 6.89 5.01 4.32
O1D HEM B . 5.69 5.16 4.69
O2D HEM B . 7.90 5.38 4.96
NA HEM B . 10.67 0.73 0.32
NB HEM B . 10.79 -0.78 -2.11
NC HEM B . 7.94 -0.42 -2.41
ND HEM B . 7.86 1.01 0.04
FE HEM B . 9.20 0.10 -1.04
CHA HEM C . -2.69 -7.38 -2.87
CHB HEM C . -1.79 -3.73 0.21
CHC HEM C . 0.00 -1.06 -3.46
CHD HEM C . -1.03 -4.69 -6.57
C1A HEM C . -2.56 -6.63 -1.72
C2A HEM C . -2.85 -7.11 -0.39
C3A HEM C . -2.60 -6.10 0.47
C4A HEM C . -2.15 -4.98 -0.32
CMA HEM C . -2.75 -6.10 1.96
CAA HEM C . -3.34 -8.50 -0.07
CBA HEM C . -2.59 -9.60 -0.79
CGA HEM C . -1.92 -10.55 0.19
O1A HEM C . -0.81 -11.01 -0.12
O2A HEM C . -2.55 -10.80 1.25
C1B HEM C . -1.24 -2.69 -0.53
C2B HEM C . -0.88 -1.39 0.02
C3B HEM C . -0.39 -0.65 -0.99
C4B HEM C . -0.43 -1.48 -2.19
CMB HEM C . -1.06 -0.99 1.46
CAB HEM C . 0.11 0.76 -0.95
CBB HEM C . 1.01 1.05 0.25
C1C HEM C . -0.18 -1.82 -4.64
C2C HEM C . 0.21 -1.36 -5.95
C3C HEM C . -0.07 -2.36 -6.81
C4C HEM C . -0.62 -3.45 -6.03
CMC HEM C . 0.79 -0.02 -6.26
CAC HEM C . 0.14 -2.39 -8.30
CBC HEM C . 1.24 -1.46 -8.79
C1D HEM C . -1.56 -5.73 -5.82
C2D HEM C . -1.95 -7.01 -6.38
C3D HEM C . -2.41 -7.76 -5.36
C4D HEM C . -2.31 -6.96 -4.16
CMD HEM C . -1.85 -7.38 -7.82
CAD HEM C . -2.95 -9.16 -5.40
CBD HEM C . -2.06 -10.18 -4.70
CGD HEM C . -1.56 -11.24 -5.68
O1D HEM C . -2.00 -12.40 -5.54
O2D HEM C . -0.74 -10.86 -6.54
NA HEM C . -2.12 -5.31 -1.66
NB HEM C . -0.96 -2.72 -1.89
NC HEM C . -0.67 -3.10 -4.70
ND HEM C . -1.79 -5.71 -4.46
FE HEM C . -1.32 -4.25 -3.30
CHA HEM D . -5.52 6.56 6.36
CHB HEM D . -10.37 6.15 6.15
CHC HEM D . -9.92 2.38 3.09
CHD HEM D . -5.03 2.50 3.72
C1A HEM D . -6.88 6.77 6.56
C2A HEM D . -7.42 7.81 7.39
C3A HEM D . -8.78 7.71 7.33
C4A HEM D . -9.07 6.59 6.46
CMA HEM D . -9.80 8.55 8.02
CAA HEM D . -6.62 8.82 8.16
CBA HEM D . -6.13 8.32 9.52
CGA HEM D . -5.31 9.37 10.24
O1A HEM D . -4.47 9.99 9.56
O2A HEM D . -5.56 9.55 11.44
C1B HEM D . -10.65 5.11 5.26
C2B HEM D . -11.99 4.76 4.83
C3B HEM D . -11.87 3.71 3.99
C4B HEM D . -10.46 3.41 3.88
CMB HEM D . -13.24 5.45 5.28
CAB HEM D . -12.95 2.98 3.27
CBB HEM D . -13.91 3.89 2.49
C1C HEM D . -8.47 2.11 2.90
C2C HEM D . -7.92 0.94 2.28
C3C HEM D . -6.59 0.94 2.50
C4C HEM D . -6.31 2.13 3.28
CMC HEM D . -8.72 -0.08 1.51
CAC HEM D . -5.57 -0.06 2.07
CBC HEM D . -5.64 -0.41 0.57
C1D HEM D . -4.75 3.61 4.51
C2D HEM D . -3.43 3.97 4.98
C3D HEM D . -3.56 5.09 5.72
C4D HEM D . -4.97 5.44 5.71
CMD HEM D . -2.18 3.20 4.70
CAD HEM D . -2.49 5.87 6.42
CBD HEM D . -1.78 5.08 7.51
CGD HEM D . -0.30 5.42 7.55
O1D HEM D . 0.06 6.36 8.29
O2D HEM D . 0.46 4.73 6.82
NA HEM D . -7.89 6.02 5.99
NB HEM D . -9.72 4.28 4.67
NC HEM D . -7.47 2.84 3.52
ND HEM D . -5.69 4.53 4.96
FE HEM D . -7.62 4.39 4.68
N ALA A 1 12.25 -8.79 9.61
CA ALA A 1 11.00 -8.93 8.89
C ALA A 1 11.07 -8.16 7.57
N ASP A 2 10.27 -8.62 6.61
CA ASP A 2 10.25 -7.99 5.31
C ASP A 2 8.93 -7.21 5.15
N ASP A 3 7.93 -7.65 5.90
CA ASP A 3 6.63 -7.00 5.86
C ASP A 3 6.77 -5.56 6.35
N ILE A 4 5.62 -4.89 6.43
CA ILE A 4 5.60 -3.50 6.88
C ILE A 4 4.22 -3.19 7.44
N VAL A 5 4.23 -2.55 8.61
CA VAL A 5 2.99 -2.19 9.28
C VAL A 5 2.92 -0.67 9.41
N PHE A 6 1.74 -0.13 9.13
CA PHE A 6 1.53 1.31 9.22
C PHE A 6 0.47 1.64 10.28
N LYS A 7 0.93 2.19 11.38
CA LYS A 7 0.05 2.56 12.47
C LYS A 7 -1.15 3.34 11.90
N ALA A 8 -2.34 2.88 12.27
CA ALA A 8 -3.55 3.51 11.80
C ALA A 8 -4.49 3.76 13.00
N LYS A 9 -5.28 4.81 12.88
CA LYS A 9 -6.20 5.18 13.94
C LYS A 9 -7.51 4.39 13.75
N ASN A 10 -7.44 3.39 12.89
CA ASN A 10 -8.60 2.56 12.62
C ASN A 10 -8.14 1.13 12.32
N GLY A 11 -6.96 0.81 12.84
CA GLY A 11 -6.40 -0.53 12.64
C GLY A 11 -5.17 -0.46 11.75
N ASP A 12 -4.12 -1.16 12.18
CA ASP A 12 -2.89 -1.20 11.44
C ASP A 12 -3.17 -1.63 10.00
N VAL A 13 -2.40 -1.06 9.08
CA VAL A 13 -2.57 -1.38 7.67
C VAL A 13 -1.34 -2.16 7.18
N LYS A 14 -1.47 -3.48 7.20
CA LYS A 14 -0.39 -4.34 6.76
C LYS A 14 -0.19 -4.18 5.25
N PHE A 15 1.06 -4.28 4.84
CA PHE A 15 1.39 -4.16 3.43
C PHE A 15 2.61 -5.01 3.07
N PRO A 16 2.36 -6.06 2.29
CA PRO A 16 3.37 -6.99 1.83
C PRO A 16 4.36 -6.28 0.93
N HIS A 17 5.45 -5.80 1.51
CA HIS A 17 6.46 -5.10 0.74
C HIS A 17 7.14 -6.06 -0.22
N LYS A 18 7.64 -7.15 0.35
CA LYS A 18 8.33 -8.17 -0.44
C LYS A 18 7.33 -8.81 -1.41
N ALA A 19 6.25 -9.34 -0.84
CA ALA A 19 5.21 -9.97 -1.63
C ALA A 19 4.93 -9.11 -2.87
N HIS A 20 4.72 -7.84 -2.62
CA HIS A 20 4.43 -6.90 -3.70
C HIS A 20 5.63 -6.84 -4.66
N GLN A 21 6.82 -6.97 -4.08
CA GLN A 21 8.04 -6.93 -4.86
C GLN A 21 8.09 -8.12 -5.82
N LYS A 22 7.19 -9.06 -5.61
CA LYS A 22 7.11 -10.24 -6.45
C LYS A 22 5.94 -10.10 -7.42
N ALA A 23 4.96 -9.30 -7.01
CA ALA A 23 3.79 -9.08 -7.84
C ALA A 23 4.06 -7.93 -8.80
N VAL A 24 4.55 -6.83 -8.24
CA VAL A 24 4.86 -5.65 -9.03
C VAL A 24 6.37 -5.58 -9.25
N PRO A 25 6.74 -5.26 -10.50
CA PRO A 25 8.11 -5.14 -10.93
C PRO A 25 8.62 -3.73 -10.61
N ASP A 26 8.61 -2.86 -11.60
CA ASP A 26 9.08 -1.50 -11.39
C ASP A 26 8.60 -1.00 -10.02
N CYS A 27 9.55 -0.47 -9.26
CA CYS A 27 9.24 0.04 -7.94
C CYS A 27 8.89 1.52 -8.06
N LYS A 28 9.37 2.12 -9.15
CA LYS A 28 9.11 3.53 -9.40
C LYS A 28 7.61 3.80 -9.24
N LYS A 29 6.82 2.76 -9.39
CA LYS A 29 5.38 2.87 -9.26
C LYS A 29 5.05 3.33 -7.85
N CYS A 30 5.90 2.94 -6.91
CA CYS A 30 5.70 3.30 -5.51
C CYS A 30 6.82 4.25 -5.09
N HIS A 31 8.00 3.98 -5.64
CA HIS A 31 9.16 4.81 -5.33
C HIS A 31 9.58 5.60 -6.58
N GLU A 32 8.73 6.54 -6.96
CA GLU A 32 9.01 7.36 -8.13
C GLU A 32 10.32 8.11 -7.96
N LYS A 33 10.52 8.60 -6.74
CA LYS A 33 11.73 9.35 -6.43
C LYS A 33 12.77 8.40 -5.81
N GLY A 34 12.84 7.21 -6.39
CA GLY A 34 13.79 6.21 -5.92
C GLY A 34 13.30 5.58 -4.61
N PRO A 35 13.68 4.31 -4.41
CA PRO A 35 13.33 3.53 -3.25
C PRO A 35 13.55 4.36 -2.00
N GLY A 36 12.85 4.00 -0.92
CA GLY A 36 12.98 4.73 0.32
C GLY A 36 11.61 5.07 0.91
N LYS A 37 11.59 6.11 1.72
CA LYS A 37 10.36 6.55 2.35
C LYS A 37 9.58 7.43 1.37
N ILE A 38 8.30 7.61 1.67
CA ILE A 38 7.44 8.43 0.83
C ILE A 38 7.00 9.67 1.61
N GLU A 39 7.64 10.78 1.31
CA GLU A 39 7.32 12.03 1.97
C GLU A 39 6.06 12.66 1.36
N GLY A 40 5.02 11.84 1.27
CA GLY A 40 3.76 12.29 0.72
C GLY A 40 2.74 11.15 0.70
N PHE A 41 2.82 10.31 1.71
CA PHE A 41 1.90 9.18 1.81
C PHE A 41 0.75 9.50 2.77
N GLY A 42 -0.24 8.62 2.77
CA GLY A 42 -1.40 8.79 3.63
C GLY A 42 -2.69 8.44 2.89
N LYS A 43 -3.77 8.39 3.64
CA LYS A 43 -5.07 8.07 3.07
C LYS A 43 -5.13 8.59 1.64
N GLU A 44 -4.61 9.80 1.45
CA GLU A 44 -4.59 10.42 0.14
C GLU A 44 -4.36 9.36 -0.94
N MET A 45 -3.11 8.94 -1.06
CA MET A 45 -2.75 7.94 -2.05
C MET A 45 -3.26 6.56 -1.64
N ALA A 46 -3.03 6.22 -0.38
CA ALA A 46 -3.46 4.93 0.14
C ALA A 46 -4.90 4.67 -0.30
N HIS A 47 -5.63 5.75 -0.55
CA HIS A 47 -7.00 5.66 -0.98
C HIS A 47 -7.10 5.87 -2.49
N GLY A 48 -6.61 7.03 -2.92
CA GLY A 48 -6.62 7.36 -4.33
C GLY A 48 -5.86 6.33 -5.16
N LYS A 49 -5.21 6.81 -6.20
CA LYS A 49 -4.45 5.93 -7.08
C LYS A 49 -3.11 5.59 -6.41
N GLY A 50 -3.20 5.09 -5.20
CA GLY A 50 -2.02 4.72 -4.44
C GLY A 50 -1.96 3.21 -4.22
N CYS A 51 -2.92 2.71 -3.48
CA CYS A 51 -2.99 1.28 -3.19
C CYS A 51 -4.29 0.74 -3.79
N LYS A 52 -5.39 1.37 -3.43
CA LYS A 52 -6.69 0.97 -3.92
C LYS A 52 -6.72 1.10 -5.44
N GLY A 53 -5.90 2.01 -5.95
CA GLY A 53 -5.83 2.25 -7.38
C GLY A 53 -5.23 1.04 -8.10
N CYS A 54 -4.18 0.49 -7.51
CA CYS A 54 -3.52 -0.67 -8.09
C CYS A 54 -4.18 -1.93 -7.54
N HIS A 55 -5.38 -1.74 -7.03
CA HIS A 55 -6.14 -2.86 -6.46
C HIS A 55 -7.45 -3.02 -7.22
N GLU A 56 -8.34 -2.06 -7.04
CA GLU A 56 -9.63 -2.09 -7.70
C GLU A 56 -9.45 -2.32 -9.20
N GLU A 57 -8.52 -1.57 -9.77
CA GLU A 57 -8.24 -1.68 -11.19
C GLU A 57 -8.00 -3.16 -11.57
N MET A 58 -7.41 -3.88 -10.64
CA MET A 58 -7.12 -5.29 -10.87
C MET A 58 -8.20 -6.18 -10.24
N LYS A 59 -8.99 -5.57 -9.37
CA LYS A 59 -10.06 -6.29 -8.69
C LYS A 59 -9.45 -7.39 -7.81
N LYS A 60 -8.49 -6.98 -6.99
CA LYS A 60 -7.82 -7.90 -6.10
C LYS A 60 -7.06 -7.12 -5.03
N GLY A 61 -7.27 -7.52 -3.77
CA GLY A 61 -6.62 -6.87 -2.66
C GLY A 61 -7.65 -6.20 -1.74
N PRO A 62 -7.13 -5.63 -0.65
CA PRO A 62 -7.91 -4.94 0.36
C PRO A 62 -8.54 -3.69 -0.25
N THR A 63 -9.80 -3.79 -0.63
CA THR A 63 -10.50 -2.66 -1.22
C THR A 63 -11.56 -2.11 -0.26
N LYS A 64 -11.68 -2.80 0.87
CA LYS A 64 -12.66 -2.40 1.88
C LYS A 64 -11.92 -1.79 3.08
N CYS A 65 -12.68 -1.11 3.92
CA CYS A 65 -12.12 -0.47 5.10
C CYS A 65 -11.95 -1.54 6.18
N GLY A 66 -12.50 -2.71 5.90
CA GLY A 66 -12.41 -3.82 6.83
C GLY A 66 -11.29 -4.79 6.44
N GLU A 67 -10.57 -4.41 5.40
CA GLU A 67 -9.47 -5.23 4.92
C GLU A 67 -8.13 -4.56 5.25
N CYS A 68 -8.07 -3.26 5.01
CA CYS A 68 -6.86 -2.50 5.28
C CYS A 68 -6.89 -2.06 6.74
N HIS A 69 -7.98 -1.41 7.11
CA HIS A 69 -8.14 -0.93 8.47
C HIS A 69 -8.77 -2.03 9.33
N LYS A 70 -7.92 -2.95 9.77
CA LYS A 70 -8.37 -4.05 10.59
C LYS A 70 -7.16 -4.79 11.18
N LYS A 71 -6.50 -4.12 12.12
CA LYS A 71 -5.33 -4.70 12.75
C LYS A 71 -5.57 -6.19 12.99
CHA HEM B . 9.17 1.72 2.03
CHB HEM B . 12.73 -0.01 -0.82
CHC HEM B . 9.42 -1.66 -3.99
CHD HEM B . 5.88 0.58 -1.38
C1A HEM B . 10.43 1.35 1.54
C2A HEM B . 11.67 1.57 2.23
C3A HEM B . 12.65 1.09 1.45
C4A HEM B . 12.03 0.58 0.26
CMA HEM B . 14.13 1.08 1.72
CAA HEM B . 11.79 2.22 3.59
CBA HEM B . 12.91 3.24 3.69
CGA HEM B . 13.78 2.98 4.92
O1A HEM B . 13.25 3.17 6.03
O2A HEM B . 14.96 2.62 4.72
C1B HEM B . 12.13 -0.55 -1.95
C2B HEM B . 12.85 -0.97 -3.13
C3B HEM B . 11.94 -1.43 -4.01
C4B HEM B . 10.64 -1.29 -3.39
CMB HEM B . 14.34 -0.89 -3.29
CAB HEM B . 12.17 -1.98 -5.38
CBB HEM B . 13.42 -1.41 -6.07
C1C HEM B . 8.11 -1.17 -3.54
C2C HEM B . 6.89 -1.23 -4.32
C3C HEM B . 5.94 -0.59 -3.61
C4C HEM B . 6.55 -0.14 -2.39
CMC HEM B . 6.76 -1.89 -5.66
CAC HEM B . 4.50 -0.38 -3.98
CBC HEM B . 3.86 -1.57 -4.70
C1D HEM B . 6.49 1.08 -0.22
C2D HEM B . 5.79 1.82 0.80
C3D HEM B . 6.70 2.14 1.75
C4D HEM B . 7.97 1.60 1.32
CMD HEM B . 4.33 2.16 0.77
CAD HEM B . 6.49 2.91 3.01
CBD HEM B . 7.13 4.29 3.02
CGD HEM B . 6.88 5.00 4.35
O1D HEM B . 5.69 5.20 4.67
O2D HEM B . 7.88 5.33 5.00
NA HEM B . 10.66 0.74 0.31
NB HEM B . 10.78 -0.75 -2.12
NC HEM B . 7.89 -0.49 -2.36
ND HEM B . 7.83 0.95 0.09
FE HEM B . 9.17 0.04 -1.00
CHA HEM C . -2.60 -7.38 -2.94
CHB HEM C . -1.76 -3.76 0.20
CHC HEM C . 0.00 -1.02 -3.43
CHD HEM C . -1.09 -4.57 -6.61
C1A HEM C . -2.48 -6.64 -1.78
C2A HEM C . -2.74 -7.16 -0.45
C3A HEM C . -2.51 -6.15 0.43
C4A HEM C . -2.09 -5.01 -0.35
CMA HEM C . -2.65 -6.18 1.92
CAA HEM C . -3.20 -8.56 -0.14
CBA HEM C . -2.40 -9.63 -0.88
CGA HEM C . -1.81 -10.63 0.10
O1A HEM C . -1.15 -10.17 1.06
O2A HEM C . -2.03 -11.84 -0.12
C1B HEM C . -1.23 -2.69 -0.53
C2B HEM C . -0.89 -1.41 0.04
C3B HEM C . -0.40 -0.65 -0.97
C4B HEM C . -0.43 -1.46 -2.16
CMB HEM C . -1.07 -1.03 1.49
CAB HEM C . 0.08 0.77 -0.89
CBB HEM C . 1.02 1.04 0.27
C1C HEM C . -0.08 -1.80 -4.62
C2C HEM C . 0.30 -1.32 -5.94
C3C HEM C . -0.03 -2.29 -6.81
C4C HEM C . -0.62 -3.37 -6.05
CMC HEM C . 0.94 0.01 -6.22
CAC HEM C . 0.16 -2.29 -8.30
CBC HEM C . 1.48 -1.67 -8.76
C1D HEM C . -1.62 -5.62 -5.88
C2D HEM C . -2.13 -6.85 -6.47
C3D HEM C . -2.55 -7.63 -5.45
C4D HEM C . -2.30 -6.90 -4.22
CMD HEM C . -2.16 -7.15 -7.93
CAD HEM C . -3.16 -9.00 -5.52
CBD HEM C . -2.24 -10.12 -5.03
CGD HEM C . -1.88 -11.08 -6.15
O1D HEM C . -1.59 -10.57 -7.26
O2D HEM C . -1.93 -12.30 -5.89
NA HEM C . -2.07 -5.31 -1.70
NB HEM C . -0.94 -2.71 -1.88
NC HEM C . -0.64 -3.06 -4.71
ND HEM C . -1.73 -5.68 -4.50
FE HEM C . -1.27 -4.21 -3.33
CHA HEM D . -5.69 6.43 6.40
CHB HEM D . -10.53 5.91 6.18
CHC HEM D . -10.00 2.17 3.11
CHD HEM D . -5.10 2.38 3.74
C1A HEM D . -7.05 6.61 6.59
C2A HEM D . -7.63 7.65 7.41
C3A HEM D . -8.96 7.51 7.35
C4A HEM D . -9.24 6.38 6.50
CMA HEM D . -10.02 8.34 8.04
CAA HEM D . -6.84 8.68 8.17
CBA HEM D . -6.37 8.21 9.55
CGA HEM D . -5.58 9.29 10.27
O1A HEM D . -4.38 9.07 10.47
O2A HEM D . -6.20 10.33 10.58
C1B HEM D . -10.79 4.87 5.30
C2B HEM D . -12.12 4.48 4.88
C3B HEM D . -11.98 3.44 4.03
C4B HEM D . -10.56 3.17 3.91
CMB HEM D . -13.39 5.13 5.34
CAB HEM D . -13.05 2.67 3.32
CBB HEM D . -14.04 3.55 2.56
C1C HEM D . -8.54 1.93 2.92
C2C HEM D . -7.97 0.76 2.29
C3C HEM D . -6.64 0.81 2.51
C4C HEM D . -6.38 1.99 3.30
CMC HEM D . -8.73 -0.27 1.52
CAC HEM D . -5.59 -0.17 2.07
CBC HEM D . -5.66 -0.53 0.59
C1D HEM D . -4.86 3.51 4.55
C2D HEM D . -3.55 3.88 5.03
C3D HEM D . -3.71 5.00 5.77
C4D HEM D . -5.12 5.33 5.74
CMD HEM D . -2.28 3.13 4.75
CAD HEM D . -2.66 5.79 6.49
CBD HEM D . -2.39 5.30 7.92
CGD HEM D . -2.89 6.30 8.94
O1D HEM D . -2.42 7.47 8.87
O2D HEM D . -3.75 5.91 9.76
NA HEM D . -8.06 5.84 6.02
NB HEM D . -9.84 4.07 4.70
NC HEM D . -7.55 2.67 3.54
ND HEM D . -5.81 4.39 4.98
FE HEM D . -7.74 4.22 4.70
N ALA A 1 11.56 -7.49 9.34
CA ALA A 1 11.78 -8.71 8.58
C ALA A 1 11.69 -8.40 7.09
N ASP A 2 10.51 -7.93 6.68
CA ASP A 2 10.29 -7.60 5.29
C ASP A 2 8.96 -6.85 5.16
N ASP A 3 7.98 -7.34 5.89
CA ASP A 3 6.66 -6.74 5.87
C ASP A 3 6.75 -5.28 6.34
N ILE A 4 5.60 -4.64 6.42
CA ILE A 4 5.55 -3.24 6.85
C ILE A 4 4.16 -2.95 7.43
N VAL A 5 4.16 -2.33 8.59
CA VAL A 5 2.92 -1.98 9.26
C VAL A 5 2.83 -0.46 9.41
N PHE A 6 1.64 0.05 9.10
CA PHE A 6 1.41 1.48 9.20
C PHE A 6 0.35 1.80 10.25
N LYS A 7 0.82 2.20 11.42
CA LYS A 7 -0.07 2.53 12.52
C LYS A 7 -1.27 3.32 11.97
N ALA A 8 -2.46 2.88 12.38
CA ALA A 8 -3.68 3.53 11.93
C ALA A 8 -4.60 3.73 13.14
N LYS A 9 -5.43 4.75 13.05
CA LYS A 9 -6.36 5.07 14.12
C LYS A 9 -7.65 4.27 13.90
N ASN A 10 -7.57 3.29 13.02
CA ASN A 10 -8.72 2.46 12.72
C ASN A 10 -8.24 1.04 12.36
N GLY A 11 -7.04 0.72 12.84
CA GLY A 11 -6.46 -0.58 12.59
C GLY A 11 -5.21 -0.46 11.71
N ASP A 12 -4.17 -1.16 12.13
CA ASP A 12 -2.92 -1.14 11.40
C ASP A 12 -3.16 -1.63 9.97
N VAL A 13 -2.47 -1.00 9.03
CA VAL A 13 -2.61 -1.37 7.63
C VAL A 13 -1.36 -2.12 7.19
N LYS A 14 -1.49 -3.43 7.09
CA LYS A 14 -0.39 -4.28 6.69
C LYS A 14 -0.19 -4.16 5.17
N PHE A 15 1.07 -4.17 4.77
CA PHE A 15 1.41 -4.06 3.36
C PHE A 15 2.63 -4.93 3.02
N PRO A 16 2.36 -6.03 2.31
CA PRO A 16 3.37 -6.98 1.87
C PRO A 16 4.35 -6.29 0.94
N HIS A 17 5.44 -5.80 1.49
CA HIS A 17 6.45 -5.12 0.68
C HIS A 17 7.15 -6.14 -0.22
N LYS A 18 7.72 -7.15 0.42
CA LYS A 18 8.43 -8.20 -0.30
C LYS A 18 7.47 -8.85 -1.30
N ALA A 19 6.27 -9.15 -0.81
CA ALA A 19 5.27 -9.79 -1.65
C ALA A 19 4.99 -8.90 -2.86
N HIS A 20 4.75 -7.63 -2.57
CA HIS A 20 4.47 -6.67 -3.63
C HIS A 20 5.70 -6.49 -4.51
N GLN A 21 6.84 -6.91 -3.97
CA GLN A 21 8.09 -6.81 -4.69
C GLN A 21 8.24 -7.97 -5.69
N LYS A 22 7.36 -8.95 -5.53
CA LYS A 22 7.37 -10.11 -6.40
C LYS A 22 6.19 -10.04 -7.37
N ALA A 23 5.18 -9.27 -6.96
CA ALA A 23 4.00 -9.11 -7.78
C ALA A 23 4.19 -7.92 -8.72
N VAL A 24 4.62 -6.81 -8.14
CA VAL A 24 4.85 -5.60 -8.92
C VAL A 24 6.34 -5.49 -9.26
N PRO A 25 6.61 -5.28 -10.55
CA PRO A 25 7.95 -5.15 -11.10
C PRO A 25 8.46 -3.74 -10.83
N ASP A 26 8.32 -2.86 -11.81
CA ASP A 26 8.79 -1.49 -11.66
C ASP A 26 8.36 -0.96 -10.30
N CYS A 27 9.36 -0.58 -9.51
CA CYS A 27 9.10 -0.05 -8.19
C CYS A 27 8.77 1.44 -8.31
N LYS A 28 9.23 2.02 -9.41
CA LYS A 28 9.00 3.43 -9.66
C LYS A 28 7.51 3.74 -9.44
N LYS A 29 6.70 2.71 -9.58
CA LYS A 29 5.26 2.85 -9.40
C LYS A 29 4.98 3.34 -7.99
N CYS A 30 5.82 2.92 -7.06
CA CYS A 30 5.67 3.30 -5.67
C CYS A 30 6.85 4.21 -5.30
N HIS A 31 7.99 3.92 -5.90
CA HIS A 31 9.19 4.71 -5.64
C HIS A 31 9.59 5.47 -6.90
N GLU A 32 8.69 6.35 -7.33
CA GLU A 32 8.94 7.15 -8.51
C GLU A 32 10.20 7.99 -8.34
N LYS A 33 10.35 8.53 -7.14
CA LYS A 33 11.51 9.35 -6.82
C LYS A 33 12.61 8.47 -6.23
N GLY A 34 12.68 7.25 -6.72
CA GLY A 34 13.68 6.31 -6.25
C GLY A 34 13.25 5.67 -4.92
N PRO A 35 13.90 4.56 -4.59
CA PRO A 35 13.66 3.79 -3.38
C PRO A 35 13.75 4.71 -2.18
N GLY A 36 13.19 4.29 -1.05
CA GLY A 36 13.22 5.09 0.15
C GLY A 36 11.81 5.34 0.68
N LYS A 37 11.71 6.33 1.56
CA LYS A 37 10.42 6.68 2.14
C LYS A 37 9.65 7.56 1.16
N ILE A 38 8.36 7.73 1.45
CA ILE A 38 7.50 8.52 0.60
C ILE A 38 6.94 9.69 1.40
N GLU A 39 7.63 10.82 1.33
CA GLU A 39 7.21 12.01 2.04
C GLU A 39 5.95 12.59 1.40
N GLY A 40 4.84 12.35 2.07
CA GLY A 40 3.56 12.86 1.58
C GLY A 40 2.50 11.75 1.59
N PHE A 41 2.96 10.51 1.62
CA PHE A 41 2.08 9.37 1.64
C PHE A 41 0.98 9.55 2.69
N GLY A 42 -0.10 8.79 2.52
CA GLY A 42 -1.21 8.85 3.44
C GLY A 42 -2.52 8.48 2.73
N LYS A 43 -3.58 8.38 3.54
CA LYS A 43 -4.89 8.04 3.00
C LYS A 43 -5.01 8.58 1.58
N GLU A 44 -4.53 9.81 1.40
CA GLU A 44 -4.59 10.44 0.09
C GLU A 44 -4.34 9.43 -1.01
N MET A 45 -3.10 8.94 -1.06
CA MET A 45 -2.71 7.96 -2.05
C MET A 45 -3.22 6.56 -1.68
N ALA A 46 -2.99 6.21 -0.43
CA ALA A 46 -3.42 4.91 0.07
C ALA A 46 -4.87 4.66 -0.34
N HIS A 47 -5.58 5.76 -0.57
CA HIS A 47 -6.98 5.67 -0.97
C HIS A 47 -7.10 5.89 -2.49
N GLY A 48 -6.55 7.00 -2.93
CA GLY A 48 -6.58 7.33 -4.35
C GLY A 48 -5.91 6.25 -5.18
N LYS A 49 -5.17 6.69 -6.20
CA LYS A 49 -4.48 5.76 -7.08
C LYS A 49 -3.14 5.37 -6.45
N GLY A 50 -3.21 4.98 -5.18
CA GLY A 50 -2.03 4.58 -4.45
C GLY A 50 -2.00 3.06 -4.23
N CYS A 51 -2.99 2.59 -3.49
CA CYS A 51 -3.09 1.17 -3.20
C CYS A 51 -4.41 0.65 -3.79
N LYS A 52 -5.49 1.30 -3.40
CA LYS A 52 -6.81 0.92 -3.89
C LYS A 52 -6.85 1.09 -5.40
N GLY A 53 -5.96 1.92 -5.90
CA GLY A 53 -5.89 2.17 -7.33
C GLY A 53 -5.42 0.92 -8.09
N CYS A 54 -4.27 0.42 -7.68
CA CYS A 54 -3.71 -0.77 -8.30
C CYS A 54 -4.31 -2.00 -7.62
N HIS A 55 -5.53 -1.84 -7.13
CA HIS A 55 -6.22 -2.92 -6.45
C HIS A 55 -7.55 -3.20 -7.15
N GLU A 56 -8.45 -2.24 -7.04
CA GLU A 56 -9.76 -2.36 -7.67
C GLU A 56 -9.62 -2.70 -9.15
N GLU A 57 -8.73 -1.97 -9.81
CA GLU A 57 -8.49 -2.18 -11.22
C GLU A 57 -8.20 -3.66 -11.50
N MET A 58 -7.65 -4.32 -10.49
CA MET A 58 -7.32 -5.73 -10.61
C MET A 58 -8.40 -6.60 -9.96
N LYS A 59 -9.26 -5.95 -9.19
CA LYS A 59 -10.33 -6.64 -8.51
C LYS A 59 -9.74 -7.71 -7.58
N LYS A 60 -8.79 -7.27 -6.75
CA LYS A 60 -8.14 -8.17 -5.81
C LYS A 60 -7.33 -7.35 -4.80
N GLY A 61 -7.55 -7.66 -3.54
CA GLY A 61 -6.86 -6.97 -2.47
C GLY A 61 -7.85 -6.25 -1.54
N PRO A 62 -7.30 -5.68 -0.46
CA PRO A 62 -8.05 -4.96 0.54
C PRO A 62 -8.63 -3.70 -0.07
N THR A 63 -9.89 -3.76 -0.48
CA THR A 63 -10.55 -2.62 -1.08
C THR A 63 -11.56 -2.01 -0.10
N LYS A 64 -11.83 -2.76 0.95
CA LYS A 64 -12.76 -2.31 1.98
C LYS A 64 -11.99 -1.73 3.16
N CYS A 65 -12.72 -0.98 3.99
CA CYS A 65 -12.11 -0.36 5.16
C CYS A 65 -11.96 -1.43 6.25
N GLY A 66 -12.50 -2.61 5.95
CA GLY A 66 -12.42 -3.72 6.89
C GLY A 66 -11.32 -4.70 6.50
N GLU A 67 -10.60 -4.34 5.45
CA GLU A 67 -9.51 -5.17 4.97
C GLU A 67 -8.16 -4.53 5.29
N CYS A 68 -8.09 -3.22 5.05
CA CYS A 68 -6.87 -2.47 5.30
C CYS A 68 -6.88 -2.02 6.77
N HIS A 69 -7.98 -1.37 7.14
CA HIS A 69 -8.12 -0.89 8.50
C HIS A 69 -8.77 -1.97 9.37
N LYS A 70 -7.96 -2.95 9.72
CA LYS A 70 -8.43 -4.05 10.55
C LYS A 70 -7.23 -4.79 11.16
N LYS A 71 -6.67 -4.17 12.19
CA LYS A 71 -5.53 -4.74 12.88
C LYS A 71 -5.80 -6.22 13.15
CHA HEM B . 9.25 1.72 1.78
CHB HEM B . 12.71 -0.16 -1.08
CHC HEM B . 9.32 -1.74 -4.19
CHD HEM B . 5.87 0.61 -1.54
C1A HEM B . 10.48 1.32 1.28
C2A HEM B . 11.74 1.51 1.96
C3A HEM B . 12.70 0.99 1.17
C4A HEM B . 12.05 0.47 -0.01
CMA HEM B . 14.18 0.93 1.42
CAA HEM B . 11.91 2.17 3.30
CBA HEM B . 12.54 3.55 3.23
CGA HEM B . 12.97 4.02 4.61
O1A HEM B . 14.19 3.94 4.89
O2A HEM B . 12.07 4.46 5.37
C1B HEM B . 12.07 -0.68 -2.21
C2B HEM B . 12.76 -1.10 -3.40
C3B HEM B . 11.83 -1.55 -4.26
C4B HEM B . 10.55 -1.40 -3.62
CMB HEM B . 14.25 -1.06 -3.60
CAB HEM B . 12.03 -2.10 -5.65
CBB HEM B . 13.25 -1.52 -6.37
C1C HEM B . 8.03 -1.19 -3.74
C2C HEM B . 6.80 -1.23 -4.49
C3C HEM B . 5.87 -0.58 -3.76
C4C HEM B . 6.51 -0.12 -2.56
CMC HEM B . 6.64 -1.90 -5.83
CAC HEM B . 4.42 -0.35 -4.12
CBC HEM B . 3.76 -1.52 -4.84
C1D HEM B . 6.50 1.12 -0.41
C2D HEM B . 5.85 1.88 0.61
C3D HEM B . 6.78 2.19 1.54
C4D HEM B . 8.02 1.62 1.09
CMD HEM B . 4.39 2.24 0.62
CAD HEM B . 6.60 2.97 2.81
CBD HEM B . 7.23 4.36 2.78
CGD HEM B . 7.03 5.09 4.09
O1D HEM B . 6.88 6.33 4.03
O2D HEM B . 7.03 4.40 5.13
NA HEM B . 10.68 0.67 0.07
NB HEM B . 10.71 -0.86 -2.34
NC HEM B . 7.84 -0.50 -2.55
ND HEM B . 7.85 0.95 -0.11
FE HEM B . 9.14 0.02 -1.23
CHA HEM C . -2.75 -7.48 -2.85
CHB HEM C . -1.83 -3.79 0.20
CHC HEM C . -0.21 -1.11 -3.53
CHD HEM C . -1.13 -4.81 -6.58
C1A HEM C . -2.59 -6.71 -1.69
C2A HEM C . -2.84 -7.20 -0.35
C3A HEM C . -2.60 -6.17 0.49
C4A HEM C . -2.18 -5.05 -0.32
CMA HEM C . -2.70 -6.17 1.99
CAA HEM C . -3.31 -8.58 -0.02
CBA HEM C . -2.54 -9.69 -0.74
CGA HEM C . -1.80 -10.59 0.24
O1A HEM C . -2.48 -11.42 0.86
O2A HEM C . -0.56 -10.42 0.34
C1B HEM C . -1.30 -2.74 -0.56
C2B HEM C . -0.91 -1.46 -0.02
C3B HEM C . -0.47 -0.72 -1.05
C4B HEM C . -0.58 -1.53 -2.24
CMB HEM C . -1.00 -1.08 1.42
CAB HEM C . 0.06 0.68 -1.02
CBB HEM C . 0.93 0.99 0.20
C1C HEM C . -0.31 -1.91 -4.69
C2C HEM C . 0.04 -1.45 -6.02
C3C HEM C . -0.23 -2.48 -6.86
C4C HEM C . -0.73 -3.57 -6.06
CMC HEM C . 0.59 -0.11 -6.35
CAC HEM C . -0.03 -2.51 -8.35
CBC HEM C . 1.02 -1.55 -8.88
C1D HEM C . -1.66 -5.86 -5.81
C2D HEM C . -2.09 -7.12 -6.36
C3D HEM C . -2.53 -7.86 -5.33
C4D HEM C . -2.40 -7.06 -4.13
CMD HEM C . -2.03 -7.50 -7.81
CAD HEM C . -3.09 -9.26 -5.36
CBD HEM C . -2.21 -10.29 -4.66
CGD HEM C . -1.48 -11.16 -5.68
O1D HEM C . -0.48 -10.66 -6.24
O2D HEM C . -1.93 -12.30 -5.88
NA HEM C . -2.19 -5.39 -1.65
NB HEM C . -1.09 -2.78 -1.93
NC HEM C . -0.78 -3.21 -4.73
ND HEM C . -1.86 -5.83 -4.45
FE HEM C . -1.40 -4.36 -3.31
CHA HEM D . -5.51 6.41 6.40
CHB HEM D . -10.36 6.01 6.26
CHC HEM D . -9.96 2.27 3.15
CHD HEM D . -5.05 2.38 3.70
C1A HEM D . -6.87 6.62 6.62
C2A HEM D . -7.41 7.63 7.50
C3A HEM D . -8.75 7.52 7.46
C4A HEM D . -9.06 6.43 6.56
CMA HEM D . -9.77 8.34 8.20
CAA HEM D . -6.58 8.61 8.28
CBA HEM D . -6.08 8.07 9.62
CGA HEM D . -5.27 9.12 10.37
O1A HEM D . -4.04 9.17 10.11
O2A HEM D . -5.88 9.84 11.18
C1B HEM D . -10.66 4.97 5.37
C2B HEM D . -12.01 4.62 4.96
C3B HEM D . -11.89 3.59 4.10
C4B HEM D . -10.49 3.29 3.97
CMB HEM D . -13.25 5.30 5.44
CAB HEM D . -13.00 2.84 3.40
CBB HEM D . -13.98 3.75 2.67
C1C HEM D . -8.51 1.99 2.97
C2C HEM D . -7.98 0.81 2.32
C3C HEM D . -6.64 0.83 2.53
C4C HEM D . -6.35 2.01 3.29
CMC HEM D . -8.78 -0.22 1.57
CAC HEM D . -5.63 -0.18 2.06
CBC HEM D . -5.74 -0.54 0.58
C1D HEM D . -4.77 3.49 4.51
C2D HEM D . -3.45 3.85 4.96
C3D HEM D . -3.57 4.96 5.70
C4D HEM D . -4.98 5.31 5.72
CMD HEM D . -2.19 3.08 4.63
CAD HEM D . -2.49 5.74 6.40
CBD HEM D . -1.97 5.08 7.68
CGD HEM D . -0.49 5.31 7.86
O1D HEM D . 0.25 5.03 6.89
O2D HEM D . -0.12 5.78 8.96
NA HEM D . -7.90 5.89 6.06
NB HEM D . -9.74 4.15 4.75
NC HEM D . -7.51 2.71 3.56
ND HEM D . -5.70 4.39 4.98
FE HEM D . -7.64 4.25 4.73
N ALA A 1 11.47 -9.13 9.48
CA ALA A 1 10.11 -8.64 9.29
C ALA A 1 10.04 -7.85 7.99
N ASP A 2 10.31 -8.55 6.89
CA ASP A 2 10.28 -7.93 5.58
C ASP A 2 8.96 -7.16 5.42
N ASP A 3 7.99 -7.55 6.21
CA ASP A 3 6.68 -6.92 6.17
C ASP A 3 6.82 -5.45 6.58
N ILE A 4 5.69 -4.78 6.63
CA ILE A 4 5.67 -3.37 7.02
C ILE A 4 4.29 -3.01 7.56
N VAL A 5 4.28 -2.41 8.74
CA VAL A 5 3.04 -2.00 9.37
C VAL A 5 2.99 -0.48 9.47
N PHE A 6 1.79 0.06 9.28
CA PHE A 6 1.60 1.49 9.34
C PHE A 6 0.54 1.85 10.38
N LYS A 7 1.00 2.33 11.52
CA LYS A 7 0.12 2.71 12.60
C LYS A 7 -1.05 3.51 12.03
N ALA A 8 -2.25 3.04 12.34
CA ALA A 8 -3.46 3.70 11.86
C ALA A 8 -4.38 3.98 13.05
N LYS A 9 -5.19 5.03 12.90
CA LYS A 9 -6.12 5.41 13.94
C LYS A 9 -7.42 4.64 13.77
N ASN A 10 -7.36 3.60 12.95
CA ASN A 10 -8.52 2.77 12.69
C ASN A 10 -8.07 1.34 12.41
N GLY A 11 -6.90 1.00 12.93
CA GLY A 11 -6.35 -0.32 12.75
C GLY A 11 -5.10 -0.28 11.87
N ASP A 12 -4.07 -0.99 12.31
CA ASP A 12 -2.82 -1.03 11.58
C ASP A 12 -3.08 -1.50 10.14
N VAL A 13 -2.34 -0.92 9.22
CA VAL A 13 -2.48 -1.27 7.82
C VAL A 13 -1.25 -2.05 7.36
N LYS A 14 -1.45 -3.35 7.19
CA LYS A 14 -0.36 -4.22 6.75
C LYS A 14 -0.15 -4.05 5.25
N PHE A 15 1.10 -4.15 4.85
CA PHE A 15 1.46 -4.00 3.45
C PHE A 15 2.67 -4.88 3.10
N PRO A 16 2.39 -5.97 2.37
CA PRO A 16 3.39 -6.92 1.93
C PRO A 16 4.38 -6.24 1.01
N HIS A 17 5.48 -5.78 1.58
CA HIS A 17 6.51 -5.10 0.79
C HIS A 17 7.20 -6.12 -0.12
N LYS A 18 7.76 -7.13 0.51
CA LYS A 18 8.46 -8.18 -0.23
C LYS A 18 7.50 -8.83 -1.23
N ALA A 19 6.30 -9.11 -0.74
CA ALA A 19 5.29 -9.73 -1.58
C ALA A 19 5.01 -8.83 -2.79
N HIS A 20 4.82 -7.55 -2.50
CA HIS A 20 4.54 -6.58 -3.55
C HIS A 20 5.79 -6.42 -4.43
N GLN A 21 6.90 -6.91 -3.92
CA GLN A 21 8.16 -6.83 -4.64
C GLN A 21 8.29 -7.99 -5.63
N LYS A 22 7.40 -8.96 -5.47
CA LYS A 22 7.41 -10.12 -6.32
C LYS A 22 6.21 -10.04 -7.29
N ALA A 23 5.21 -9.29 -6.87
CA ALA A 23 4.01 -9.13 -7.67
C ALA A 23 4.22 -7.98 -8.66
N VAL A 24 4.71 -6.87 -8.13
CA VAL A 24 4.96 -5.69 -8.96
C VAL A 24 6.46 -5.63 -9.30
N PRO A 25 6.73 -5.31 -10.56
CA PRO A 25 8.07 -5.19 -11.10
C PRO A 25 8.63 -3.81 -10.77
N ASP A 26 8.55 -2.89 -11.72
CA ASP A 26 9.06 -1.55 -11.51
C ASP A 26 8.61 -1.05 -10.15
N CYS A 27 9.58 -0.57 -9.38
CA CYS A 27 9.30 -0.06 -8.05
C CYS A 27 8.97 1.43 -8.16
N LYS A 28 9.44 2.02 -9.25
CA LYS A 28 9.21 3.44 -9.50
C LYS A 28 7.72 3.74 -9.29
N LYS A 29 6.91 2.70 -9.43
CA LYS A 29 5.47 2.85 -9.27
C LYS A 29 5.16 3.31 -7.84
N CYS A 30 6.00 2.86 -6.92
CA CYS A 30 5.83 3.21 -5.52
C CYS A 30 6.99 4.14 -5.12
N HIS A 31 8.14 3.90 -5.73
CA HIS A 31 9.32 4.69 -5.44
C HIS A 31 9.72 5.48 -6.70
N GLU A 32 8.79 6.29 -7.17
CA GLU A 32 9.04 7.10 -8.35
C GLU A 32 10.31 7.93 -8.18
N LYS A 33 10.46 8.49 -6.98
CA LYS A 33 11.62 9.30 -6.67
C LYS A 33 12.71 8.41 -6.07
N GLY A 34 12.83 7.21 -6.63
CA GLY A 34 13.83 6.27 -6.16
C GLY A 34 13.41 5.63 -4.84
N PRO A 35 14.01 4.47 -4.54
CA PRO A 35 13.77 3.71 -3.34
C PRO A 35 13.89 4.62 -2.12
N GLY A 36 13.25 4.23 -1.03
CA GLY A 36 13.30 5.02 0.19
C GLY A 36 11.89 5.31 0.71
N LYS A 37 11.81 6.27 1.62
CA LYS A 37 10.54 6.65 2.20
C LYS A 37 9.77 7.52 1.20
N ILE A 38 8.47 7.66 1.47
CA ILE A 38 7.61 8.44 0.60
C ILE A 38 7.10 9.66 1.38
N GLU A 39 7.76 10.78 1.15
CA GLU A 39 7.38 12.01 1.82
C GLU A 39 6.13 12.61 1.17
N GLY A 40 5.01 12.42 1.84
CA GLY A 40 3.73 12.92 1.34
C GLY A 40 2.65 11.83 1.39
N PHE A 41 3.11 10.60 1.59
CA PHE A 41 2.20 9.47 1.66
C PHE A 41 1.09 9.72 2.68
N GLY A 42 0.00 8.98 2.52
CA GLY A 42 -1.13 9.11 3.41
C GLY A 42 -2.44 8.72 2.72
N LYS A 43 -3.48 8.58 3.51
CA LYS A 43 -4.79 8.20 2.99
C LYS A 43 -4.93 8.76 1.57
N GLU A 44 -4.50 10.01 1.42
CA GLU A 44 -4.58 10.67 0.13
C GLU A 44 -4.32 9.67 -1.00
N MET A 45 -3.12 9.11 -0.98
CA MET A 45 -2.74 8.14 -1.99
C MET A 45 -3.22 6.74 -1.62
N ALA A 46 -3.00 6.40 -0.35
CA ALA A 46 -3.41 5.09 0.15
C ALA A 46 -4.85 4.81 -0.27
N HIS A 47 -5.57 5.90 -0.53
CA HIS A 47 -6.96 5.78 -0.94
C HIS A 47 -7.08 5.99 -2.45
N GLY A 48 -6.52 7.11 -2.90
CA GLY A 48 -6.55 7.45 -4.32
C GLY A 48 -5.87 6.35 -5.15
N LYS A 49 -5.11 6.81 -6.14
CA LYS A 49 -4.40 5.89 -7.00
C LYS A 49 -3.07 5.50 -6.37
N GLY A 50 -3.15 5.12 -5.10
CA GLY A 50 -1.97 4.72 -4.35
C GLY A 50 -1.92 3.21 -4.14
N CYS A 51 -2.91 2.72 -3.41
CA CYS A 51 -3.00 1.29 -3.13
C CYS A 51 -4.30 0.77 -3.74
N LYS A 52 -5.40 1.40 -3.36
CA LYS A 52 -6.71 1.01 -3.86
C LYS A 52 -6.73 1.18 -5.38
N GLY A 53 -5.84 2.02 -5.87
CA GLY A 53 -5.74 2.27 -7.30
C GLY A 53 -5.25 1.04 -8.04
N CYS A 54 -4.13 0.50 -7.56
CA CYS A 54 -3.54 -0.67 -8.18
C CYS A 54 -4.17 -1.91 -7.54
N HIS A 55 -5.39 -1.73 -7.05
CA HIS A 55 -6.11 -2.82 -6.41
C HIS A 55 -7.43 -3.05 -7.15
N GLU A 56 -8.33 -2.09 -7.01
CA GLU A 56 -9.62 -2.17 -7.66
C GLU A 56 -9.47 -2.45 -9.15
N GLU A 57 -8.56 -1.69 -9.76
CA GLU A 57 -8.29 -1.85 -11.18
C GLU A 57 -8.30 -3.33 -11.57
N MET A 58 -7.67 -4.13 -10.72
CA MET A 58 -7.60 -5.56 -10.96
C MET A 58 -8.69 -6.30 -10.19
N LYS A 59 -9.23 -5.62 -9.20
CA LYS A 59 -10.28 -6.19 -8.38
C LYS A 59 -9.69 -7.29 -7.50
N LYS A 60 -8.61 -6.93 -6.80
CA LYS A 60 -7.94 -7.87 -5.92
C LYS A 60 -7.15 -7.09 -4.86
N GLY A 61 -7.40 -7.45 -3.61
CA GLY A 61 -6.71 -6.80 -2.50
C GLY A 61 -7.71 -6.10 -1.57
N PRO A 62 -7.18 -5.55 -0.49
CA PRO A 62 -7.94 -4.83 0.52
C PRO A 62 -8.58 -3.59 -0.09
N THR A 63 -9.82 -3.71 -0.53
CA THR A 63 -10.51 -2.59 -1.14
C THR A 63 -11.55 -2.02 -0.17
N LYS A 64 -11.66 -2.68 0.98
CA LYS A 64 -12.62 -2.25 1.99
C LYS A 64 -11.86 -1.63 3.17
N CYS A 65 -12.60 -0.91 3.99
CA CYS A 65 -12.01 -0.26 5.15
C CYS A 65 -11.86 -1.31 6.27
N GLY A 66 -12.40 -2.48 6.00
CA GLY A 66 -12.35 -3.57 6.97
C GLY A 66 -11.22 -4.54 6.62
N GLU A 67 -10.49 -4.21 5.56
CA GLU A 67 -9.39 -5.04 5.12
C GLU A 67 -8.06 -4.37 5.44
N CYS A 68 -7.99 -3.08 5.16
CA CYS A 68 -6.78 -2.31 5.42
C CYS A 68 -6.82 -1.85 6.88
N HIS A 69 -7.93 -1.22 7.24
CA HIS A 69 -8.10 -0.73 8.60
C HIS A 69 -8.75 -1.80 9.47
N LYS A 70 -7.93 -2.75 9.89
CA LYS A 70 -8.40 -3.84 10.72
C LYS A 70 -7.21 -4.60 11.29
N LYS A 71 -6.55 -3.98 12.26
CA LYS A 71 -5.40 -4.60 12.89
C LYS A 71 -5.67 -6.08 13.10
CHA HEM B . 9.38 1.68 1.91
CHB HEM B . 12.85 -0.18 -0.94
CHC HEM B . 9.47 -1.78 -4.06
CHD HEM B . 6.02 0.56 -1.42
C1A HEM B . 10.62 1.28 1.41
C2A HEM B . 11.87 1.48 2.10
C3A HEM B . 12.83 0.97 1.30
C4A HEM B . 12.18 0.44 0.13
CMA HEM B . 14.31 0.93 1.56
CAA HEM B . 12.03 2.15 3.43
CBA HEM B . 13.23 3.09 3.52
CGA HEM B . 14.32 2.49 4.40
O1A HEM B . 13.94 1.84 5.40
O2A HEM B . 15.50 2.70 4.06
C1B HEM B . 12.23 -0.71 -2.07
C2B HEM B . 12.92 -1.14 -3.26
C3B HEM B . 11.98 -1.59 -4.12
C4B HEM B . 10.71 -1.44 -3.48
CMB HEM B . 14.40 -1.10 -3.45
CAB HEM B . 12.19 -2.15 -5.50
CBB HEM B . 13.42 -1.60 -6.21
C1C HEM B . 8.19 -1.25 -3.60
C2C HEM B . 6.95 -1.31 -4.35
C3C HEM B . 6.01 -0.66 -3.64
C4C HEM B . 6.65 -0.17 -2.43
CMC HEM B . 6.79 -2.00 -5.68
CAC HEM B . 4.57 -0.43 -3.98
CBC HEM B . 3.93 -1.59 -4.75
C1D HEM B . 6.65 1.06 -0.29
C2D HEM B . 5.97 1.80 0.75
C3D HEM B . 6.90 2.11 1.68
C4D HEM B . 8.16 1.56 1.22
CMD HEM B . 4.51 2.14 0.77
CAD HEM B . 6.72 2.87 2.96
CBD HEM B . 7.33 4.28 2.94
CGD HEM B . 7.14 4.96 4.28
O1D HEM B . 6.66 6.13 4.26
O2D HEM B . 7.48 4.33 5.31
NA HEM B . 10.82 0.64 0.20
NB HEM B . 10.86 -0.89 -2.21
NC HEM B . 7.99 -0.55 -2.42
ND HEM B . 7.99 0.92 0.01
FE HEM B . 9.30 -0.03 -1.10
CHA HEM C . -2.63 -7.36 -2.79
CHB HEM C . -1.75 -3.66 0.26
CHC HEM C . -0.01 -1.00 -3.44
CHD HEM C . -1.04 -4.66 -6.52
C1A HEM C . -2.48 -6.59 -1.64
C2A HEM C . -2.71 -7.08 -0.30
C3A HEM C . -2.47 -6.07 0.55
C4A HEM C . -2.09 -4.93 -0.25
CMA HEM C . -2.57 -6.06 2.04
CAA HEM C . -3.15 -8.48 0.04
CBA HEM C . -2.38 -9.56 -0.72
CGA HEM C . -1.88 -10.64 0.25
O1A HEM C . -2.71 -11.09 1.07
O2A HEM C . -0.69 -11.00 0.13
C1B HEM C . -1.21 -2.62 -0.49
C2B HEM C . -0.86 -1.34 0.05
C3B HEM C . -0.38 -0.59 -0.97
C4B HEM C . -0.43 -1.42 -2.16
CMB HEM C . -1.01 -0.93 1.49
CAB HEM C . 0.14 0.82 -0.93
CBB HEM C . 1.01 1.13 0.28
C1C HEM C . -0.16 -1.78 -4.61
C2C HEM C . 0.22 -1.35 -5.93
C3C HEM C . -0.06 -2.35 -6.78
C4C HEM C . -0.62 -3.44 -6.00
CMC HEM C . 0.81 0.00 -6.25
CAC HEM C . 0.14 -2.39 -8.27
CBC HEM C . 1.28 -1.51 -8.76
C1D HEM C . -1.57 -5.70 -5.76
C2D HEM C . -2.02 -6.96 -6.31
C3D HEM C . -2.46 -7.71 -5.28
C4D HEM C . -2.28 -6.93 -4.09
CMD HEM C . -1.98 -7.33 -7.77
CAD HEM C . -3.03 -9.10 -5.32
CBD HEM C . -2.13 -10.16 -4.70
CGD HEM C . -1.75 -11.23 -5.70
O1D HEM C . -0.64 -11.14 -6.26
O2D HEM C . -2.60 -12.14 -5.90
NA HEM C . -2.10 -5.26 -1.59
NB HEM C . -0.95 -2.66 -1.85
NC HEM C . -0.67 -3.07 -4.66
ND HEM C . -1.74 -5.70 -4.39
FE HEM C . -1.29 -4.22 -3.25
CHA HEM D . -5.51 6.57 6.45
CHB HEM D . -10.35 6.13 6.26
CHC HEM D . -9.91 2.37 3.19
CHD HEM D . -5.00 2.51 3.81
C1A HEM D . -6.87 6.78 6.65
C2A HEM D . -7.42 7.82 7.47
C3A HEM D . -8.76 7.71 7.43
C4A HEM D . -9.06 6.59 6.56
CMA HEM D . -9.79 8.55 8.11
CAA HEM D . -6.61 8.84 8.23
CBA HEM D . -5.91 8.27 9.46
CGA HEM D . -5.05 9.33 10.14
O1A HEM D . -5.45 10.50 10.08
O2A HEM D . -4.00 8.94 10.70
C1B HEM D . -10.64 5.10 5.37
C2B HEM D . -11.97 4.74 4.95
C3B HEM D . -11.86 3.70 4.10
C4B HEM D . -10.45 3.40 3.99
CMB HEM D . -13.24 5.42 5.40
CAB HEM D . -12.95 2.95 3.39
CBB HEM D . -13.96 3.86 2.69
C1C HEM D . -8.45 2.10 3.01
C2C HEM D . -7.91 0.93 2.38
C3C HEM D . -6.58 0.94 2.60
C4C HEM D . -6.30 2.13 3.37
CMC HEM D . -8.71 -0.09 1.63
CAC HEM D . -5.55 -0.05 2.14
CBC HEM D . -5.67 -0.44 0.67
C1D HEM D . -4.74 3.62 4.60
C2D HEM D . -3.42 3.98 5.07
C3D HEM D . -3.56 5.11 5.80
C4D HEM D . -4.96 5.46 5.79
CMD HEM D . -2.16 3.22 4.78
CAD HEM D . -2.49 5.88 6.52
CBD HEM D . -1.97 5.20 7.79
CGD HEM D . -0.68 5.86 8.26
O1D HEM D . 0.16 6.17 7.39
O2D HEM D . -0.55 6.02 9.50
NA HEM D . -7.89 6.02 6.09
NB HEM D . -9.71 4.27 4.78
NC HEM D . -7.45 2.83 3.62
ND HEM D . -5.68 4.53 5.05
FE HEM D . -7.60 4.39 4.77
N ALA A 1 10.80 -7.52 10.12
CA ALA A 1 10.53 -8.39 8.98
C ALA A 1 10.55 -7.55 7.70
N ASP A 2 10.34 -8.23 6.59
CA ASP A 2 10.33 -7.58 5.30
C ASP A 2 9.02 -6.82 5.12
N ASP A 3 8.01 -7.28 5.83
CA ASP A 3 6.69 -6.67 5.77
C ASP A 3 6.78 -5.23 6.27
N ILE A 4 5.62 -4.58 6.34
CA ILE A 4 5.57 -3.21 6.81
C ILE A 4 4.19 -2.94 7.43
N VAL A 5 4.21 -2.33 8.60
CA VAL A 5 2.98 -2.02 9.31
C VAL A 5 2.86 -0.50 9.47
N PHE A 6 1.66 0.00 9.22
CA PHE A 6 1.40 1.42 9.33
C PHE A 6 0.36 1.71 10.42
N LYS A 7 0.87 2.14 11.57
CA LYS A 7 0.01 2.45 12.69
C LYS A 7 -1.21 3.23 12.20
N ALA A 8 -2.38 2.73 12.55
CA ALA A 8 -3.62 3.39 12.14
C ALA A 8 -4.60 3.38 13.31
N LYS A 9 -5.39 4.44 13.39
CA LYS A 9 -6.37 4.57 14.45
C LYS A 9 -7.64 3.81 14.07
N ASN A 10 -7.53 3.03 13.00
CA ASN A 10 -8.66 2.25 12.52
C ASN A 10 -8.18 0.83 12.21
N GLY A 11 -7.01 0.50 12.72
CA GLY A 11 -6.44 -0.82 12.52
C GLY A 11 -5.18 -0.74 11.65
N ASP A 12 -4.15 -1.45 12.09
CA ASP A 12 -2.89 -1.47 11.36
C ASP A 12 -3.14 -1.89 9.92
N VAL A 13 -2.53 -1.15 9.01
CA VAL A 13 -2.68 -1.43 7.59
C VAL A 13 -1.45 -2.19 7.09
N LYS A 14 -1.51 -3.50 7.22
CA LYS A 14 -0.41 -4.36 6.79
C LYS A 14 -0.22 -4.20 5.28
N PHE A 15 1.04 -4.14 4.88
CA PHE A 15 1.38 -4.01 3.47
C PHE A 15 2.60 -4.85 3.11
N PRO A 16 2.33 -5.90 2.33
CA PRO A 16 3.34 -6.84 1.86
C PRO A 16 4.32 -6.12 0.95
N HIS A 17 5.42 -5.65 1.51
CA HIS A 17 6.42 -4.94 0.74
C HIS A 17 7.11 -5.92 -0.22
N LYS A 18 7.64 -6.99 0.36
CA LYS A 18 8.32 -8.00 -0.43
C LYS A 18 7.31 -8.68 -1.36
N ALA A 19 6.24 -9.16 -0.78
CA ALA A 19 5.20 -9.82 -1.54
C ALA A 19 4.87 -9.00 -2.78
N HIS A 20 4.74 -7.70 -2.57
CA HIS A 20 4.44 -6.78 -3.66
C HIS A 20 5.61 -6.72 -4.62
N GLN A 21 6.80 -6.92 -4.07
CA GLN A 21 8.01 -6.90 -4.87
C GLN A 21 8.04 -8.09 -5.82
N LYS A 22 7.16 -9.04 -5.57
CA LYS A 22 7.08 -10.22 -6.40
C LYS A 22 5.90 -10.09 -7.38
N ALA A 23 4.94 -9.27 -6.97
CA ALA A 23 3.76 -9.04 -7.80
C ALA A 23 4.02 -7.86 -8.74
N VAL A 24 4.52 -6.78 -8.15
CA VAL A 24 4.82 -5.59 -8.91
C VAL A 24 6.31 -5.56 -9.26
N PRO A 25 6.59 -5.21 -10.51
CA PRO A 25 7.93 -5.12 -11.06
C PRO A 25 8.52 -3.75 -10.72
N ASP A 26 8.48 -2.84 -11.68
CA ASP A 26 9.02 -1.51 -11.47
C ASP A 26 8.58 -1.00 -10.09
N CYS A 27 9.54 -0.48 -9.35
CA CYS A 27 9.27 0.05 -8.03
C CYS A 27 8.94 1.54 -8.16
N LYS A 28 9.42 2.12 -9.24
CA LYS A 28 9.19 3.53 -9.49
C LYS A 28 7.70 3.83 -9.30
N LYS A 29 6.89 2.80 -9.45
CA LYS A 29 5.45 2.94 -9.30
C LYS A 29 5.14 3.42 -7.88
N CYS A 30 5.98 2.99 -6.95
CA CYS A 30 5.81 3.36 -5.56
C CYS A 30 6.95 4.30 -5.17
N HIS A 31 8.12 4.03 -5.73
CA HIS A 31 9.30 4.84 -5.45
C HIS A 31 9.70 5.60 -6.71
N GLU A 32 8.78 6.43 -7.17
CA GLU A 32 9.03 7.24 -8.36
C GLU A 32 10.27 8.10 -8.17
N LYS A 33 10.39 8.65 -6.96
CA LYS A 33 11.53 9.49 -6.64
C LYS A 33 12.62 8.65 -5.97
N GLY A 34 12.80 7.45 -6.50
CA GLY A 34 13.79 6.54 -5.97
C GLY A 34 13.32 5.90 -4.67
N PRO A 35 13.95 4.77 -4.33
CA PRO A 35 13.65 4.00 -3.14
C PRO A 35 13.70 4.91 -1.93
N GLY A 36 12.97 4.54 -0.88
CA GLY A 36 12.93 5.33 0.33
C GLY A 36 11.49 5.67 0.72
N LYS A 37 11.36 6.38 1.84
CA LYS A 37 10.06 6.77 2.33
C LYS A 37 9.38 7.67 1.30
N ILE A 38 8.09 7.89 1.51
CA ILE A 38 7.31 8.72 0.60
C ILE A 38 6.70 9.88 1.39
N GLU A 39 7.52 10.90 1.62
CA GLU A 39 7.07 12.07 2.35
C GLU A 39 5.83 12.66 1.70
N GLY A 40 4.68 12.35 2.29
CA GLY A 40 3.41 12.84 1.76
C GLY A 40 2.35 11.74 1.74
N PHE A 41 2.84 10.51 1.80
CA PHE A 41 1.95 9.36 1.78
C PHE A 41 0.84 9.52 2.81
N GLY A 42 -0.12 8.61 2.75
CA GLY A 42 -1.26 8.64 3.67
C GLY A 42 -2.57 8.38 2.93
N LYS A 43 -3.65 8.36 3.69
CA LYS A 43 -4.97 8.12 3.13
C LYS A 43 -5.02 8.72 1.72
N GLU A 44 -4.41 9.88 1.57
CA GLU A 44 -4.38 10.55 0.29
C GLU A 44 -4.24 9.53 -0.85
N MET A 45 -3.03 9.03 -1.01
CA MET A 45 -2.75 8.06 -2.04
C MET A 45 -3.26 6.67 -1.64
N ALA A 46 -3.01 6.33 -0.39
CA ALA A 46 -3.43 5.04 0.14
C ALA A 46 -4.88 4.77 -0.29
N HIS A 47 -5.60 5.86 -0.53
CA HIS A 47 -6.98 5.76 -0.94
C HIS A 47 -7.09 5.97 -2.46
N GLY A 48 -6.60 7.12 -2.89
CA GLY A 48 -6.63 7.46 -4.30
C GLY A 48 -5.88 6.42 -5.13
N LYS A 49 -5.18 6.92 -6.15
CA LYS A 49 -4.42 6.05 -7.03
C LYS A 49 -3.08 5.72 -6.37
N GLY A 50 -3.17 5.23 -5.13
CA GLY A 50 -1.98 4.87 -4.38
C GLY A 50 -1.90 3.36 -4.17
N CYS A 51 -2.88 2.84 -3.46
CA CYS A 51 -2.94 1.42 -3.19
C CYS A 51 -4.23 0.86 -3.77
N LYS A 52 -5.33 1.49 -3.41
CA LYS A 52 -6.63 1.08 -3.90
C LYS A 52 -6.69 1.23 -5.42
N GLY A 53 -5.85 2.13 -5.92
CA GLY A 53 -5.79 2.38 -7.35
C GLY A 53 -5.25 1.16 -8.10
N CYS A 54 -4.18 0.61 -7.56
CA CYS A 54 -3.56 -0.57 -8.16
C CYS A 54 -4.21 -1.81 -7.57
N HIS A 55 -5.42 -1.62 -7.05
CA HIS A 55 -6.16 -2.73 -6.45
C HIS A 55 -7.48 -2.93 -7.20
N GLU A 56 -8.36 -1.94 -7.04
CA GLU A 56 -9.66 -2.00 -7.69
C GLU A 56 -9.50 -2.26 -9.19
N GLU A 57 -8.57 -1.52 -9.78
CA GLU A 57 -8.31 -1.67 -11.20
C GLU A 57 -8.31 -3.14 -11.60
N MET A 58 -7.68 -3.95 -10.77
CA MET A 58 -7.61 -5.38 -11.01
C MET A 58 -8.68 -6.14 -10.22
N LYS A 59 -9.24 -5.44 -9.24
CA LYS A 59 -10.27 -6.03 -8.40
C LYS A 59 -9.66 -7.14 -7.54
N LYS A 60 -8.52 -6.81 -6.94
CA LYS A 60 -7.83 -7.77 -6.09
C LYS A 60 -7.08 -7.01 -4.99
N GLY A 61 -7.32 -7.42 -3.76
CA GLY A 61 -6.67 -6.79 -2.62
C GLY A 61 -7.70 -6.11 -1.70
N PRO A 62 -7.18 -5.53 -0.62
CA PRO A 62 -7.97 -4.84 0.38
C PRO A 62 -8.54 -3.55 -0.22
N THR A 63 -9.80 -3.61 -0.63
CA THR A 63 -10.45 -2.44 -1.22
C THR A 63 -11.44 -1.83 -0.24
N LYS A 64 -11.81 -2.64 0.75
CA LYS A 64 -12.76 -2.19 1.75
C LYS A 64 -11.99 -1.62 2.95
N CYS A 65 -12.73 -0.90 3.80
CA CYS A 65 -12.14 -0.30 4.97
C CYS A 65 -11.99 -1.38 6.05
N GLY A 66 -12.56 -2.53 5.75
CA GLY A 66 -12.51 -3.65 6.68
C GLY A 66 -11.39 -4.63 6.29
N GLU A 67 -10.67 -4.27 5.24
CA GLU A 67 -9.58 -5.10 4.77
C GLU A 67 -8.23 -4.47 5.13
N CYS A 68 -8.17 -3.16 4.99
CA CYS A 68 -6.96 -2.42 5.32
C CYS A 68 -7.01 -2.00 6.78
N HIS A 69 -8.08 -1.28 7.12
CA HIS A 69 -8.26 -0.81 8.48
C HIS A 69 -8.95 -1.90 9.31
N LYS A 70 -8.15 -2.89 9.69
CA LYS A 70 -8.67 -3.99 10.49
C LYS A 70 -7.50 -4.90 10.92
N LYS A 71 -6.94 -4.56 12.06
CA LYS A 71 -5.82 -5.33 12.59
C LYS A 71 -6.07 -6.81 12.35
CHA HEM B . 9.37 1.80 1.94
CHB HEM B . 12.85 -0.07 -0.91
CHC HEM B . 9.47 -1.61 -4.05
CHD HEM B . 6.00 0.71 -1.40
C1A HEM B . 10.61 1.40 1.44
C2A HEM B . 11.86 1.60 2.12
C3A HEM B . 12.82 1.08 1.33
C4A HEM B . 12.18 0.56 0.15
CMA HEM B . 14.31 1.04 1.58
CAA HEM B . 12.02 2.27 3.45
CBA HEM B . 13.16 3.29 3.51
CGA HEM B . 14.15 2.94 4.61
O1A HEM B . 15.36 3.04 4.33
O2A HEM B . 13.68 2.60 5.72
C1B HEM B . 12.22 -0.58 -2.04
C2B HEM B . 12.91 -1.01 -3.23
C3B HEM B . 11.98 -1.44 -4.10
C4B HEM B . 10.69 -1.28 -3.47
CMB HEM B . 14.41 -0.98 -3.42
CAB HEM B . 12.19 -1.99 -5.49
CBB HEM B . 13.43 -1.45 -6.18
C1C HEM B . 8.17 -1.08 -3.60
C2C HEM B . 6.94 -1.14 -4.35
C3C HEM B . 6.00 -0.49 -3.62
C4C HEM B . 6.65 -0.03 -2.42
CMC HEM B . 6.77 -1.81 -5.68
CAC HEM B . 4.56 -0.27 -3.97
CBC HEM B . 3.90 -1.44 -4.70
C1D HEM B . 6.65 1.22 -0.28
C2D HEM B . 5.98 2.01 0.74
C3D HEM B . 6.92 2.32 1.67
C4D HEM B . 8.15 1.71 1.24
CMD HEM B . 4.54 2.41 0.72
CAD HEM B . 6.75 3.13 2.92
CBD HEM B . 6.57 4.63 2.66
CGD HEM B . 5.11 5.01 2.62
O1D HEM B . 4.79 5.97 1.89
O2D HEM B . 4.32 4.35 3.33
NA HEM B . 10.81 0.76 0.23
NB HEM B . 10.85 -0.74 -2.20
NC HEM B . 7.98 -0.40 -2.41
ND HEM B . 7.98 1.03 0.04
FE HEM B . 9.31 0.10 -1.09
CHA HEM C . -2.63 -7.29 -2.92
CHB HEM C . -1.78 -3.64 0.19
CHC HEM C . 0.01 -0.94 -3.43
CHD HEM C . -1.08 -4.51 -6.60
C1A HEM C . -2.51 -6.54 -1.76
C2A HEM C . -2.80 -7.04 -0.43
C3A HEM C . -2.56 -6.03 0.44
C4A HEM C . -2.13 -4.89 -0.35
CMA HEM C . -2.71 -6.04 1.93
CAA HEM C . -3.26 -8.44 -0.13
CBA HEM C . -2.47 -9.53 -0.84
CGA HEM C . -1.95 -10.55 0.14
O1A HEM C . -0.70 -10.68 0.22
O2A HEM C . -2.79 -11.19 0.81
C1B HEM C . -1.23 -2.60 -0.53
C2B HEM C . -0.85 -1.33 0.04
C3B HEM C . -0.35 -0.57 -0.96
C4B HEM C . -0.42 -1.37 -2.17
CMB HEM C . -1.00 -0.95 1.49
CAB HEM C . 0.18 0.83 -0.89
CBB HEM C . 1.12 1.08 0.29
C1C HEM C . -0.15 -1.69 -4.63
C2C HEM C . 0.24 -1.22 -5.94
C3C HEM C . -0.06 -2.21 -6.81
C4C HEM C . -0.63 -3.29 -6.05
CMC HEM C . 0.86 0.11 -6.23
CAC HEM C . 0.15 -2.22 -8.30
CBC HEM C . 1.33 -1.38 -8.77
C1D HEM C . -1.60 -5.57 -5.87
C2D HEM C . -2.05 -6.80 -6.44
C3D HEM C . -2.49 -7.58 -5.42
C4D HEM C . -2.30 -6.82 -4.21
CMD HEM C . -2.04 -7.13 -7.90
CAD HEM C . -3.07 -8.97 -5.49
CBD HEM C . -2.15 -10.05 -4.90
CGD HEM C . -2.96 -11.06 -4.12
O1D HEM C . -4.07 -11.40 -4.59
O2D HEM C . -2.44 -11.50 -3.06
NA HEM C . -2.10 -5.21 -1.69
NB HEM C . -0.96 -2.61 -1.89
NC HEM C . -0.68 -2.96 -4.71
ND HEM C . -1.76 -5.58 -4.49
FE HEM C . -1.31 -4.13 -3.33
CHA HEM D . -5.62 6.49 6.49
CHB HEM D . -10.46 6.09 6.19
CHC HEM D . -9.97 2.34 3.12
CHD HEM D . -5.07 2.49 3.77
C1A HEM D . -6.98 6.68 6.68
C2A HEM D . -7.54 7.67 7.58
C3A HEM D . -8.89 7.56 7.49
C4A HEM D . -9.17 6.51 6.55
CMA HEM D . -9.93 8.37 8.22
CAA HEM D . -6.74 8.62 8.41
CBA HEM D . -6.30 8.05 9.75
CGA HEM D . -5.51 9.07 10.56
O1A HEM D . -4.69 9.78 9.93
O2A HEM D . -5.75 9.14 11.79
C1B HEM D . -10.74 5.06 5.30
C2B HEM D . -12.06 4.70 4.85
C3B HEM D . -11.93 3.67 4.00
C4B HEM D . -10.53 3.36 3.92
CMB HEM D . -13.34 5.40 5.27
CAB HEM D . -13.01 2.94 3.26
CBB HEM D . -13.96 3.84 2.49
C1C HEM D . -8.52 2.07 2.96
C2C HEM D . -7.96 0.88 2.34
C3C HEM D . -6.63 0.91 2.57
C4C HEM D . -6.36 2.10 3.33
CMC HEM D . -8.76 -0.15 1.59
CAC HEM D . -5.61 -0.10 2.14
CBC HEM D . -5.63 -0.42 0.65
C1D HEM D . -4.82 3.58 4.59
C2D HEM D . -3.51 3.92 5.10
C3D HEM D . -3.66 5.03 5.85
C4D HEM D . -5.06 5.39 5.82
CMD HEM D . -2.25 3.17 4.81
CAD HEM D . -2.60 5.79 6.61
CBD HEM D . -2.04 5.04 7.81
CGD HEM D . -0.61 5.46 8.09
O1D HEM D . 0.19 5.43 7.13
O2D HEM D . -0.34 5.80 9.27
NA HEM D . -8.00 5.97 6.06
NB HEM D . -9.80 4.23 4.72
NC HEM D . -7.52 2.81 3.56
ND HEM D . -5.76 4.48 5.04
FE HEM D . -7.69 4.36 4.74
N ALA A 1 10.90 -7.66 10.11
CA ALA A 1 10.45 -8.57 9.07
C ALA A 1 10.36 -7.82 7.74
N ASP A 2 10.17 -8.57 6.67
CA ASP A 2 10.06 -8.00 5.35
C ASP A 2 8.76 -7.21 5.24
N ASP A 3 7.80 -7.62 6.04
CA ASP A 3 6.50 -6.96 6.05
C ASP A 3 6.67 -5.53 6.57
N ILE A 4 5.53 -4.84 6.69
CA ILE A 4 5.53 -3.47 7.18
C ILE A 4 4.17 -3.14 7.78
N VAL A 5 4.21 -2.50 8.94
CA VAL A 5 2.98 -2.12 9.62
C VAL A 5 2.91 -0.60 9.73
N PHE A 6 1.72 -0.08 9.47
CA PHE A 6 1.51 1.36 9.53
C PHE A 6 0.44 1.70 10.56
N LYS A 7 0.90 2.09 11.75
CA LYS A 7 0.01 2.45 12.82
C LYS A 7 -1.17 3.25 12.26
N ALA A 8 -2.36 2.76 12.56
CA ALA A 8 -3.57 3.42 12.10
C ALA A 8 -4.51 3.65 13.28
N LYS A 9 -5.28 4.72 13.17
CA LYS A 9 -6.22 5.07 14.23
C LYS A 9 -7.54 4.32 14.00
N ASN A 10 -7.47 3.35 13.11
CA ASN A 10 -8.65 2.55 12.79
C ASN A 10 -8.21 1.12 12.46
N GLY A 11 -7.04 0.76 12.95
CA GLY A 11 -6.50 -0.56 12.72
C GLY A 11 -5.26 -0.51 11.82
N ASP A 12 -4.23 -1.23 12.24
CA ASP A 12 -2.99 -1.27 11.48
C ASP A 12 -3.29 -1.66 10.04
N VAL A 13 -2.53 -1.08 9.12
CA VAL A 13 -2.69 -1.36 7.71
C VAL A 13 -1.52 -2.20 7.22
N LYS A 14 -1.53 -3.47 7.63
CA LYS A 14 -0.47 -4.38 7.23
C LYS A 14 -0.27 -4.31 5.72
N PHE A 15 0.99 -4.27 5.32
CA PHE A 15 1.33 -4.19 3.91
C PHE A 15 2.61 -4.98 3.61
N PRO A 16 2.45 -6.00 2.76
CA PRO A 16 3.51 -6.88 2.33
C PRO A 16 4.37 -6.19 1.30
N HIS A 17 5.57 -5.78 1.69
CA HIS A 17 6.47 -5.10 0.78
C HIS A 17 7.08 -6.11 -0.19
N LYS A 18 7.68 -7.14 0.39
CA LYS A 18 8.30 -8.19 -0.40
C LYS A 18 7.30 -8.71 -1.45
N ALA A 19 6.18 -9.18 -0.94
CA ALA A 19 5.13 -9.71 -1.80
C ALA A 19 5.01 -8.82 -3.04
N HIS A 20 4.72 -7.54 -2.79
CA HIS A 20 4.57 -6.59 -3.87
C HIS A 20 5.84 -6.56 -4.71
N GLN A 21 6.97 -6.74 -4.04
CA GLN A 21 8.25 -6.74 -4.72
C GLN A 21 8.35 -7.94 -5.65
N LYS A 22 7.43 -8.87 -5.48
CA LYS A 22 7.40 -10.07 -6.31
C LYS A 22 6.16 -10.04 -7.20
N ALA A 23 5.29 -9.09 -6.91
CA ALA A 23 4.06 -8.95 -7.67
C ALA A 23 4.25 -7.87 -8.74
N VAL A 24 4.71 -6.71 -8.29
CA VAL A 24 4.94 -5.59 -9.20
C VAL A 24 6.44 -5.48 -9.49
N PRO A 25 6.74 -5.20 -10.76
CA PRO A 25 8.09 -5.05 -11.25
C PRO A 25 8.60 -3.66 -10.94
N ASP A 26 8.46 -2.75 -11.90
CA ASP A 26 8.91 -1.39 -11.71
C ASP A 26 8.46 -0.89 -10.34
N CYS A 27 9.41 -0.38 -9.58
CA CYS A 27 9.12 0.13 -8.25
C CYS A 27 8.78 1.62 -8.37
N LYS A 28 9.24 2.21 -9.46
CA LYS A 28 8.99 3.62 -9.71
C LYS A 28 7.49 3.90 -9.53
N LYS A 29 6.70 2.85 -9.67
CA LYS A 29 5.26 2.98 -9.52
C LYS A 29 4.92 3.38 -8.09
N CYS A 30 5.80 2.97 -7.18
CA CYS A 30 5.60 3.28 -5.77
C CYS A 30 6.71 4.24 -5.34
N HIS A 31 7.89 4.02 -5.89
CA HIS A 31 9.03 4.87 -5.58
C HIS A 31 9.43 5.68 -6.80
N GLU A 32 8.59 6.65 -7.14
CA GLU A 32 8.84 7.50 -8.28
C GLU A 32 10.15 8.27 -8.10
N LYS A 33 10.37 8.71 -6.87
CA LYS A 33 11.58 9.46 -6.55
C LYS A 33 12.62 8.49 -5.97
N GLY A 34 12.70 7.32 -6.58
CA GLY A 34 13.64 6.31 -6.14
C GLY A 34 13.19 5.66 -4.82
N PRO A 35 13.57 4.40 -4.66
CA PRO A 35 13.25 3.59 -3.50
C PRO A 35 13.50 4.41 -2.23
N GLY A 36 12.71 4.15 -1.21
CA GLY A 36 12.86 4.87 0.05
C GLY A 36 11.50 5.18 0.67
N LYS A 37 11.49 6.20 1.52
CA LYS A 37 10.27 6.61 2.19
C LYS A 37 9.45 7.48 1.25
N ILE A 38 8.16 7.57 1.54
CA ILE A 38 7.26 8.36 0.74
C ILE A 38 6.74 9.55 1.56
N GLU A 39 7.52 10.62 1.53
CA GLU A 39 7.17 11.83 2.26
C GLU A 39 5.91 12.47 1.65
N GLY A 40 4.78 12.16 2.26
CA GLY A 40 3.51 12.69 1.80
C GLY A 40 2.43 11.61 1.76
N PHE A 41 2.88 10.37 1.97
CA PHE A 41 1.97 9.24 1.97
C PHE A 41 0.83 9.43 2.99
N GLY A 42 -0.17 8.57 2.88
CA GLY A 42 -1.31 8.65 3.78
C GLY A 42 -2.61 8.37 3.03
N LYS A 43 -3.69 8.34 3.79
CA LYS A 43 -5.01 8.08 3.21
C LYS A 43 -5.07 8.69 1.81
N GLU A 44 -4.45 9.87 1.68
CA GLU A 44 -4.43 10.57 0.41
C GLU A 44 -4.30 9.56 -0.75
N MET A 45 -3.10 9.03 -0.88
CA MET A 45 -2.82 8.06 -1.93
C MET A 45 -3.32 6.67 -1.54
N ALA A 46 -3.08 6.33 -0.27
CA ALA A 46 -3.49 5.03 0.24
C ALA A 46 -4.94 4.76 -0.18
N HIS A 47 -5.66 5.84 -0.44
CA HIS A 47 -7.06 5.74 -0.85
C HIS A 47 -7.17 5.98 -2.35
N GLY A 48 -6.70 7.15 -2.77
CA GLY A 48 -6.74 7.51 -4.17
C GLY A 48 -5.99 6.47 -5.03
N LYS A 49 -5.37 6.97 -6.09
CA LYS A 49 -4.62 6.13 -6.99
C LYS A 49 -3.26 5.80 -6.37
N GLY A 50 -3.30 5.32 -5.14
CA GLY A 50 -2.08 4.97 -4.43
C GLY A 50 -1.98 3.46 -4.22
N CYS A 51 -2.91 2.94 -3.44
CA CYS A 51 -2.94 1.51 -3.16
C CYS A 51 -4.22 0.93 -3.75
N LYS A 52 -5.34 1.57 -3.41
CA LYS A 52 -6.63 1.12 -3.89
C LYS A 52 -6.69 1.28 -5.40
N GLY A 53 -5.85 2.18 -5.90
CA GLY A 53 -5.80 2.45 -7.33
C GLY A 53 -5.27 1.23 -8.10
N CYS A 54 -4.15 0.71 -7.61
CA CYS A 54 -3.54 -0.45 -8.24
C CYS A 54 -4.15 -1.71 -7.63
N HIS A 55 -5.36 -1.55 -7.11
CA HIS A 55 -6.07 -2.65 -6.49
C HIS A 55 -7.40 -2.88 -7.22
N GLU A 56 -8.30 -1.93 -7.05
CA GLU A 56 -9.60 -2.01 -7.67
C GLU A 56 -9.45 -2.29 -9.17
N GLU A 57 -8.55 -1.55 -9.79
CA GLU A 57 -8.31 -1.70 -11.21
C GLU A 57 -7.97 -3.15 -11.55
N MET A 58 -7.35 -3.82 -10.58
CA MET A 58 -6.98 -5.22 -10.75
C MET A 58 -8.00 -6.14 -10.09
N LYS A 59 -8.90 -5.53 -9.32
CA LYS A 59 -9.92 -6.30 -8.63
C LYS A 59 -9.27 -7.37 -7.77
N LYS A 60 -8.31 -6.94 -6.97
CA LYS A 60 -7.60 -7.86 -6.10
C LYS A 60 -6.86 -7.07 -5.02
N GLY A 61 -7.06 -7.47 -3.78
CA GLY A 61 -6.43 -6.80 -2.66
C GLY A 61 -7.47 -6.15 -1.74
N PRO A 62 -6.97 -5.55 -0.66
CA PRO A 62 -7.77 -4.87 0.34
C PRO A 62 -8.40 -3.63 -0.27
N THR A 63 -9.68 -3.72 -0.61
CA THR A 63 -10.38 -2.59 -1.20
C THR A 63 -11.44 -2.06 -0.24
N LYS A 64 -11.56 -2.74 0.89
CA LYS A 64 -12.54 -2.34 1.89
C LYS A 64 -11.80 -1.75 3.10
N CYS A 65 -12.57 -1.10 3.95
CA CYS A 65 -12.01 -0.48 5.14
C CYS A 65 -11.86 -1.56 6.22
N GLY A 66 -12.39 -2.73 5.91
CA GLY A 66 -12.32 -3.85 6.84
C GLY A 66 -11.20 -4.81 6.45
N GLU A 67 -10.47 -4.42 5.41
CA GLU A 67 -9.36 -5.24 4.93
C GLU A 67 -8.03 -4.57 5.26
N CYS A 68 -7.98 -3.26 5.04
CA CYS A 68 -6.77 -2.50 5.30
C CYS A 68 -6.79 -2.07 6.78
N HIS A 69 -7.89 -1.42 7.17
CA HIS A 69 -8.04 -0.95 8.53
C HIS A 69 -8.64 -2.08 9.39
N LYS A 70 -7.77 -3.01 9.75
CA LYS A 70 -8.20 -4.14 10.57
C LYS A 70 -6.97 -4.88 11.11
N LYS A 71 -6.34 -4.26 12.08
CA LYS A 71 -5.15 -4.84 12.69
C LYS A 71 -5.35 -6.35 12.83
CHA HEM B . 9.15 1.62 1.76
CHB HEM B . 12.69 0.00 -1.17
CHC HEM B . 9.36 -1.62 -4.32
CHD HEM B . 5.83 0.53 -1.62
C1A HEM B . 10.40 1.29 1.24
C2A HEM B . 11.65 1.53 1.92
C3A HEM B . 12.63 1.08 1.11
C4A HEM B . 12.01 0.56 -0.08
CMA HEM B . 14.12 1.09 1.36
CAA HEM B . 11.80 2.15 3.28
CBA HEM B . 13.04 3.02 3.44
CGA HEM B . 14.10 2.31 4.26
O1A HEM B . 13.72 1.73 5.30
O2A HEM B . 15.28 2.35 3.84
C1B HEM B . 12.08 -0.52 -2.31
C2B HEM B . 12.79 -0.93 -3.49
C3B HEM B . 11.86 -1.38 -4.37
C4B HEM B . 10.58 -1.26 -3.73
CMB HEM B . 14.28 -0.85 -3.68
CAB HEM B . 12.09 -1.91 -5.76
CBB HEM B . 13.32 -1.33 -6.46
C1C HEM B . 8.04 -1.14 -3.86
C2C HEM B . 6.82 -1.20 -4.62
C3C HEM B . 5.86 -0.60 -3.88
C4C HEM B . 6.49 -0.15 -2.65
CMC HEM B . 6.67 -1.84 -5.96
CAC HEM B . 4.42 -0.40 -4.22
CBC HEM B . 3.79 -1.57 -4.98
C1D HEM B . 6.45 1.01 -0.47
C2D HEM B . 5.76 1.71 0.59
C3D HEM B . 6.67 2.02 1.53
C4D HEM B . 7.94 1.50 1.06
CMD HEM B . 4.29 2.03 0.60
CAD HEM B . 6.47 2.75 2.83
CBD HEM B . 7.07 4.15 2.85
CGD HEM B . 6.80 4.83 4.18
O1D HEM B . 7.56 4.55 5.13
O2D HEM B . 5.84 5.63 4.23
NA HEM B . 10.63 0.70 0.02
NB HEM B . 10.72 -0.73 -2.46
NC HEM B . 7.83 -0.49 -2.66
ND HEM B . 7.79 0.89 -0.17
FE HEM B . 9.13 0.04 -1.32
CHA HEM C . -2.38 -7.14 -2.95
CHB HEM C . -1.63 -3.42 0.09
CHC HEM C . 0.09 -0.74 -3.60
CHD HEM C . -0.99 -4.37 -6.71
C1A HEM C . -2.26 -6.38 -1.80
C2A HEM C . -2.51 -6.87 -0.46
C3A HEM C . -2.30 -5.84 0.37
C4A HEM C . -1.93 -4.70 -0.42
CMA HEM C . -2.42 -5.82 1.87
CAA HEM C . -2.92 -8.27 -0.13
CBA HEM C . -2.08 -9.34 -0.84
CGA HEM C . -1.36 -10.22 0.18
O1A HEM C . -0.11 -10.27 0.09
O2A HEM C . -2.06 -10.83 1.01
C1B HEM C . -1.10 -2.38 -0.66
C2B HEM C . -0.72 -1.09 -0.11
C3B HEM C . -0.25 -0.34 -1.12
C4B HEM C . -0.32 -1.15 -2.31
CMB HEM C . -0.87 -0.70 1.34
CAB HEM C . 0.27 1.07 -1.08
CBB HEM C . 1.12 1.37 0.14
C1C HEM C . -0.06 -1.52 -4.78
C2C HEM C . 0.30 -1.07 -6.11
C3C HEM C . -0.01 -2.06 -6.97
C4C HEM C . -0.55 -3.15 -6.18
CMC HEM C . 0.89 0.28 -6.43
CAC HEM C . 0.16 -2.09 -8.46
CBC HEM C . 1.35 -1.27 -8.96
C1D HEM C . -1.46 -5.44 -5.94
C2D HEM C . -1.90 -6.70 -6.49
C3D HEM C . -2.28 -7.47 -5.45
C4D HEM C . -2.09 -6.69 -4.25
CMD HEM C . -1.91 -7.05 -7.95
CAD HEM C . -2.81 -8.87 -5.50
CBD HEM C . -1.85 -9.92 -4.93
CGD HEM C . -1.44 -10.92 -5.99
O1D HEM C . -0.85 -10.47 -7.00
O2D HEM C . -1.73 -12.12 -5.79
NA HEM C . -1.91 -5.03 -1.76
NB HEM C . -0.85 -2.40 -2.02
NC HEM C . -0.57 -2.80 -4.84
ND HEM C . -1.59 -5.44 -4.56
FE HEM C . -1.15 -3.95 -3.42
CHA HEM D . -5.63 6.43 6.57
CHB HEM D . -10.47 5.93 6.34
CHC HEM D . -9.94 2.21 3.23
CHD HEM D . -5.05 2.44 3.84
C1A HEM D . -7.00 6.61 6.76
C2A HEM D . -7.57 7.63 7.61
C3A HEM D . -8.91 7.49 7.55
C4A HEM D . -9.19 6.39 6.66
CMA HEM D . -9.95 8.30 8.27
CAA HEM D . -6.77 8.63 8.40
CBA HEM D . -6.13 8.06 9.66
CGA HEM D . -5.31 9.11 10.39
O1A HEM D . -4.20 9.41 9.88
O2A HEM D . -5.80 9.60 11.43
C1B HEM D . -10.73 4.89 5.44
C2B HEM D . -12.06 4.52 5.01
C3B HEM D . -11.91 3.49 4.15
C4B HEM D . -10.50 3.21 4.04
CMB HEM D . -13.33 5.17 5.46
CAB HEM D . -12.99 2.73 3.42
CBB HEM D . -14.00 3.62 2.72
C1C HEM D . -8.48 1.97 3.04
C2C HEM D . -7.91 0.82 2.38
C3C HEM D . -6.58 0.86 2.61
C4C HEM D . -6.32 2.04 3.40
CMC HEM D . -8.68 -0.20 1.62
CAC HEM D . -5.53 -0.11 2.14
CBC HEM D . -5.61 -0.43 0.64
C1D HEM D . -4.80 3.54 4.66
C2D HEM D . -3.49 3.90 5.16
C3D HEM D . -3.65 5.01 5.91
C4D HEM D . -5.06 5.34 5.89
CMD HEM D . -2.22 3.16 4.86
CAD HEM D . -2.60 5.79 6.64
CBD HEM D . -2.08 5.10 7.91
CGD HEM D . -0.69 5.59 8.27
O1D HEM D . -0.62 6.56 9.06
O2D HEM D . 0.28 4.99 7.76
NA HEM D . -8.00 5.86 6.18
NB HEM D . -9.78 4.09 4.84
NC HEM D . -7.50 2.71 3.66
ND HEM D . -5.75 4.42 5.12
FE HEM D . -7.68 4.24 4.84
N ALA A 1 8.56 -8.97 9.60
CA ALA A 1 9.94 -8.95 9.16
C ALA A 1 10.06 -8.07 7.92
N ASP A 2 10.16 -8.73 6.77
CA ASP A 2 10.28 -8.02 5.51
C ASP A 2 9.02 -7.21 5.26
N ASP A 3 7.94 -7.63 5.91
CA ASP A 3 6.66 -6.95 5.77
C ASP A 3 6.80 -5.51 6.26
N ILE A 4 5.68 -4.81 6.25
CA ILE A 4 5.65 -3.43 6.70
C ILE A 4 4.28 -3.10 7.29
N VAL A 5 4.30 -2.53 8.48
CA VAL A 5 3.08 -2.16 9.16
C VAL A 5 3.01 -0.64 9.31
N PHE A 6 1.80 -0.12 9.15
CA PHE A 6 1.59 1.32 9.26
C PHE A 6 0.55 1.63 10.33
N LYS A 7 1.02 2.17 11.43
CA LYS A 7 0.15 2.52 12.54
C LYS A 7 -1.04 3.33 12.00
N ALA A 8 -2.23 2.82 12.29
CA ALA A 8 -3.45 3.48 11.85
C ALA A 8 -4.34 3.74 13.05
N LYS A 9 -5.16 4.78 12.93
CA LYS A 9 -6.08 5.15 14.00
C LYS A 9 -7.39 4.37 13.84
N ASN A 10 -7.33 3.33 13.01
CA ASN A 10 -8.49 2.50 12.75
C ASN A 10 -8.04 1.08 12.43
N GLY A 11 -6.86 0.73 12.93
CA GLY A 11 -6.30 -0.59 12.70
C GLY A 11 -5.06 -0.51 11.81
N ASP A 12 -4.03 -1.22 12.24
CA ASP A 12 -2.78 -1.24 11.48
C ASP A 12 -3.06 -1.68 10.05
N VAL A 13 -2.36 -1.05 9.12
CA VAL A 13 -2.52 -1.38 7.71
C VAL A 13 -1.31 -2.16 7.22
N LYS A 14 -1.46 -3.47 7.15
CA LYS A 14 -0.38 -4.34 6.70
C LYS A 14 -0.18 -4.15 5.20
N PHE A 15 1.07 -4.23 4.79
CA PHE A 15 1.41 -4.08 3.38
C PHE A 15 2.62 -4.95 3.01
N PRO A 16 2.35 -6.01 2.24
CA PRO A 16 3.34 -6.96 1.78
C PRO A 16 4.34 -6.25 0.87
N HIS A 17 5.44 -5.80 1.45
CA HIS A 17 6.46 -5.11 0.68
C HIS A 17 7.18 -6.10 -0.23
N LYS A 18 7.77 -7.11 0.41
CA LYS A 18 8.50 -8.13 -0.34
C LYS A 18 7.56 -8.78 -1.35
N ALA A 19 6.32 -8.98 -0.92
CA ALA A 19 5.32 -9.59 -1.78
C ALA A 19 5.06 -8.68 -2.98
N HIS A 20 4.73 -7.44 -2.68
CA HIS A 20 4.46 -6.46 -3.72
C HIS A 20 5.71 -6.25 -4.57
N GLN A 21 6.83 -6.74 -4.05
CA GLN A 21 8.09 -6.62 -4.76
C GLN A 21 8.22 -7.72 -5.81
N LYS A 22 7.35 -8.70 -5.70
CA LYS A 22 7.35 -9.82 -6.64
C LYS A 22 6.16 -9.69 -7.58
N ALA A 23 5.17 -8.92 -7.14
CA ALA A 23 3.97 -8.71 -7.93
C ALA A 23 4.19 -7.54 -8.89
N VAL A 24 4.74 -6.46 -8.33
CA VAL A 24 5.01 -5.26 -9.11
C VAL A 24 6.53 -5.10 -9.27
N PRO A 25 7.00 -5.45 -10.47
CA PRO A 25 8.40 -5.37 -10.84
C PRO A 25 8.90 -3.95 -10.64
N ASP A 26 8.44 -3.04 -11.48
CA ASP A 26 8.85 -1.65 -11.38
C ASP A 26 8.45 -1.10 -10.02
N CYS A 27 9.43 -0.56 -9.32
CA CYS A 27 9.18 0.01 -8.00
C CYS A 27 8.88 1.50 -8.16
N LYS A 28 9.35 2.05 -9.27
CA LYS A 28 9.12 3.45 -9.56
C LYS A 28 7.64 3.78 -9.39
N LYS A 29 6.82 2.74 -9.49
CA LYS A 29 5.39 2.90 -9.36
C LYS A 29 5.07 3.37 -7.94
N CYS A 30 5.93 2.97 -7.01
CA CYS A 30 5.75 3.34 -5.62
C CYS A 30 6.90 4.27 -5.21
N HIS A 31 8.07 3.99 -5.76
CA HIS A 31 9.25 4.78 -5.47
C HIS A 31 9.67 5.56 -6.72
N GLU A 32 8.86 6.55 -7.07
CA GLU A 32 9.14 7.37 -8.24
C GLU A 32 10.45 8.13 -8.05
N LYS A 33 10.66 8.61 -6.84
CA LYS A 33 11.87 9.35 -6.53
C LYS A 33 12.87 8.40 -5.87
N GLY A 34 12.97 7.20 -6.42
CA GLY A 34 13.88 6.20 -5.90
C GLY A 34 13.36 5.61 -4.59
N PRO A 35 13.75 4.36 -4.34
CA PRO A 35 13.38 3.61 -3.16
C PRO A 35 13.58 4.47 -1.92
N GLY A 36 12.85 4.16 -0.86
CA GLY A 36 12.96 4.92 0.37
C GLY A 36 11.57 5.30 0.91
N LYS A 37 11.58 6.21 1.88
CA LYS A 37 10.34 6.67 2.48
C LYS A 37 9.58 7.54 1.48
N ILE A 38 8.30 7.70 1.74
CA ILE A 38 7.45 8.51 0.87
C ILE A 38 6.91 9.70 1.67
N GLU A 39 7.60 10.82 1.53
CA GLU A 39 7.20 12.03 2.23
C GLU A 39 5.94 12.62 1.60
N GLY A 40 4.83 12.43 2.29
CA GLY A 40 3.55 12.93 1.80
C GLY A 40 2.49 11.83 1.83
N PHE A 41 2.96 10.59 1.86
CA PHE A 41 2.07 9.45 1.89
C PHE A 41 0.96 9.64 2.93
N GLY A 42 -0.11 8.88 2.76
CA GLY A 42 -1.23 8.96 3.68
C GLY A 42 -2.54 8.60 2.97
N LYS A 43 -3.60 8.49 3.76
CA LYS A 43 -4.91 8.16 3.22
C LYS A 43 -5.03 8.72 1.80
N GLU A 44 -4.55 9.94 1.63
CA GLU A 44 -4.60 10.59 0.34
C GLU A 44 -4.36 9.57 -0.77
N MET A 45 -3.12 9.12 -0.85
CA MET A 45 -2.74 8.15 -1.87
C MET A 45 -3.24 6.75 -1.51
N ALA A 46 -2.99 6.36 -0.26
CA ALA A 46 -3.43 5.06 0.22
C ALA A 46 -4.88 4.81 -0.20
N HIS A 47 -5.59 5.91 -0.41
CA HIS A 47 -6.99 5.84 -0.80
C HIS A 47 -7.10 6.08 -2.31
N GLY A 48 -6.57 7.21 -2.74
CA GLY A 48 -6.60 7.58 -4.14
C GLY A 48 -5.89 6.52 -5.00
N LYS A 49 -5.15 7.02 -5.98
CA LYS A 49 -4.41 6.13 -6.88
C LYS A 49 -3.09 5.73 -6.22
N GLY A 50 -3.20 5.26 -4.99
CA GLY A 50 -2.02 4.84 -4.24
C GLY A 50 -1.99 3.31 -4.07
N CYS A 51 -3.00 2.81 -3.37
CA CYS A 51 -3.11 1.39 -3.12
C CYS A 51 -4.42 0.88 -3.75
N LYS A 52 -5.50 1.52 -3.34
CA LYS A 52 -6.82 1.15 -3.85
C LYS A 52 -6.85 1.36 -5.36
N GLY A 53 -5.97 2.24 -5.83
CA GLY A 53 -5.90 2.53 -7.25
C GLY A 53 -5.39 1.32 -8.03
N CYS A 54 -4.28 0.77 -7.55
CA CYS A 54 -3.69 -0.39 -8.19
C CYS A 54 -4.32 -1.65 -7.60
N HIS A 55 -5.54 -1.49 -7.10
CA HIS A 55 -6.26 -2.59 -6.50
C HIS A 55 -7.59 -2.80 -7.24
N GLU A 56 -8.47 -1.82 -7.06
CA GLU A 56 -9.78 -1.88 -7.71
C GLU A 56 -9.63 -2.10 -9.21
N GLU A 57 -8.71 -1.34 -9.80
CA GLU A 57 -8.46 -1.45 -11.23
C GLU A 57 -8.46 -2.92 -11.66
N MET A 58 -7.86 -3.74 -10.82
CA MET A 58 -7.78 -5.17 -11.10
C MET A 58 -8.88 -5.93 -10.36
N LYS A 59 -9.45 -5.27 -9.36
CA LYS A 59 -10.51 -5.88 -8.57
C LYS A 59 -9.93 -7.01 -7.72
N LYS A 60 -8.87 -6.67 -6.99
CA LYS A 60 -8.22 -7.64 -6.12
C LYS A 60 -7.40 -6.90 -5.07
N GLY A 61 -7.60 -7.30 -3.82
CA GLY A 61 -6.89 -6.68 -2.71
C GLY A 61 -7.87 -6.01 -1.75
N PRO A 62 -7.31 -5.49 -0.64
CA PRO A 62 -8.03 -4.81 0.39
C PRO A 62 -8.64 -3.52 -0.16
N THR A 63 -9.91 -3.59 -0.55
CA THR A 63 -10.58 -2.42 -1.10
C THR A 63 -11.58 -1.87 -0.08
N LYS A 64 -11.82 -2.64 0.95
CA LYS A 64 -12.75 -2.24 2.00
C LYS A 64 -11.96 -1.67 3.18
N CYS A 65 -12.69 -0.96 4.04
CA CYS A 65 -12.06 -0.35 5.21
C CYS A 65 -11.91 -1.43 6.28
N GLY A 66 -12.45 -2.60 5.99
CA GLY A 66 -12.39 -3.71 6.91
C GLY A 66 -11.26 -4.67 6.53
N GLU A 67 -10.54 -4.29 5.49
CA GLU A 67 -9.44 -5.11 5.01
C GLU A 67 -8.10 -4.45 5.34
N CYS A 68 -8.03 -3.16 5.06
CA CYS A 68 -6.82 -2.39 5.32
C CYS A 68 -6.84 -1.97 6.79
N HIS A 69 -7.94 -1.36 7.18
CA HIS A 69 -8.09 -0.89 8.55
C HIS A 69 -8.73 -2.00 9.40
N LYS A 70 -7.89 -2.91 9.85
CA LYS A 70 -8.36 -4.02 10.66
C LYS A 70 -7.15 -4.79 11.21
N LYS A 71 -6.44 -4.14 12.13
CA LYS A 71 -5.27 -4.75 12.74
C LYS A 71 -5.55 -6.23 13.00
CHA HEM B . 9.19 1.73 1.94
CHB HEM B . 12.73 -0.06 -0.90
CHC HEM B . 9.39 -1.66 -4.07
CHD HEM B . 5.88 0.64 -1.47
C1A HEM B . 10.44 1.35 1.45
C2A HEM B . 11.68 1.56 2.15
C3A HEM B . 12.67 1.06 1.36
C4A HEM B . 12.03 0.54 0.17
CMA HEM B . 14.14 1.02 1.64
CAA HEM B . 11.82 2.21 3.50
CBA HEM B . 12.98 3.18 3.60
CGA HEM B . 13.84 2.89 4.82
O1A HEM B . 13.42 3.29 5.92
O2A HEM B . 14.91 2.24 4.62
C1B HEM B . 12.11 -0.59 -2.03
C2B HEM B . 12.83 -1.03 -3.21
C3B HEM B . 11.90 -1.47 -4.09
C4B HEM B . 10.62 -1.32 -3.47
CMB HEM B . 14.32 -0.96 -3.38
CAB HEM B . 12.14 -2.02 -5.46
CBB HEM B . 13.35 -1.45 -6.17
C1C HEM B . 8.10 -1.12 -3.64
C2C HEM B . 6.87 -1.17 -4.41
C3C HEM B . 5.92 -0.53 -3.70
C4C HEM B . 6.54 -0.07 -2.48
CMC HEM B . 6.74 -1.83 -5.75
CAC HEM B . 4.48 -0.31 -4.06
CBC HEM B . 3.85 -1.48 -4.80
C1D HEM B . 6.50 1.14 -0.31
C2D HEM B . 5.81 1.89 0.71
C3D HEM B . 6.73 2.19 1.66
C4D HEM B . 7.99 1.63 1.23
CMD HEM B . 4.35 2.24 0.69
CAD HEM B . 6.52 2.95 2.93
CBD HEM B . 7.16 4.34 2.93
CGD HEM B . 6.95 5.03 4.27
O1D HEM B . 7.68 4.68 5.22
O2D HEM B . 6.07 5.91 4.32
NA HEM B . 10.66 0.73 0.23
NB HEM B . 10.76 -0.77 -2.20
NC HEM B . 7.88 -0.44 -2.45
ND HEM B . 7.83 0.99 0.01
FE HEM B . 9.16 0.07 -1.10
CHA HEM C . -2.81 -7.26 -3.10
CHB HEM C . -1.86 -3.73 0.12
CHC HEM C . -0.20 -0.90 -3.47
CHD HEM C . -1.17 -4.43 -6.71
C1A HEM C . -2.65 -6.56 -1.91
C2A HEM C . -2.88 -7.11 -0.60
C3A HEM C . -2.62 -6.14 0.30
C4A HEM C . -2.22 -4.97 -0.45
CMA HEM C . -2.71 -6.20 1.79
CAA HEM C . -3.33 -8.52 -0.32
CBA HEM C . -2.60 -9.58 -1.13
CGA HEM C . -2.10 -10.71 -0.25
O1A HEM C . -1.43 -10.40 0.75
O2A HEM C . -2.42 -11.87 -0.59
C1B HEM C . -1.33 -2.66 -0.59
C2B HEM C . -0.96 -1.40 0.01
C3B HEM C . -0.50 -0.61 -0.98
C4B HEM C . -0.59 -1.37 -2.21
CMB HEM C . -1.08 -1.08 1.47
CAB HEM C . 0.01 0.80 -0.88
CBB HEM C . 0.93 1.04 0.32
C1C HEM C . -0.28 -1.64 -4.67
C2C HEM C . 0.09 -1.14 -5.97
C3C HEM C . -0.19 -2.11 -6.87
C4C HEM C . -0.75 -3.23 -6.12
CMC HEM C . 0.67 0.21 -6.23
CAC HEM C . 0.01 -2.08 -8.35
CBC HEM C . 1.15 -1.17 -8.81
C1D HEM C . -1.71 -5.50 -5.99
C2D HEM C . -2.19 -6.72 -6.60
C3D HEM C . -2.65 -7.50 -5.60
C4D HEM C . -2.46 -6.78 -4.37
CMD HEM C . -2.17 -7.01 -8.07
CAD HEM C . -3.25 -8.87 -5.71
CBD HEM C . -2.38 -9.98 -5.12
CGD HEM C . -2.15 -11.10 -6.14
O1D HEM C . -0.96 -11.31 -6.49
O2D HEM C . -3.16 -11.71 -6.56
NA HEM C . -2.24 -5.24 -1.81
NB HEM C . -1.10 -2.63 -1.95
NC HEM C . -0.80 -2.92 -4.77
ND HEM C . -1.89 -5.55 -4.62
FE HEM C . -1.43 -4.13 -3.41
CHA HEM D . -5.52 6.46 6.56
CHB HEM D . -10.37 6.03 6.43
CHC HEM D . -9.97 2.34 3.27
CHD HEM D . -5.06 2.46 3.83
C1A HEM D . -6.89 6.66 6.79
C2A HEM D . -7.42 7.70 7.64
C3A HEM D . -8.77 7.58 7.61
C4A HEM D . -9.07 6.47 6.72
CMA HEM D . -9.79 8.41 8.33
CAA HEM D . -6.60 8.69 8.41
CBA HEM D . -6.07 8.16 9.75
CGA HEM D . -5.26 9.22 10.47
O1A HEM D . -5.89 10.04 11.17
O2A HEM D . -4.02 9.18 10.32
C1B HEM D . -10.68 5.02 5.52
C2B HEM D . -12.01 4.66 5.12
C3B HEM D . -11.90 3.63 4.25
C4B HEM D . -10.50 3.36 4.10
CMB HEM D . -13.26 5.32 5.62
CAB HEM D . -13.00 2.91 3.53
CBB HEM D . -14.00 3.82 2.82
C1C HEM D . -8.52 2.08 3.06
C2C HEM D . -7.97 0.92 2.38
C3C HEM D . -6.65 0.94 2.59
C4C HEM D . -6.34 2.09 3.39
CMC HEM D . -8.78 -0.07 1.61
CAC HEM D . -5.62 -0.05 2.10
CBC HEM D . -5.76 -0.40 0.62
C1D HEM D . -4.78 3.56 4.64
C2D HEM D . -3.45 3.91 5.10
C3D HEM D . -3.58 5.01 5.86
C4D HEM D . -4.98 5.36 5.88
CMD HEM D . -2.20 3.14 4.78
CAD HEM D . -2.51 5.77 6.57
CBD HEM D . -1.96 5.06 7.81
CGD HEM D . -0.44 5.20 7.91
O1D HEM D . 0.03 5.66 8.96
O2D HEM D . 0.21 4.83 6.91
NA HEM D . -7.91 5.92 6.22
NB HEM D . -9.75 4.21 4.88
NC HEM D . -7.50 2.80 3.67
ND HEM D . -5.71 4.45 5.12
FE HEM D . -7.64 4.32 4.86
N ALA A 1 8.50 -9.15 9.51
CA ALA A 1 9.88 -8.91 9.18
C ALA A 1 9.96 -8.01 7.94
N ASP A 2 10.19 -8.64 6.79
CA ASP A 2 10.28 -7.91 5.54
C ASP A 2 9.00 -7.10 5.33
N ASP A 3 7.94 -7.56 5.98
CA ASP A 3 6.65 -6.89 5.88
C ASP A 3 6.78 -5.46 6.40
N ILE A 4 5.64 -4.78 6.44
CA ILE A 4 5.61 -3.41 6.92
C ILE A 4 4.23 -3.11 7.51
N VAL A 5 4.24 -2.52 8.70
CA VAL A 5 3.00 -2.19 9.38
C VAL A 5 2.92 -0.67 9.54
N PHE A 6 1.72 -0.14 9.32
CA PHE A 6 1.48 1.28 9.43
C PHE A 6 0.47 1.58 10.53
N LYS A 7 0.99 1.90 11.70
CA LYS A 7 0.14 2.22 12.84
C LYS A 7 -1.03 3.09 12.38
N ALA A 8 -2.24 2.60 12.61
CA ALA A 8 -3.43 3.32 12.23
C ALA A 8 -4.38 3.42 13.43
N LYS A 9 -5.10 4.53 13.49
CA LYS A 9 -6.04 4.76 14.57
C LYS A 9 -7.36 4.07 14.25
N ASN A 10 -7.33 3.25 13.20
CA ASN A 10 -8.51 2.53 12.78
C ASN A 10 -8.13 1.09 12.42
N GLY A 11 -6.97 0.69 12.89
CA GLY A 11 -6.47 -0.65 12.62
C GLY A 11 -5.19 -0.61 11.78
N ASP A 12 -4.22 -1.42 12.19
CA ASP A 12 -2.96 -1.47 11.48
C ASP A 12 -3.20 -1.90 10.03
N VAL A 13 -2.53 -1.21 9.13
CA VAL A 13 -2.66 -1.49 7.71
C VAL A 13 -1.44 -2.27 7.23
N LYS A 14 -1.60 -3.58 7.14
CA LYS A 14 -0.53 -4.44 6.70
C LYS A 14 -0.29 -4.24 5.20
N PHE A 15 0.99 -4.27 4.82
CA PHE A 15 1.35 -4.09 3.44
C PHE A 15 2.57 -4.96 3.07
N PRO A 16 2.29 -6.00 2.28
CA PRO A 16 3.29 -6.94 1.80
C PRO A 16 4.29 -6.22 0.91
N HIS A 17 5.40 -5.78 1.48
CA HIS A 17 6.41 -5.08 0.71
C HIS A 17 7.14 -6.08 -0.20
N LYS A 18 7.73 -7.08 0.43
CA LYS A 18 8.46 -8.11 -0.29
C LYS A 18 7.52 -8.78 -1.30
N ALA A 19 6.28 -8.99 -0.86
CA ALA A 19 5.29 -9.62 -1.71
C ALA A 19 5.01 -8.72 -2.92
N HIS A 20 4.73 -7.46 -2.64
CA HIS A 20 4.45 -6.51 -3.70
C HIS A 20 5.71 -6.31 -4.55
N GLN A 21 6.82 -6.82 -4.04
CA GLN A 21 8.08 -6.71 -4.75
C GLN A 21 8.21 -7.84 -5.78
N LYS A 22 7.33 -8.82 -5.64
CA LYS A 22 7.34 -9.96 -6.56
C LYS A 22 6.15 -9.84 -7.52
N ALA A 23 5.17 -9.05 -7.10
CA ALA A 23 3.98 -8.86 -7.90
C ALA A 23 4.20 -7.67 -8.85
N VAL A 24 4.76 -6.60 -8.28
CA VAL A 24 5.03 -5.41 -9.06
C VAL A 24 6.55 -5.25 -9.24
N PRO A 25 7.01 -5.60 -10.43
CA PRO A 25 8.40 -5.53 -10.82
C PRO A 25 8.92 -4.11 -10.63
N ASP A 26 8.46 -3.20 -11.49
CA ASP A 26 8.88 -1.81 -11.40
C ASP A 26 8.49 -1.25 -10.04
N CYS A 27 9.47 -0.68 -9.35
CA CYS A 27 9.23 -0.11 -8.04
C CYS A 27 8.95 1.39 -8.22
N LYS A 28 9.43 1.92 -9.34
CA LYS A 28 9.23 3.32 -9.64
C LYS A 28 7.75 3.68 -9.47
N LYS A 29 6.92 2.66 -9.57
CA LYS A 29 5.49 2.85 -9.44
C LYS A 29 5.17 3.28 -8.00
N CYS A 30 6.04 2.89 -7.09
CA CYS A 30 5.87 3.23 -5.69
C CYS A 30 7.01 4.16 -5.28
N HIS A 31 8.18 3.89 -5.82
CA HIS A 31 9.35 4.69 -5.52
C HIS A 31 9.78 5.47 -6.77
N GLU A 32 8.85 6.26 -7.28
CA GLU A 32 9.13 7.06 -8.46
C GLU A 32 10.35 7.95 -8.25
N LYS A 33 10.40 8.54 -7.06
CA LYS A 33 11.50 9.43 -6.71
C LYS A 33 12.60 8.61 -6.02
N GLY A 34 12.80 7.40 -6.51
CA GLY A 34 13.80 6.51 -5.95
C GLY A 34 13.30 5.86 -4.66
N PRO A 35 13.87 4.69 -4.36
CA PRO A 35 13.55 3.90 -3.19
C PRO A 35 13.61 4.78 -1.94
N GLY A 36 12.94 4.35 -0.89
CA GLY A 36 12.93 5.11 0.35
C GLY A 36 11.50 5.42 0.79
N LYS A 37 11.39 6.36 1.70
CA LYS A 37 10.09 6.76 2.22
C LYS A 37 9.37 7.63 1.18
N ILE A 38 8.08 7.83 1.40
CA ILE A 38 7.29 8.63 0.49
C ILE A 38 6.67 9.81 1.26
N GLU A 39 7.48 10.83 1.47
CA GLU A 39 7.04 12.00 2.18
C GLU A 39 5.78 12.58 1.53
N GLY A 40 4.64 12.30 2.18
CA GLY A 40 3.37 12.77 1.68
C GLY A 40 2.32 11.66 1.69
N PHE A 41 2.82 10.43 1.80
CA PHE A 41 1.94 9.27 1.84
C PHE A 41 0.83 9.46 2.86
N GLY A 42 -0.14 8.55 2.82
CA GLY A 42 -1.27 8.60 3.73
C GLY A 42 -2.59 8.36 2.99
N LYS A 43 -3.67 8.35 3.76
CA LYS A 43 -4.99 8.12 3.20
C LYS A 43 -5.05 8.73 1.80
N GLU A 44 -4.41 9.89 1.66
CA GLU A 44 -4.38 10.58 0.39
C GLU A 44 -4.27 9.59 -0.76
N MET A 45 -3.06 9.06 -0.93
CA MET A 45 -2.80 8.09 -1.97
C MET A 45 -3.31 6.71 -1.58
N ALA A 46 -3.04 6.34 -0.34
CA ALA A 46 -3.45 5.04 0.17
C ALA A 46 -4.90 4.79 -0.25
N HIS A 47 -5.63 5.87 -0.46
CA HIS A 47 -7.02 5.77 -0.86
C HIS A 47 -7.14 6.02 -2.37
N GLY A 48 -6.67 7.17 -2.80
CA GLY A 48 -6.71 7.53 -4.20
C GLY A 48 -5.94 6.52 -5.06
N LYS A 49 -5.28 7.03 -6.08
CA LYS A 49 -4.50 6.19 -6.97
C LYS A 49 -3.16 5.86 -6.32
N GLY A 50 -3.23 5.35 -5.10
CA GLY A 50 -2.03 5.00 -4.36
C GLY A 50 -1.92 3.48 -4.20
N CYS A 51 -2.89 2.92 -3.48
CA CYS A 51 -2.90 1.48 -3.25
C CYS A 51 -4.20 0.92 -3.82
N LYS A 52 -5.30 1.55 -3.44
CA LYS A 52 -6.61 1.12 -3.91
C LYS A 52 -6.69 1.29 -5.43
N GLY A 53 -5.90 2.23 -5.93
CA GLY A 53 -5.86 2.51 -7.36
C GLY A 53 -5.32 1.30 -8.13
N CYS A 54 -4.27 0.71 -7.57
CA CYS A 54 -3.64 -0.43 -8.20
C CYS A 54 -4.31 -1.70 -7.65
N HIS A 55 -5.51 -1.52 -7.12
CA HIS A 55 -6.26 -2.64 -6.57
C HIS A 55 -7.57 -2.79 -7.33
N GLU A 56 -8.45 -1.82 -7.15
CA GLU A 56 -9.74 -1.85 -7.80
C GLU A 56 -9.56 -2.09 -9.30
N GLU A 57 -8.63 -1.36 -9.88
CA GLU A 57 -8.35 -1.47 -11.30
C GLU A 57 -8.38 -2.95 -11.72
N MET A 58 -7.80 -3.79 -10.88
CA MET A 58 -7.75 -5.21 -11.17
C MET A 58 -8.87 -5.95 -10.41
N LYS A 59 -9.41 -5.27 -9.42
CA LYS A 59 -10.48 -5.84 -8.61
C LYS A 59 -9.92 -6.98 -7.76
N LYS A 60 -8.81 -6.67 -7.09
CA LYS A 60 -8.16 -7.65 -6.24
C LYS A 60 -7.36 -6.92 -5.16
N GLY A 61 -7.57 -7.37 -3.92
CA GLY A 61 -6.88 -6.77 -2.78
C GLY A 61 -7.87 -6.11 -1.83
N PRO A 62 -7.33 -5.59 -0.73
CA PRO A 62 -8.07 -4.91 0.31
C PRO A 62 -8.69 -3.64 -0.24
N THR A 63 -9.98 -3.69 -0.56
CA THR A 63 -10.66 -2.53 -1.10
C THR A 63 -11.64 -1.96 -0.08
N LYS A 64 -11.90 -2.75 0.95
CA LYS A 64 -12.81 -2.33 2.01
C LYS A 64 -12.00 -1.75 3.16
N CYS A 65 -12.71 -1.05 4.03
CA CYS A 65 -12.08 -0.44 5.20
C CYS A 65 -11.90 -1.52 6.27
N GLY A 66 -12.49 -2.67 6.01
CA GLY A 66 -12.41 -3.78 6.93
C GLY A 66 -11.25 -4.72 6.58
N GLU A 67 -10.56 -4.36 5.51
CA GLU A 67 -9.44 -5.16 5.05
C GLU A 67 -8.12 -4.50 5.44
N CYS A 68 -8.06 -3.20 5.18
CA CYS A 68 -6.86 -2.43 5.50
C CYS A 68 -6.95 -1.98 6.95
N HIS A 69 -8.07 -1.34 7.27
CA HIS A 69 -8.29 -0.86 8.63
C HIS A 69 -9.00 -1.94 9.45
N LYS A 70 -8.22 -2.91 9.88
CA LYS A 70 -8.77 -4.00 10.68
C LYS A 70 -7.62 -4.85 11.22
N LYS A 71 -7.10 -4.44 12.37
CA LYS A 71 -6.01 -5.16 13.00
C LYS A 71 -6.55 -6.43 13.66
CHA HEM B . 9.36 1.69 1.90
CHB HEM B . 12.81 -0.22 -0.95
CHC HEM B . 9.43 -1.75 -4.09
CHD HEM B . 5.99 0.63 -1.45
C1A HEM B . 10.58 1.28 1.40
C2A HEM B . 11.84 1.47 2.08
C3A HEM B . 12.80 0.94 1.30
C4A HEM B . 12.15 0.42 0.12
CMA HEM B . 14.28 0.89 1.55
CAA HEM B . 12.00 2.14 3.41
CBA HEM B . 13.14 3.14 3.47
CGA HEM B . 14.08 2.86 4.64
O1A HEM B . 13.71 3.24 5.77
O2A HEM B . 15.14 2.24 4.38
C1B HEM B . 12.18 -0.72 -2.08
C2B HEM B . 12.88 -1.18 -3.27
C3B HEM B . 11.94 -1.61 -4.13
C4B HEM B . 10.66 -1.43 -3.50
CMB HEM B . 14.37 -1.15 -3.44
CAB HEM B . 12.15 -2.17 -5.51
CBB HEM B . 13.38 -1.62 -6.23
C1C HEM B . 8.14 -1.21 -3.63
C2C HEM B . 6.90 -1.26 -4.38
C3C HEM B . 5.98 -0.59 -3.67
C4C HEM B . 6.62 -0.12 -2.47
CMC HEM B . 6.73 -1.93 -5.71
CAC HEM B . 4.53 -0.35 -4.02
CBC HEM B . 3.87 -1.51 -4.75
C1D HEM B . 6.62 1.12 -0.32
C2D HEM B . 5.96 1.90 0.70
C3D HEM B . 6.89 2.20 1.63
C4D HEM B . 8.14 1.61 1.19
CMD HEM B . 4.51 2.29 0.69
CAD HEM B . 6.72 2.98 2.89
CBD HEM B . 6.56 4.49 2.66
CGD HEM B . 5.10 4.86 2.47
O1D HEM B . 4.24 3.98 2.73
O2D HEM B . 4.86 6.02 2.05
NA HEM B . 10.79 0.63 0.20
NB HEM B . 10.82 -0.89 -2.23
NC HEM B . 7.95 -0.51 -2.45
ND HEM B . 7.95 0.94 -0.01
FE HEM B . 9.28 -0.02 -1.14
CHA HEM C . -2.79 -7.29 -3.13
CHB HEM C . -1.87 -3.76 0.09
CHC HEM C . -0.08 -0.94 -3.47
CHD HEM C . -1.18 -4.43 -6.74
C1A HEM C . -2.62 -6.58 -1.95
C2A HEM C . -2.84 -7.15 -0.64
C3A HEM C . -2.59 -6.16 0.26
C4A HEM C . -2.20 -4.99 -0.49
CMA HEM C . -2.67 -6.24 1.76
CAA HEM C . -3.27 -8.55 -0.36
CBA HEM C . -2.53 -9.60 -1.18
CGA HEM C . -1.80 -10.59 -0.28
O1A HEM C . -0.58 -10.38 -0.07
O2A HEM C . -2.47 -11.54 0.17
C1B HEM C . -1.31 -2.69 -0.61
C2B HEM C . -0.89 -1.45 0.01
C3B HEM C . -0.40 -0.66 -0.98
C4B HEM C . -0.50 -1.42 -2.21
CMB HEM C . -1.02 -1.13 1.47
CAB HEM C . 0.15 0.72 -0.86
CBB HEM C . 1.11 0.92 0.31
C1C HEM C . -0.26 -1.66 -4.70
C2C HEM C . 0.13 -1.16 -5.99
C3C HEM C . -0.16 -2.12 -6.89
C4C HEM C . -0.74 -3.23 -6.15
CMC HEM C . 0.74 0.19 -6.24
CAC HEM C . 0.06 -2.10 -8.37
CBC HEM C . 1.28 -1.31 -8.81
C1D HEM C . -1.72 -5.50 -6.03
C2D HEM C . -2.20 -6.72 -6.64
C3D HEM C . -2.64 -7.51 -5.64
C4D HEM C . -2.44 -6.79 -4.41
CMD HEM C . -2.18 -7.00 -8.11
CAD HEM C . -3.24 -8.88 -5.75
CBD HEM C . -2.33 -10.00 -5.25
CGD HEM C . -0.90 -9.51 -5.07
O1D HEM C . -0.34 -9.02 -6.08
O2D HEM C . -0.40 -9.62 -3.94
NA HEM C . -2.24 -5.26 -1.84
NB HEM C . -1.05 -2.66 -1.96
NC HEM C . -0.80 -2.93 -4.81
ND HEM C . -1.88 -5.56 -4.66
FE HEM C . -1.43 -4.13 -3.45
CHA HEM D . -5.59 6.43 6.53
CHB HEM D . -10.43 6.01 6.34
CHC HEM D . -9.99 2.29 3.23
CHD HEM D . -5.09 2.41 3.82
C1A HEM D . -6.94 6.62 6.74
C2A HEM D . -7.49 7.64 7.61
C3A HEM D . -8.83 7.54 7.56
C4A HEM D . -9.13 6.45 6.66
CMA HEM D . -9.86 8.36 8.28
CAA HEM D . -6.67 8.62 8.41
CBA HEM D . -6.16 8.08 9.73
CGA HEM D . -5.31 9.11 10.46
O1A HEM D . -5.72 9.50 11.57
O2A HEM D . -4.26 9.48 9.89
C1B HEM D . -10.72 4.97 5.45
C2B HEM D . -12.06 4.60 5.06
C3B HEM D . -11.94 3.57 4.20
C4B HEM D . -10.53 3.30 4.05
CMB HEM D . -13.32 5.25 5.56
CAB HEM D . -13.04 2.81 3.51
CBB HEM D . -14.06 3.70 2.81
C1C HEM D . -8.54 2.00 3.05
C2C HEM D . -8.01 0.82 2.44
C3C HEM D . -6.68 0.83 2.65
C4C HEM D . -6.38 2.03 3.40
CMC HEM D . -8.81 -0.22 1.71
CAC HEM D . -5.65 -0.17 2.20
CBC HEM D . -5.74 -0.54 0.73
C1D HEM D . -4.82 3.51 4.63
C2D HEM D . -3.50 3.85 5.12
C3D HEM D . -3.64 4.96 5.86
C4D HEM D . -5.04 5.32 5.86
CMD HEM D . -2.25 3.08 4.81
CAD HEM D . -2.57 5.72 6.59
CBD HEM D . -2.42 5.34 8.07
CGD HEM D . -3.50 6.02 8.91
O1D HEM D . -3.38 7.25 9.11
O2D HEM D . -4.43 5.29 9.33
NA HEM D . -7.97 5.90 6.16
NB HEM D . -9.79 4.17 4.82
NC HEM D . -7.54 2.74 3.64
ND HEM D . -5.76 4.42 5.09
FE HEM D . -7.69 4.28 4.82
N ALA A 1 11.11 -9.18 9.49
CA ALA A 1 9.77 -8.77 9.13
C ALA A 1 9.82 -7.93 7.85
N ASP A 2 10.19 -8.60 6.77
CA ASP A 2 10.29 -7.93 5.48
C ASP A 2 9.02 -7.10 5.23
N ASP A 3 7.96 -7.51 5.90
CA ASP A 3 6.68 -6.83 5.78
C ASP A 3 6.81 -5.41 6.32
N ILE A 4 5.70 -4.70 6.33
CA ILE A 4 5.67 -3.34 6.82
C ILE A 4 4.29 -3.04 7.42
N VAL A 5 4.32 -2.42 8.60
CA VAL A 5 3.08 -2.08 9.29
C VAL A 5 2.99 -0.56 9.42
N PHE A 6 1.79 -0.05 9.20
CA PHE A 6 1.55 1.38 9.30
C PHE A 6 0.52 1.70 10.38
N LYS A 7 1.03 2.10 11.54
CA LYS A 7 0.17 2.43 12.66
C LYS A 7 -1.01 3.26 12.16
N ALA A 8 -2.20 2.86 12.59
CA ALA A 8 -3.41 3.56 12.19
C ALA A 8 -4.36 3.64 13.39
N LYS A 9 -5.15 4.70 13.41
CA LYS A 9 -6.10 4.90 14.48
C LYS A 9 -7.40 4.15 14.17
N ASN A 10 -7.32 3.29 13.16
CA ASN A 10 -8.46 2.51 12.74
C ASN A 10 -8.01 1.07 12.43
N GLY A 11 -6.84 0.73 12.95
CA GLY A 11 -6.29 -0.60 12.73
C GLY A 11 -5.04 -0.53 11.84
N ASP A 12 -4.01 -1.23 12.29
CA ASP A 12 -2.76 -1.26 11.54
C ASP A 12 -3.04 -1.73 10.11
N VAL A 13 -2.40 -1.05 9.17
CA VAL A 13 -2.58 -1.39 7.77
C VAL A 13 -1.33 -2.15 7.27
N LYS A 14 -1.47 -3.46 7.23
CA LYS A 14 -0.37 -4.31 6.79
C LYS A 14 -0.20 -4.15 5.28
N PHE A 15 1.06 -4.21 4.86
CA PHE A 15 1.38 -4.07 3.45
C PHE A 15 2.60 -4.92 3.08
N PRO A 16 2.34 -5.98 2.31
CA PRO A 16 3.33 -6.92 1.85
C PRO A 16 4.33 -6.21 0.94
N HIS A 17 5.46 -5.79 1.50
CA HIS A 17 6.46 -5.09 0.72
C HIS A 17 7.17 -6.08 -0.20
N LYS A 18 7.77 -7.09 0.41
CA LYS A 18 8.48 -8.11 -0.34
C LYS A 18 7.52 -8.77 -1.34
N ALA A 19 6.30 -9.00 -0.88
CA ALA A 19 5.29 -9.62 -1.72
C ALA A 19 5.01 -8.72 -2.92
N HIS A 20 4.73 -7.45 -2.62
CA HIS A 20 4.46 -6.49 -3.67
C HIS A 20 5.70 -6.30 -4.54
N GLN A 21 6.81 -6.80 -4.05
CA GLN A 21 8.07 -6.71 -4.77
C GLN A 21 8.20 -7.84 -5.78
N LYS A 22 7.29 -8.80 -5.66
CA LYS A 22 7.30 -9.95 -6.55
C LYS A 22 6.10 -9.85 -7.51
N ALA A 23 5.12 -9.05 -7.09
CA ALA A 23 3.92 -8.86 -7.89
C ALA A 23 4.15 -7.72 -8.87
N VAL A 24 4.64 -6.60 -8.33
CA VAL A 24 4.90 -5.43 -9.14
C VAL A 24 6.42 -5.20 -9.21
N PRO A 25 6.99 -5.61 -10.35
CA PRO A 25 8.40 -5.49 -10.64
C PRO A 25 8.83 -4.03 -10.49
N ASP A 26 8.39 -3.18 -11.41
CA ASP A 26 8.75 -1.78 -11.36
C ASP A 26 8.34 -1.20 -10.00
N CYS A 27 9.32 -0.66 -9.31
CA CYS A 27 9.08 -0.07 -8.00
C CYS A 27 8.78 1.42 -8.19
N LYS A 28 9.22 1.95 -9.31
CA LYS A 28 9.00 3.34 -9.62
C LYS A 28 7.52 3.67 -9.45
N LYS A 29 6.70 2.63 -9.53
CA LYS A 29 5.27 2.79 -9.38
C LYS A 29 4.95 3.24 -7.95
N CYS A 30 5.86 2.90 -7.04
CA CYS A 30 5.69 3.27 -5.65
C CYS A 30 6.83 4.22 -5.26
N HIS A 31 8.00 3.92 -5.80
CA HIS A 31 9.18 4.74 -5.52
C HIS A 31 9.60 5.48 -6.79
N GLU A 32 8.81 6.49 -7.14
CA GLU A 32 9.09 7.28 -8.32
C GLU A 32 10.43 8.00 -8.17
N LYS A 33 10.64 8.54 -6.98
CA LYS A 33 11.88 9.26 -6.69
C LYS A 33 12.89 8.30 -6.07
N GLY A 34 12.91 7.09 -6.62
CA GLY A 34 13.82 6.08 -6.13
C GLY A 34 13.34 5.48 -4.81
N PRO A 35 13.71 4.22 -4.59
CA PRO A 35 13.36 3.47 -3.41
C PRO A 35 13.60 4.31 -2.17
N GLY A 36 12.73 4.17 -1.18
CA GLY A 36 12.88 4.93 0.05
C GLY A 36 11.51 5.23 0.67
N LYS A 37 11.48 6.29 1.48
CA LYS A 37 10.24 6.69 2.14
C LYS A 37 9.42 7.55 1.18
N ILE A 38 8.16 7.73 1.55
CA ILE A 38 7.25 8.53 0.73
C ILE A 38 6.70 9.69 1.57
N GLU A 39 7.41 10.80 1.51
CA GLU A 39 7.01 11.99 2.25
C GLU A 39 5.74 12.59 1.63
N GLY A 40 4.61 12.26 2.24
CA GLY A 40 3.34 12.77 1.78
C GLY A 40 2.29 11.66 1.74
N PHE A 41 2.76 10.44 1.91
CA PHE A 41 1.87 9.29 1.91
C PHE A 41 0.75 9.45 2.93
N GLY A 42 -0.22 8.55 2.86
CA GLY A 42 -1.35 8.58 3.76
C GLY A 42 -2.67 8.32 3.02
N LYS A 43 -3.75 8.33 3.78
CA LYS A 43 -5.06 8.09 3.21
C LYS A 43 -5.11 8.69 1.80
N GLU A 44 -4.47 9.84 1.64
CA GLU A 44 -4.43 10.51 0.36
C GLU A 44 -4.32 9.49 -0.77
N MET A 45 -3.11 8.97 -0.94
CA MET A 45 -2.86 7.98 -1.98
C MET A 45 -3.38 6.61 -1.56
N ALA A 46 -3.12 6.26 -0.31
CA ALA A 46 -3.55 4.98 0.22
C ALA A 46 -5.01 4.73 -0.20
N HIS A 47 -5.72 5.81 -0.43
CA HIS A 47 -7.11 5.72 -0.84
C HIS A 47 -7.23 5.96 -2.34
N GLY A 48 -6.72 7.11 -2.77
CA GLY A 48 -6.77 7.47 -4.18
C GLY A 48 -6.04 6.42 -5.03
N LYS A 49 -5.39 6.91 -6.08
CA LYS A 49 -4.64 6.04 -6.98
C LYS A 49 -3.30 5.70 -6.33
N GLY A 50 -3.36 5.20 -5.11
CA GLY A 50 -2.16 4.83 -4.39
C GLY A 50 -2.08 3.31 -4.19
N CYS A 51 -3.04 2.79 -3.44
CA CYS A 51 -3.09 1.36 -3.18
C CYS A 51 -4.40 0.82 -3.75
N LYS A 52 -5.49 1.47 -3.38
CA LYS A 52 -6.79 1.05 -3.85
C LYS A 52 -6.86 1.20 -5.37
N GLY A 53 -6.05 2.11 -5.88
CA GLY A 53 -6.00 2.35 -7.31
C GLY A 53 -5.41 1.15 -8.06
N CYS A 54 -4.36 0.59 -7.48
CA CYS A 54 -3.71 -0.57 -8.07
C CYS A 54 -4.36 -1.84 -7.51
N HIS A 55 -5.57 -1.65 -6.98
CA HIS A 55 -6.31 -2.77 -6.41
C HIS A 55 -7.63 -2.94 -7.16
N GLU A 56 -8.52 -1.98 -6.96
CA GLU A 56 -9.82 -2.01 -7.60
C GLU A 56 -9.65 -2.25 -9.10
N GLU A 57 -8.74 -1.50 -9.69
CA GLU A 57 -8.48 -1.61 -11.12
C GLU A 57 -8.20 -3.07 -11.49
N MET A 58 -7.61 -3.79 -10.54
CA MET A 58 -7.28 -5.18 -10.75
C MET A 58 -8.36 -6.10 -10.16
N LYS A 59 -9.15 -5.52 -9.26
CA LYS A 59 -10.22 -6.27 -8.62
C LYS A 59 -9.61 -7.35 -7.72
N LYS A 60 -8.67 -6.92 -6.88
CA LYS A 60 -8.01 -7.84 -5.98
C LYS A 60 -7.22 -7.04 -4.93
N GLY A 61 -7.44 -7.40 -3.67
CA GLY A 61 -6.76 -6.74 -2.58
C GLY A 61 -7.76 -6.07 -1.64
N PRO A 62 -7.24 -5.53 -0.54
CA PRO A 62 -7.99 -4.86 0.49
C PRO A 62 -8.60 -3.58 -0.09
N THR A 63 -9.85 -3.65 -0.50
CA THR A 63 -10.53 -2.49 -1.06
C THR A 63 -11.51 -1.90 -0.06
N LYS A 64 -11.88 -2.73 0.91
CA LYS A 64 -12.81 -2.30 1.94
C LYS A 64 -12.03 -1.70 3.12
N CYS A 65 -12.75 -0.99 3.98
CA CYS A 65 -12.14 -0.38 5.14
C CYS A 65 -11.94 -1.45 6.21
N GLY A 66 -12.54 -2.60 5.95
CA GLY A 66 -12.45 -3.71 6.89
C GLY A 66 -11.32 -4.67 6.49
N GLU A 67 -10.62 -4.30 5.42
CA GLU A 67 -9.53 -5.12 4.93
C GLU A 67 -8.18 -4.48 5.30
N CYS A 68 -8.12 -3.17 5.12
CA CYS A 68 -6.90 -2.44 5.43
C CYS A 68 -6.96 -2.01 6.89
N HIS A 69 -8.05 -1.35 7.25
CA HIS A 69 -8.24 -0.89 8.61
C HIS A 69 -8.91 -1.98 9.43
N LYS A 70 -8.08 -2.92 9.91
CA LYS A 70 -8.57 -4.01 10.70
C LYS A 70 -7.39 -4.79 11.30
N LYS A 71 -6.94 -4.33 12.45
CA LYS A 71 -5.82 -4.95 13.12
C LYS A 71 -6.35 -6.06 14.04
CHA HEM B . 9.22 1.76 1.92
CHB HEM B . 12.72 -0.05 -0.94
CHC HEM B . 9.35 -1.69 -4.05
CHD HEM B . 5.87 0.62 -1.42
C1A HEM B . 10.45 1.38 1.42
C2A HEM B . 11.71 1.60 2.10
C3A HEM B . 12.69 1.09 1.31
C4A HEM B . 12.05 0.56 0.14
CMA HEM B . 14.17 1.08 1.56
CAA HEM B . 11.86 2.27 3.44
CBA HEM B . 12.64 3.58 3.40
CGA HEM B . 13.40 3.81 4.69
O1A HEM B . 12.88 4.57 5.53
O2A HEM B . 14.49 3.21 4.82
C1B HEM B . 12.09 -0.59 -2.06
C2B HEM B . 12.79 -1.03 -3.24
C3B HEM B . 11.86 -1.49 -4.11
C4B HEM B . 10.58 -1.33 -3.47
CMB HEM B . 14.28 -0.97 -3.43
CAB HEM B . 12.08 -2.05 -5.48
CBB HEM B . 13.29 -1.48 -6.21
C1C HEM B . 8.05 -1.17 -3.59
C2C HEM B . 6.82 -1.23 -4.36
C3C HEM B . 5.88 -0.58 -3.65
C4C HEM B . 6.52 -0.11 -2.43
CMC HEM B . 6.67 -1.90 -5.69
CAC HEM B . 4.45 -0.34 -4.00
CBC HEM B . 3.78 -1.53 -4.69
C1D HEM B . 6.49 1.13 -0.29
C2D HEM B . 5.82 1.89 0.74
C3D HEM B . 6.75 2.21 1.67
C4D HEM B . 8.00 1.65 1.23
CMD HEM B . 4.36 2.24 0.74
CAD HEM B . 6.56 3.00 2.94
CBD HEM B . 7.17 4.39 2.89
CGD HEM B . 6.89 5.15 4.19
O1D HEM B . 7.85 5.32 4.97
O2D HEM B . 5.72 5.54 4.38
NA HEM B . 10.68 0.75 0.21
NB HEM B . 10.73 -0.78 -2.21
NC HEM B . 7.85 -0.48 -2.41
ND HEM B . 7.84 0.98 0.03
FE HEM B . 9.16 0.05 -1.09
CHA HEM C . -2.75 -7.32 -2.95
CHB HEM C . -1.85 -3.71 0.18
CHC HEM C . -0.25 -0.91 -3.47
CHD HEM C . -1.23 -4.51 -6.63
C1A HEM C . -2.58 -6.58 -1.79
C2A HEM C . -2.81 -7.11 -0.46
C3A HEM C . -2.56 -6.12 0.42
C4A HEM C . -2.18 -4.96 -0.36
CMA HEM C . -2.64 -6.15 1.91
CAA HEM C . -3.23 -8.53 -0.15
CBA HEM C . -2.47 -9.59 -0.94
CGA HEM C . -1.87 -10.63 -0.01
O1A HEM C . -1.45 -10.22 1.10
O2A HEM C . -1.83 -11.81 -0.43
C1B HEM C . -1.33 -2.64 -0.54
C2B HEM C . -0.94 -1.38 0.03
C3B HEM C . -0.50 -0.60 -0.98
C4B HEM C . -0.61 -1.38 -2.20
CMB HEM C . -1.02 -1.03 1.49
CAB HEM C . 0.02 0.80 -0.91
CBB HEM C . 0.88 1.08 0.33
C1C HEM C . -0.26 -1.71 -4.65
C2C HEM C . 0.10 -1.24 -5.96
C3C HEM C . -0.22 -2.22 -6.84
C4C HEM C . -0.78 -3.30 -6.09
CMC HEM C . 0.70 0.10 -6.26
CAC HEM C . -0.05 -2.20 -8.33
CBC HEM C . 1.26 -1.58 -8.81
C1D HEM C . -1.76 -5.58 -5.90
C2D HEM C . -2.26 -6.79 -6.49
C3D HEM C . -2.68 -7.57 -5.47
C4D HEM C . -2.45 -6.85 -4.24
CMD HEM C . -2.30 -7.09 -7.95
CAD HEM C . -3.29 -8.95 -5.54
CBD HEM C . -2.38 -10.06 -5.03
CGD HEM C . -1.88 -10.92 -6.17
O1D HEM C . -1.37 -10.34 -7.15
O2D HEM C . -2.01 -12.16 -6.04
NA HEM C . -2.20 -5.26 -1.71
NB HEM C . -1.12 -2.63 -1.92
NC HEM C . -0.80 -2.99 -4.74
ND HEM C . -1.87 -5.61 -4.53
FE HEM C . -1.41 -4.16 -3.35
CHA HEM D . -5.64 6.46 6.54
CHB HEM D . -10.48 6.01 6.38
CHC HEM D . -10.05 2.29 3.26
CHD HEM D . -5.14 2.43 3.85
C1A HEM D . -6.99 6.65 6.76
C2A HEM D . -7.55 7.67 7.61
C3A HEM D . -8.89 7.55 7.58
C4A HEM D . -9.19 6.45 6.69
CMA HEM D . -9.92 8.38 8.30
CAA HEM D . -6.73 8.68 8.39
CBA HEM D . -6.21 8.14 9.73
CGA HEM D . -5.41 9.21 10.46
O1A HEM D . -4.36 8.84 11.03
O2A HEM D . -5.87 10.38 10.44
C1B HEM D . -10.77 4.98 5.48
C2B HEM D . -12.11 4.63 5.06
C3B HEM D . -11.99 3.60 4.19
C4B HEM D . -10.58 3.30 4.08
CMB HEM D . -13.37 5.31 5.52
CAB HEM D . -13.09 2.87 3.47
CBB HEM D . -14.09 3.79 2.78
C1C HEM D . -8.60 2.00 3.10
C2C HEM D . -8.04 0.83 2.45
C3C HEM D . -6.71 0.86 2.65
C4C HEM D . -6.42 2.04 3.42
CMC HEM D . -8.85 -0.19 1.70
CAC HEM D . -5.68 -0.13 2.18
CBC HEM D . -5.81 -0.49 0.70
C1D HEM D . -4.87 3.54 4.65
C2D HEM D . -3.55 3.90 5.11
C3D HEM D . -3.68 5.02 5.86
C4D HEM D . -5.09 5.36 5.87
CMD HEM D . -2.29 3.15 4.78
CAD HEM D . -2.61 5.79 6.55
CBD HEM D . -2.09 5.13 7.83
CGD HEM D . -0.57 5.10 7.84
O1D HEM D . -0.01 5.53 8.87
O2D HEM D . -0.01 4.62 6.84
NA HEM D . -8.02 5.91 6.19
NB HEM D . -9.84 4.16 4.87
NC HEM D . -7.59 2.74 3.70
ND HEM D . -5.80 4.43 5.12
FE HEM D . -7.73 4.29 4.86
N ALA A 1 11.19 -10.82 8.73
CA ALA A 1 10.18 -9.78 8.61
C ALA A 1 10.04 -9.38 7.14
N ASP A 2 10.54 -8.19 6.84
CA ASP A 2 10.47 -7.68 5.47
C ASP A 2 9.13 -6.96 5.27
N ASP A 3 8.15 -7.36 6.08
CA ASP A 3 6.83 -6.77 5.99
C ASP A 3 6.91 -5.28 6.37
N ILE A 4 5.75 -4.65 6.39
CA ILE A 4 5.68 -3.23 6.74
C ILE A 4 4.29 -2.93 7.32
N VAL A 5 4.30 -2.36 8.52
CA VAL A 5 3.05 -2.01 9.19
C VAL A 5 2.96 -0.49 9.31
N PHE A 6 1.77 0.02 9.07
CA PHE A 6 1.54 1.46 9.16
C PHE A 6 0.48 1.77 10.22
N LYS A 7 0.98 2.18 11.39
CA LYS A 7 0.10 2.52 12.50
C LYS A 7 -1.11 3.29 11.96
N ALA A 8 -2.29 2.81 12.35
CA ALA A 8 -3.52 3.44 11.91
C ALA A 8 -4.44 3.63 13.12
N LYS A 9 -5.27 4.67 13.03
CA LYS A 9 -6.19 4.98 14.10
C LYS A 9 -7.48 4.16 13.92
N ASN A 10 -7.39 3.17 13.05
CA ASN A 10 -8.53 2.31 12.77
C ASN A 10 -8.03 0.91 12.43
N GLY A 11 -6.85 0.60 12.92
CA GLY A 11 -6.26 -0.71 12.67
C GLY A 11 -5.02 -0.58 11.78
N ASP A 12 -3.96 -1.26 12.20
CA ASP A 12 -2.72 -1.24 11.44
C ASP A 12 -2.98 -1.73 10.02
N VAL A 13 -2.35 -1.05 9.07
CA VAL A 13 -2.51 -1.42 7.67
C VAL A 13 -1.26 -2.17 7.20
N LYS A 14 -1.39 -3.49 7.17
CA LYS A 14 -0.28 -4.34 6.74
C LYS A 14 -0.10 -4.20 5.23
N PHE A 15 1.16 -4.26 4.82
CA PHE A 15 1.49 -4.14 3.40
C PHE A 15 2.70 -4.99 3.05
N PRO A 16 2.45 -6.07 2.31
CA PRO A 16 3.46 -7.02 1.87
C PRO A 16 4.44 -6.31 0.94
N HIS A 17 5.53 -5.84 1.51
CA HIS A 17 6.54 -5.15 0.72
C HIS A 17 7.28 -6.16 -0.17
N LYS A 18 7.88 -7.14 0.47
CA LYS A 18 8.62 -8.17 -0.23
C LYS A 18 7.68 -8.85 -1.24
N ALA A 19 6.45 -9.07 -0.80
CA ALA A 19 5.46 -9.70 -1.65
C ALA A 19 5.17 -8.81 -2.86
N HIS A 20 4.84 -7.56 -2.57
CA HIS A 20 4.55 -6.61 -3.62
C HIS A 20 5.79 -6.40 -4.50
N GLN A 21 6.92 -6.83 -3.96
CA GLN A 21 8.19 -6.70 -4.68
C GLN A 21 8.32 -7.81 -5.72
N LYS A 22 7.43 -8.80 -5.62
CA LYS A 22 7.44 -9.92 -6.54
C LYS A 22 6.26 -9.79 -7.49
N ALA A 23 5.17 -9.27 -6.96
CA ALA A 23 3.96 -9.09 -7.76
C ALA A 23 4.18 -7.96 -8.76
N VAL A 24 4.63 -6.83 -8.25
CA VAL A 24 4.88 -5.67 -9.09
C VAL A 24 6.38 -5.59 -9.41
N PRO A 25 6.66 -5.27 -10.68
CA PRO A 25 8.00 -5.15 -11.20
C PRO A 25 8.56 -3.77 -10.88
N ASP A 26 8.49 -2.86 -11.84
CA ASP A 26 8.99 -1.52 -11.62
C ASP A 26 8.53 -1.01 -10.24
N CYS A 27 9.50 -0.54 -9.47
CA CYS A 27 9.20 -0.03 -8.14
C CYS A 27 8.84 1.45 -8.26
N LYS A 28 9.31 2.05 -9.35
CA LYS A 28 9.03 3.46 -9.60
C LYS A 28 7.55 3.73 -9.40
N LYS A 29 6.76 2.68 -9.55
CA LYS A 29 5.32 2.78 -9.39
C LYS A 29 5.00 3.26 -7.97
N CYS A 30 5.85 2.84 -7.04
CA CYS A 30 5.66 3.22 -5.65
C CYS A 30 6.80 4.16 -5.25
N HIS A 31 7.96 3.91 -5.84
CA HIS A 31 9.13 4.72 -5.56
C HIS A 31 9.52 5.51 -6.81
N GLU A 32 8.58 6.30 -7.29
CA GLU A 32 8.81 7.11 -8.48
C GLU A 32 10.05 7.98 -8.29
N LYS A 33 10.17 8.53 -7.10
CA LYS A 33 11.31 9.38 -6.78
C LYS A 33 12.42 8.54 -6.15
N GLY A 34 12.57 7.34 -6.69
CA GLY A 34 13.59 6.42 -6.19
C GLY A 34 13.16 5.80 -4.85
N PRO A 35 13.81 4.68 -4.52
CA PRO A 35 13.58 3.93 -3.31
C PRO A 35 13.66 4.86 -2.10
N GLY A 36 13.09 4.44 -0.98
CA GLY A 36 13.12 5.25 0.22
C GLY A 36 11.71 5.52 0.74
N LYS A 37 11.62 6.49 1.64
CA LYS A 37 10.33 6.86 2.22
C LYS A 37 9.53 7.66 1.20
N ILE A 38 8.23 7.75 1.45
CA ILE A 38 7.35 8.49 0.56
C ILE A 38 6.76 9.68 1.32
N GLU A 39 7.53 10.76 1.32
CA GLU A 39 7.11 11.97 2.00
C GLU A 39 5.86 12.55 1.34
N GLY A 40 4.73 12.32 1.99
CA GLY A 40 3.46 12.80 1.48
C GLY A 40 2.41 11.69 1.49
N PHE A 41 2.88 10.48 1.72
CA PHE A 41 1.99 9.32 1.77
C PHE A 41 0.88 9.53 2.80
N GLY A 42 -0.16 8.70 2.68
CA GLY A 42 -1.28 8.78 3.59
C GLY A 42 -2.59 8.42 2.88
N LYS A 43 -3.64 8.29 3.68
CA LYS A 43 -4.95 7.96 3.14
C LYS A 43 -5.07 8.52 1.72
N GLU A 44 -4.61 9.75 1.57
CA GLU A 44 -4.66 10.42 0.28
C GLU A 44 -4.40 9.41 -0.85
N MET A 45 -3.17 8.92 -0.90
CA MET A 45 -2.79 7.96 -1.91
C MET A 45 -3.28 6.55 -1.54
N ALA A 46 -3.05 6.18 -0.30
CA ALA A 46 -3.46 4.87 0.18
C ALA A 46 -4.91 4.62 -0.23
N HIS A 47 -5.63 5.70 -0.45
CA HIS A 47 -7.02 5.60 -0.85
C HIS A 47 -7.14 5.84 -2.36
N GLY A 48 -6.61 6.97 -2.80
CA GLY A 48 -6.64 7.32 -4.20
C GLY A 48 -5.93 6.26 -5.06
N LYS A 49 -5.17 6.74 -6.03
CA LYS A 49 -4.44 5.85 -6.92
C LYS A 49 -3.11 5.47 -6.26
N GLY A 50 -3.21 5.04 -5.01
CA GLY A 50 -2.01 4.64 -4.27
C GLY A 50 -1.97 3.12 -4.07
N CYS A 51 -3.00 2.63 -3.38
CA CYS A 51 -3.08 1.19 -3.12
C CYS A 51 -4.38 0.67 -3.74
N LYS A 52 -5.48 1.29 -3.34
CA LYS A 52 -6.79 0.90 -3.86
C LYS A 52 -6.81 1.10 -5.37
N GLY A 53 -5.92 1.95 -5.84
CA GLY A 53 -5.82 2.24 -7.26
C GLY A 53 -5.33 1.02 -8.05
N CYS A 54 -4.21 0.48 -7.59
CA CYS A 54 -3.62 -0.69 -8.22
C CYS A 54 -4.24 -1.94 -7.60
N HIS A 55 -5.47 -1.77 -7.11
CA HIS A 55 -6.17 -2.89 -6.49
C HIS A 55 -7.50 -3.12 -7.22
N GLU A 56 -8.40 -2.15 -7.07
CA GLU A 56 -9.70 -2.24 -7.70
C GLU A 56 -9.55 -2.48 -9.21
N GLU A 57 -8.68 -1.67 -9.81
CA GLU A 57 -8.44 -1.78 -11.24
C GLU A 57 -8.34 -3.25 -11.65
N MET A 58 -7.71 -4.04 -10.79
CA MET A 58 -7.55 -5.46 -11.04
C MET A 58 -8.63 -6.27 -10.33
N LYS A 59 -9.24 -5.65 -9.34
CA LYS A 59 -10.28 -6.30 -8.57
C LYS A 59 -9.67 -7.41 -7.72
N LYS A 60 -8.62 -7.05 -6.99
CA LYS A 60 -7.94 -7.99 -6.13
C LYS A 60 -7.14 -7.24 -5.06
N GLY A 61 -7.42 -7.58 -3.82
CA GLY A 61 -6.74 -6.95 -2.70
C GLY A 61 -7.76 -6.28 -1.75
N PRO A 62 -7.23 -5.77 -0.64
CA PRO A 62 -8.00 -5.08 0.38
C PRO A 62 -8.60 -3.82 -0.19
N THR A 63 -9.85 -3.90 -0.63
CA THR A 63 -10.53 -2.75 -1.19
C THR A 63 -11.57 -2.20 -0.22
N LYS A 64 -11.66 -2.86 0.94
CA LYS A 64 -12.60 -2.46 1.96
C LYS A 64 -11.85 -1.87 3.15
N CYS A 65 -12.60 -1.18 4.01
CA CYS A 65 -12.00 -0.57 5.18
C CYS A 65 -11.85 -1.65 6.27
N GLY A 66 -12.41 -2.81 5.97
CA GLY A 66 -12.33 -3.92 6.91
C GLY A 66 -11.22 -4.90 6.52
N GLU A 67 -10.49 -4.53 5.48
CA GLU A 67 -9.40 -5.35 4.99
C GLU A 67 -8.06 -4.69 5.29
N CYS A 68 -8.01 -3.38 5.05
CA CYS A 68 -6.80 -2.62 5.28
C CYS A 68 -6.78 -2.18 6.75
N HIS A 69 -7.88 -1.55 7.15
CA HIS A 69 -8.01 -1.08 8.52
C HIS A 69 -8.61 -2.19 9.39
N LYS A 70 -7.74 -3.10 9.81
CA LYS A 70 -8.18 -4.20 10.65
C LYS A 70 -6.95 -4.96 11.16
N LYS A 71 -6.26 -4.34 12.10
CA LYS A 71 -5.07 -4.94 12.67
C LYS A 71 -5.30 -6.43 12.88
CHA HEM B . 9.21 1.74 1.81
CHB HEM B . 12.74 -0.09 -1.00
CHC HEM B . 9.41 -1.74 -4.15
CHD HEM B . 5.90 0.55 -1.54
C1A HEM B . 10.46 1.35 1.33
C2A HEM B . 11.71 1.57 2.03
C3A HEM B . 12.68 1.06 1.25
C4A HEM B . 12.06 0.53 0.06
CMA HEM B . 14.16 1.04 1.51
CAA HEM B . 11.84 2.24 3.35
CBA HEM B . 12.48 3.62 3.30
CGA HEM B . 13.04 4.02 4.65
O1A HEM B . 12.23 4.11 5.60
O2A HEM B . 14.28 4.23 4.72
C1B HEM B . 12.13 -0.62 -2.13
C2B HEM B . 12.84 -1.03 -3.32
C3B HEM B . 11.92 -1.49 -4.19
C4B HEM B . 10.63 -1.37 -3.56
CMB HEM B . 14.33 -0.95 -3.50
CAB HEM B . 12.15 -2.03 -5.57
CBB HEM B . 13.36 -1.44 -6.28
C1C HEM B . 8.11 -1.22 -3.71
C2C HEM B . 6.89 -1.30 -4.46
C3C HEM B . 5.94 -0.66 -3.75
C4C HEM B . 6.56 -0.18 -2.55
CMC HEM B . 6.75 -1.98 -5.80
CAC HEM B . 4.49 -0.47 -4.11
CBC HEM B . 3.86 -1.65 -4.84
C1D HEM B . 6.51 1.08 -0.41
C2D HEM B . 5.82 1.83 0.61
C3D HEM B . 6.74 2.16 1.54
C4D HEM B . 8.01 1.61 1.11
CMD HEM B . 4.36 2.17 0.59
CAD HEM B . 6.54 2.96 2.80
CBD HEM B . 7.14 4.35 2.76
CGD HEM B . 6.90 5.10 4.07
O1D HEM B . 7.87 5.21 4.85
O2D HEM B . 5.74 5.53 4.26
NA HEM B . 10.68 0.71 0.12
NB HEM B . 10.77 -0.83 -2.29
NC HEM B . 7.90 -0.52 -2.52
ND HEM B . 7.85 0.94 -0.09
FE HEM B . 9.18 0.01 -1.19
CHA HEM C . -2.69 -7.52 -2.98
CHB HEM C . -1.82 -3.90 0.17
CHC HEM C . -0.20 -1.10 -3.48
CHD HEM C . -1.08 -4.73 -6.64
C1A HEM C . -2.55 -6.78 -1.82
C2A HEM C . -2.79 -7.31 -0.49
C3A HEM C . -2.55 -6.30 0.38
C4A HEM C . -2.16 -5.15 -0.38
CMA HEM C . -2.66 -6.35 1.89
CAA HEM C . -3.22 -8.72 -0.19
CBA HEM C . -2.45 -9.78 -0.96
CGA HEM C . -1.98 -10.89 -0.04
O1A HEM C . -1.96 -12.05 -0.50
O2A HEM C . -1.64 -10.55 1.12
C1B HEM C . -1.31 -2.83 -0.56
C2B HEM C . -0.93 -1.57 0.02
C3B HEM C . -0.49 -0.78 -0.99
C4B HEM C . -0.58 -1.57 -2.21
CMB HEM C . -1.04 -1.22 1.48
CAB HEM C . 0.02 0.62 -0.91
CBB HEM C . 0.97 0.88 0.25
C1C HEM C . -0.23 -1.89 -4.66
C2C HEM C . 0.13 -1.41 -5.97
C3C HEM C . -0.14 -2.40 -6.85
C4C HEM C . -0.67 -3.51 -6.08
CMC HEM C . 0.70 -0.05 -6.26
CAC HEM C . 0.06 -2.40 -8.33
CBC HEM C . 1.17 -1.46 -8.81
C1D HEM C . -1.62 -5.79 -5.91
C2D HEM C . -2.10 -7.02 -6.50
C3D HEM C . -2.54 -7.79 -5.49
C4D HEM C . -2.35 -7.05 -4.27
CMD HEM C . -2.08 -7.33 -7.97
CAD HEM C . -3.14 -9.17 -5.57
CBD HEM C . -2.24 -10.26 -5.00
CGD HEM C . -1.62 -11.10 -6.11
O1D HEM C . -1.96 -12.30 -6.18
O2D HEM C . -0.81 -10.52 -6.87
NA HEM C . -2.16 -5.46 -1.73
NB HEM C . -1.09 -2.82 -1.93
NC HEM C . -0.73 -3.18 -4.74
ND HEM C . -1.78 -5.82 -4.54
FE HEM C . -1.35 -4.38 -3.36
CHA HEM D . -5.55 6.29 6.51
CHB HEM D . -10.39 5.81 6.39
CHC HEM D . -9.96 2.13 3.23
CHD HEM D . -5.06 2.29 3.78
C1A HEM D . -6.90 6.48 6.73
C2A HEM D . -7.45 7.51 7.58
C3A HEM D . -8.80 7.38 7.55
C4A HEM D . -9.10 6.27 6.69
CMA HEM D . -9.82 8.21 8.27
CAA HEM D . -6.64 8.51 8.34
CBA HEM D . -6.14 8.01 9.70
CGA HEM D . -5.35 9.09 10.43
O1A HEM D . -5.93 10.19 10.62
O2A HEM D . -4.19 8.81 10.77
C1B HEM D . -10.68 4.79 5.49
C2B HEM D . -12.02 4.43 5.09
C3B HEM D . -11.91 3.40 4.21
C4B HEM D . -10.49 3.13 4.06
CMB HEM D . -13.28 5.09 5.57
CAB HEM D . -13.00 2.67 3.50
CBB HEM D . -14.03 3.58 2.83
C1C HEM D . -8.52 1.87 3.03
C2C HEM D . -7.97 0.71 2.37
C3C HEM D . -6.63 0.73 2.57
C4C HEM D . -6.33 1.90 3.36
CMC HEM D . -8.76 -0.30 1.59
CAC HEM D . -5.60 -0.25 2.07
CBC HEM D . -5.71 -0.57 0.58
C1D HEM D . -4.78 3.39 4.59
C2D HEM D . -3.46 3.76 5.03
C3D HEM D . -3.59 4.87 5.78
C4D HEM D . -5.00 5.20 5.82
CMD HEM D . -2.20 3.02 4.69
CAD HEM D . -2.52 5.65 6.48
CBD HEM D . -2.25 5.21 7.91
CGD HEM D . -2.70 6.27 8.90
O1D HEM D . -2.35 7.45 8.68
O2D HEM D . -3.40 5.89 9.87
NA HEM D . -7.93 5.72 6.18
NB HEM D . -9.75 3.99 4.86
NC HEM D . -7.51 2.59 3.65
ND HEM D . -5.72 4.28 5.08
FE HEM D . -7.66 4.12 4.82
N ALA A 1 11.12 -9.38 9.38
CA ALA A 1 9.77 -8.90 9.12
C ALA A 1 9.77 -8.06 7.84
N ASP A 2 10.11 -8.71 6.73
CA ASP A 2 10.14 -8.03 5.46
C ASP A 2 8.86 -7.23 5.26
N ASP A 3 7.82 -7.66 5.97
CA ASP A 3 6.54 -6.99 5.89
C ASP A 3 6.67 -5.56 6.41
N ILE A 4 5.54 -4.87 6.46
CA ILE A 4 5.53 -3.50 6.93
C ILE A 4 4.15 -3.18 7.52
N VAL A 5 4.17 -2.57 8.70
CA VAL A 5 2.93 -2.22 9.37
C VAL A 5 2.89 -0.70 9.58
N PHE A 6 1.72 -0.14 9.33
CA PHE A 6 1.53 1.30 9.47
C PHE A 6 0.51 1.61 10.57
N LYS A 7 1.02 1.93 11.74
CA LYS A 7 0.17 2.24 12.88
C LYS A 7 -0.97 3.14 12.41
N ALA A 8 -2.19 2.69 12.68
CA ALA A 8 -3.38 3.44 12.29
C ALA A 8 -4.32 3.56 13.49
N LYS A 9 -5.01 4.68 13.55
CA LYS A 9 -5.95 4.93 14.64
C LYS A 9 -7.29 4.28 14.31
N ASN A 10 -7.27 3.45 13.28
CA ASN A 10 -8.49 2.77 12.84
C ASN A 10 -8.12 1.34 12.43
N GLY A 11 -6.97 0.89 12.89
CA GLY A 11 -6.50 -0.45 12.58
C GLY A 11 -5.21 -0.40 11.77
N ASP A 12 -4.26 -1.25 12.17
CA ASP A 12 -2.98 -1.31 11.49
C ASP A 12 -3.20 -1.74 10.04
N VAL A 13 -2.52 -1.04 9.14
CA VAL A 13 -2.64 -1.34 7.72
C VAL A 13 -1.39 -2.10 7.26
N LYS A 14 -1.57 -3.41 7.09
CA LYS A 14 -0.48 -4.26 6.67
C LYS A 14 -0.23 -4.05 5.17
N PHE A 15 1.04 -4.18 4.79
CA PHE A 15 1.42 -4.01 3.40
C PHE A 15 2.64 -4.86 3.05
N PRO A 16 2.39 -5.92 2.28
CA PRO A 16 3.40 -6.86 1.83
C PRO A 16 4.38 -6.16 0.91
N HIS A 17 5.51 -5.74 1.47
CA HIS A 17 6.52 -5.05 0.68
C HIS A 17 7.20 -6.05 -0.26
N LYS A 18 7.78 -7.07 0.33
CA LYS A 18 8.48 -8.10 -0.43
C LYS A 18 7.49 -8.74 -1.41
N ALA A 19 6.30 -9.05 -0.90
CA ALA A 19 5.28 -9.66 -1.71
C ALA A 19 4.98 -8.77 -2.91
N HIS A 20 4.83 -7.48 -2.63
CA HIS A 20 4.54 -6.51 -3.68
C HIS A 20 5.77 -6.34 -4.57
N GLN A 21 6.89 -6.85 -4.08
CA GLN A 21 8.14 -6.76 -4.81
C GLN A 21 8.24 -7.90 -5.84
N LYS A 22 7.34 -8.86 -5.68
CA LYS A 22 7.31 -10.01 -6.58
C LYS A 22 6.10 -9.89 -7.52
N ALA A 23 5.15 -9.07 -7.10
CA ALA A 23 3.94 -8.86 -7.88
C ALA A 23 4.17 -7.71 -8.85
N VAL A 24 4.71 -6.62 -8.32
CA VAL A 24 4.98 -5.44 -9.12
C VAL A 24 6.50 -5.28 -9.29
N PRO A 25 6.97 -5.65 -10.48
CA PRO A 25 8.36 -5.58 -10.86
C PRO A 25 8.87 -4.16 -10.68
N ASP A 26 8.41 -3.25 -11.54
CA ASP A 26 8.83 -1.86 -11.45
C ASP A 26 8.43 -1.29 -10.09
N CYS A 27 9.42 -0.73 -9.41
CA CYS A 27 9.19 -0.14 -8.09
C CYS A 27 8.90 1.34 -8.27
N LYS A 28 9.35 1.87 -9.40
CA LYS A 28 9.14 3.27 -9.71
C LYS A 28 7.67 3.63 -9.51
N LYS A 29 6.83 2.60 -9.58
CA LYS A 29 5.40 2.78 -9.41
C LYS A 29 5.12 3.25 -7.97
N CYS A 30 6.01 2.86 -7.07
CA CYS A 30 5.87 3.22 -5.67
C CYS A 30 7.03 4.16 -5.31
N HIS A 31 8.18 3.87 -5.89
CA HIS A 31 9.37 4.66 -5.62
C HIS A 31 9.79 5.39 -6.91
N GLU A 32 8.92 6.29 -7.36
CA GLU A 32 9.18 7.05 -8.56
C GLU A 32 10.35 8.01 -8.34
N LYS A 33 10.41 8.55 -7.13
CA LYS A 33 11.46 9.48 -6.78
C LYS A 33 12.63 8.72 -6.14
N GLY A 34 12.70 7.44 -6.48
CA GLY A 34 13.75 6.59 -5.95
C GLY A 34 13.30 5.88 -4.67
N PRO A 35 13.96 4.75 -4.39
CA PRO A 35 13.69 3.92 -3.23
C PRO A 35 13.72 4.78 -1.98
N GLY A 36 12.99 4.36 -0.95
CA GLY A 36 12.95 5.11 0.29
C GLY A 36 11.50 5.41 0.70
N LYS A 37 11.37 6.21 1.75
CA LYS A 37 10.06 6.58 2.24
C LYS A 37 9.36 7.47 1.20
N ILE A 38 8.08 7.70 1.45
CA ILE A 38 7.29 8.53 0.55
C ILE A 38 6.72 9.72 1.32
N GLU A 39 7.49 10.78 1.36
CA GLU A 39 7.08 11.99 2.07
C GLU A 39 5.81 12.57 1.43
N GLY A 40 4.68 12.29 2.06
CA GLY A 40 3.42 12.78 1.55
C GLY A 40 2.36 11.68 1.57
N PHE A 41 2.83 10.46 1.78
CA PHE A 41 1.94 9.31 1.82
C PHE A 41 0.81 9.52 2.83
N GLY A 42 -0.17 8.63 2.77
CA GLY A 42 -1.30 8.70 3.68
C GLY A 42 -2.61 8.42 2.94
N LYS A 43 -3.69 8.40 3.70
CA LYS A 43 -5.01 8.14 3.15
C LYS A 43 -5.07 8.72 1.73
N GLU A 44 -4.47 9.88 1.57
CA GLU A 44 -4.45 10.56 0.28
C GLU A 44 -4.30 9.52 -0.84
N MET A 45 -3.08 9.03 -0.99
CA MET A 45 -2.79 8.05 -2.02
C MET A 45 -3.28 6.66 -1.61
N ALA A 46 -3.04 6.32 -0.35
CA ALA A 46 -3.46 5.04 0.17
C ALA A 46 -4.91 4.77 -0.24
N HIS A 47 -5.63 5.84 -0.50
CA HIS A 47 -7.01 5.74 -0.90
C HIS A 47 -7.13 5.97 -2.42
N GLY A 48 -6.64 7.11 -2.84
CA GLY A 48 -6.67 7.46 -4.25
C GLY A 48 -5.93 6.43 -5.09
N LYS A 49 -5.26 6.93 -6.13
CA LYS A 49 -4.50 6.05 -7.01
C LYS A 49 -3.15 5.72 -6.36
N GLY A 50 -3.24 5.23 -5.13
CA GLY A 50 -2.03 4.85 -4.39
C GLY A 50 -1.96 3.34 -4.20
N CYS A 51 -2.92 2.82 -3.46
CA CYS A 51 -2.97 1.39 -3.19
C CYS A 51 -4.28 0.84 -3.77
N LYS A 52 -5.37 1.49 -3.41
CA LYS A 52 -6.69 1.08 -3.88
C LYS A 52 -6.73 1.21 -5.41
N GLY A 53 -5.93 2.13 -5.91
CA GLY A 53 -5.87 2.37 -7.34
C GLY A 53 -5.28 1.16 -8.08
N CYS A 54 -4.22 0.61 -7.50
CA CYS A 54 -3.56 -0.53 -8.08
C CYS A 54 -4.23 -1.81 -7.53
N HIS A 55 -5.43 -1.62 -7.01
CA HIS A 55 -6.17 -2.74 -6.44
C HIS A 55 -7.49 -2.91 -7.20
N GLU A 56 -8.38 -1.93 -7.01
CA GLU A 56 -9.67 -1.96 -7.66
C GLU A 56 -9.50 -2.19 -9.17
N GLU A 57 -8.55 -1.46 -9.73
CA GLU A 57 -8.28 -1.56 -11.16
C GLU A 57 -8.30 -3.03 -11.60
N MET A 58 -7.68 -3.87 -10.77
CA MET A 58 -7.63 -5.29 -11.07
C MET A 58 -8.68 -6.05 -10.28
N LYS A 59 -9.24 -5.37 -9.28
CA LYS A 59 -10.27 -5.97 -8.45
C LYS A 59 -9.65 -7.09 -7.61
N LYS A 60 -8.52 -6.76 -7.00
CA LYS A 60 -7.81 -7.72 -6.16
C LYS A 60 -7.04 -6.97 -5.07
N GLY A 61 -7.31 -7.35 -3.83
CA GLY A 61 -6.65 -6.73 -2.69
C GLY A 61 -7.67 -6.05 -1.77
N PRO A 62 -7.15 -5.52 -0.66
CA PRO A 62 -7.92 -4.83 0.35
C PRO A 62 -8.55 -3.58 -0.25
N THR A 63 -9.82 -3.67 -0.61
CA THR A 63 -10.51 -2.52 -1.20
C THR A 63 -11.55 -1.98 -0.21
N LYS A 64 -11.70 -2.68 0.89
CA LYS A 64 -12.65 -2.27 1.92
C LYS A 64 -11.89 -1.71 3.12
N CYS A 65 -12.63 -1.04 3.99
CA CYS A 65 -12.04 -0.44 5.17
C CYS A 65 -11.87 -1.53 6.23
N GLY A 66 -12.42 -2.69 5.93
CA GLY A 66 -12.35 -3.83 6.84
C GLY A 66 -11.21 -4.77 6.44
N GLU A 67 -10.50 -4.37 5.39
CA GLU A 67 -9.38 -5.18 4.90
C GLU A 67 -8.06 -4.50 5.27
N CYS A 68 -8.01 -3.20 5.05
CA CYS A 68 -6.80 -2.43 5.35
C CYS A 68 -6.87 -2.00 6.81
N HIS A 69 -7.97 -1.36 7.17
CA HIS A 69 -8.16 -0.88 8.53
C HIS A 69 -8.81 -1.99 9.36
N LYS A 70 -8.01 -3.01 9.65
CA LYS A 70 -8.49 -4.13 10.44
C LYS A 70 -7.30 -4.88 11.02
N LYS A 71 -6.65 -4.25 11.99
CA LYS A 71 -5.49 -4.85 12.64
C LYS A 71 -5.77 -6.33 12.90
CHA HEM B . 9.52 1.70 1.83
CHB HEM B . 12.94 -0.17 -1.09
CHC HEM B . 9.49 -1.78 -4.13
CHD HEM B . 6.09 0.59 -1.43
C1A HEM B . 10.75 1.32 1.29
C2A HEM B . 12.03 1.58 1.92
C3A HEM B . 12.97 1.07 1.11
C4A HEM B . 12.30 0.48 -0.02
CMA HEM B . 14.46 1.08 1.31
CAA HEM B . 12.21 2.30 3.22
CBA HEM B . 13.39 1.79 4.05
CGA HEM B . 14.63 2.63 3.82
O1A HEM B . 15.73 2.04 3.84
O2A HEM B . 14.46 3.86 3.63
C1B HEM B . 12.29 -0.69 -2.20
C2B HEM B . 12.95 -1.15 -3.40
C3B HEM B . 12.01 -1.60 -4.24
C4B HEM B . 10.73 -1.42 -3.58
CMB HEM B . 14.44 -1.12 -3.62
CAB HEM B . 12.18 -2.17 -5.62
CBB HEM B . 13.40 -1.63 -6.36
C1C HEM B . 8.20 -1.24 -3.65
C2C HEM B . 6.96 -1.27 -4.39
C3C HEM B . 6.04 -0.61 -3.65
C4C HEM B . 6.71 -0.15 -2.46
CMC HEM B . 6.77 -1.94 -5.72
CAC HEM B . 4.60 -0.36 -3.98
CBC HEM B . 3.90 -1.54 -4.65
C1D HEM B . 6.74 1.09 -0.31
C2D HEM B . 6.09 1.82 0.75
C3D HEM B . 7.04 2.14 1.66
C4D HEM B . 8.29 1.59 1.17
CMD HEM B . 4.63 2.17 0.79
CAD HEM B . 6.88 2.90 2.94
CBD HEM B . 6.73 4.40 2.75
CGD HEM B . 5.26 4.80 2.69
O1D HEM B . 4.50 4.28 3.54
O2D HEM B . 4.92 5.62 1.81
NA HEM B . 10.93 0.64 0.10
NB HEM B . 10.92 -0.87 -2.32
NC HEM B . 8.03 -0.54 -2.46
ND HEM B . 8.09 0.94 -0.04
FE HEM B . 9.40 -0.02 -1.19
CHA HEM C . -2.63 -7.28 -2.95
CHB HEM C . -1.75 -3.67 0.20
CHC HEM C . 0.00 -0.93 -3.42
CHD HEM C . -1.12 -4.46 -6.62
C1A HEM C . -2.49 -6.55 -1.78
C2A HEM C . -2.73 -7.07 -0.45
C3A HEM C . -2.48 -6.07 0.42
C4A HEM C . -2.09 -4.92 -0.35
CMA HEM C . -2.59 -6.11 1.92
CAA HEM C . -3.17 -8.47 -0.16
CBA HEM C . -2.39 -9.54 -0.91
CGA HEM C . -1.87 -10.61 0.04
O1A HEM C . -1.12 -10.23 0.96
O2A HEM C . -2.22 -11.79 -0.20
C1B HEM C . -1.21 -2.61 -0.52
C2B HEM C . -0.86 -1.34 0.05
C3B HEM C . -0.37 -0.57 -0.95
C4B HEM C . -0.42 -1.36 -2.15
CMB HEM C . -1.02 -0.97 1.50
CAB HEM C . 0.13 0.84 -0.87
CBB HEM C . 1.08 1.10 0.29
C1C HEM C . -0.13 -1.67 -4.63
C2C HEM C . 0.25 -1.20 -5.93
C3C HEM C . -0.08 -2.17 -6.81
C4C HEM C . -0.66 -3.25 -6.06
CMC HEM C . 0.88 0.13 -6.22
CAC HEM C . 0.11 -2.16 -8.30
CBC HEM C . 1.42 -1.52 -8.76
C1D HEM C . -1.64 -5.51 -5.89
C2D HEM C . -2.16 -6.73 -6.48
C3D HEM C . -2.58 -7.52 -5.46
C4D HEM C . -2.33 -6.80 -4.23
CMD HEM C . -2.19 -7.03 -7.94
CAD HEM C . -3.20 -8.89 -5.54
CBD HEM C . -2.27 -10.01 -5.08
CGD HEM C . -1.94 -10.96 -6.23
O1D HEM C . -1.94 -12.18 -5.97
O2D HEM C . -1.70 -10.44 -7.34
NA HEM C . -2.09 -5.23 -1.70
NB HEM C . -0.94 -2.62 -1.88
NC HEM C . -0.69 -2.94 -4.71
ND HEM C . -1.76 -5.57 -4.51
FE HEM C . -1.30 -4.12 -3.33
CHA HEM D . -5.61 6.49 6.49
CHB HEM D . -10.45 6.00 6.28
CHC HEM D . -9.94 2.27 3.19
CHD HEM D . -5.05 2.45 3.82
C1A HEM D . -6.98 6.67 6.69
C2A HEM D . -7.54 7.69 7.54
C3A HEM D . -8.89 7.56 7.49
C4A HEM D . -9.17 6.46 6.60
CMA HEM D . -9.92 8.38 8.19
CAA HEM D . -6.74 8.69 8.32
CBA HEM D . -6.25 8.18 9.68
CGA HEM D . -5.48 9.25 10.42
O1A HEM D . -6.12 10.28 10.77
O2A HEM D . -4.27 9.03 10.65
C1B HEM D . -10.72 4.95 5.40
C2B HEM D . -12.06 4.55 5.01
C3B HEM D . -11.92 3.52 4.15
C4B HEM D . -10.51 3.27 4.00
CMB HEM D . -13.33 5.19 5.49
CAB HEM D . -13.00 2.74 3.46
CBB HEM D . -13.94 3.60 2.62
C1C HEM D . -8.49 2.01 3.01
C2C HEM D . -7.92 0.84 2.37
C3C HEM D . -6.60 0.88 2.59
C4C HEM D . -6.33 2.06 3.38
CMC HEM D . -8.71 -0.18 1.61
CAC HEM D . -5.56 -0.10 2.14
CBC HEM D . -5.64 -0.45 0.66
C1D HEM D . -4.80 3.56 4.62
C2D HEM D . -3.49 3.94 5.09
C3D HEM D . -3.64 5.06 5.83
C4D HEM D . -5.05 5.38 5.83
CMD HEM D . -2.22 3.20 4.80
CAD HEM D . -2.58 5.85 6.55
CBD HEM D . -2.12 5.23 7.86
CGD HEM D . -1.05 6.07 8.53
O1D HEM D . -1.38 7.22 8.90
O2D HEM D . 0.08 5.56 8.65
NA HEM D . -7.98 5.91 6.11
NB HEM D . -9.78 4.16 4.78
NC HEM D . -7.51 2.74 3.63
ND HEM D . -5.75 4.46 5.08
FE HEM D . -7.67 4.29 4.79
N ALA A 1 11.40 -7.79 10.17
CA ALA A 1 10.59 -8.50 9.19
C ALA A 1 10.64 -7.72 7.87
N ASP A 2 10.27 -8.43 6.80
CA ASP A 2 10.26 -7.83 5.48
C ASP A 2 8.96 -7.06 5.28
N ASP A 3 7.94 -7.48 6.02
CA ASP A 3 6.63 -6.84 5.94
C ASP A 3 6.75 -5.39 6.41
N ILE A 4 5.61 -4.72 6.44
CA ILE A 4 5.56 -3.34 6.87
C ILE A 4 4.18 -3.02 7.44
N VAL A 5 4.19 -2.38 8.60
CA VAL A 5 2.95 -2.02 9.26
C VAL A 5 2.87 -0.49 9.41
N PHE A 6 1.69 0.03 9.14
CA PHE A 6 1.46 1.46 9.22
C PHE A 6 0.40 1.79 10.28
N LYS A 7 0.87 2.30 11.41
CA LYS A 7 -0.02 2.65 12.49
C LYS A 7 -1.24 3.39 11.93
N ALA A 8 -2.40 2.95 12.36
CA ALA A 8 -3.65 3.55 11.92
C ALA A 8 -4.59 3.74 13.10
N LYS A 9 -5.43 4.76 13.01
CA LYS A 9 -6.37 5.06 14.07
C LYS A 9 -7.64 4.23 13.86
N ASN A 10 -7.53 3.25 12.98
CA ASN A 10 -8.65 2.37 12.68
C ASN A 10 -8.14 0.97 12.37
N GLY A 11 -6.95 0.68 12.89
CA GLY A 11 -6.32 -0.61 12.67
C GLY A 11 -5.09 -0.50 11.78
N ASP A 12 -4.03 -1.16 12.21
CA ASP A 12 -2.78 -1.14 11.47
C ASP A 12 -3.03 -1.63 10.04
N VAL A 13 -2.42 -0.95 9.08
CA VAL A 13 -2.58 -1.31 7.69
C VAL A 13 -1.33 -2.06 7.22
N LYS A 14 -1.47 -3.38 7.14
CA LYS A 14 -0.37 -4.23 6.72
C LYS A 14 -0.18 -4.09 5.20
N PHE A 15 1.07 -4.15 4.78
CA PHE A 15 1.40 -4.03 3.37
C PHE A 15 2.61 -4.90 3.01
N PRO A 16 2.34 -5.98 2.28
CA PRO A 16 3.33 -6.93 1.83
C PRO A 16 4.32 -6.24 0.90
N HIS A 17 5.45 -5.81 1.45
CA HIS A 17 6.47 -5.13 0.65
C HIS A 17 7.17 -6.15 -0.24
N LYS A 18 7.73 -7.18 0.40
CA LYS A 18 8.45 -8.21 -0.32
C LYS A 18 7.49 -8.91 -1.29
N ALA A 19 6.27 -9.14 -0.80
CA ALA A 19 5.26 -9.80 -1.61
C ALA A 19 4.98 -8.95 -2.85
N HIS A 20 4.64 -7.69 -2.60
CA HIS A 20 4.35 -6.77 -3.69
C HIS A 20 5.56 -6.67 -4.62
N GLN A 21 6.72 -7.00 -4.07
CA GLN A 21 7.95 -6.95 -4.84
C GLN A 21 8.02 -8.13 -5.80
N LYS A 22 7.12 -9.07 -5.59
CA LYS A 22 7.07 -10.26 -6.44
C LYS A 22 5.89 -10.13 -7.41
N ALA A 23 4.92 -9.34 -7.00
CA ALA A 23 3.73 -9.12 -7.82
C ALA A 23 3.98 -7.96 -8.78
N VAL A 24 4.46 -6.86 -8.21
CA VAL A 24 4.74 -5.68 -9.00
C VAL A 24 6.23 -5.64 -9.35
N PRO A 25 6.51 -5.26 -10.59
CA PRO A 25 7.85 -5.16 -11.13
C PRO A 25 8.43 -3.79 -10.80
N ASP A 26 8.42 -2.88 -11.77
CA ASP A 26 8.95 -1.55 -11.56
C ASP A 26 8.52 -1.05 -10.18
N CYS A 27 9.49 -0.51 -9.45
CA CYS A 27 9.21 0.01 -8.11
C CYS A 27 8.86 1.49 -8.24
N LYS A 28 9.36 2.10 -9.31
CA LYS A 28 9.11 3.51 -9.55
C LYS A 28 7.61 3.80 -9.36
N LYS A 29 6.81 2.76 -9.53
CA LYS A 29 5.38 2.87 -9.38
C LYS A 29 5.06 3.36 -7.96
N CYS A 30 5.89 2.93 -7.02
CA CYS A 30 5.70 3.31 -5.64
C CYS A 30 6.86 4.23 -5.23
N HIS A 31 8.02 3.97 -5.82
CA HIS A 31 9.20 4.76 -5.54
C HIS A 31 9.60 5.56 -6.79
N GLU A 32 8.72 6.45 -7.18
CA GLU A 32 8.95 7.28 -8.36
C GLU A 32 10.22 8.11 -8.16
N LYS A 33 10.38 8.62 -6.94
CA LYS A 33 11.54 9.42 -6.61
C LYS A 33 12.63 8.54 -6.03
N GLY A 34 12.71 7.32 -6.56
CA GLY A 34 13.70 6.37 -6.10
C GLY A 34 13.28 5.73 -4.78
N PRO A 35 13.88 4.57 -4.48
CA PRO A 35 13.63 3.80 -3.29
C PRO A 35 13.74 4.69 -2.07
N GLY A 36 13.20 4.24 -0.95
CA GLY A 36 13.24 5.02 0.28
C GLY A 36 11.83 5.28 0.81
N LYS A 37 11.74 6.29 1.67
CA LYS A 37 10.46 6.66 2.26
C LYS A 37 9.67 7.52 1.26
N ILE A 38 8.39 7.66 1.55
CA ILE A 38 7.52 8.45 0.70
C ILE A 38 6.96 9.63 1.49
N GLU A 39 7.74 10.71 1.51
CA GLU A 39 7.34 11.90 2.23
C GLU A 39 6.11 12.53 1.57
N GLY A 40 4.96 12.26 2.18
CA GLY A 40 3.70 12.79 1.66
C GLY A 40 2.62 11.72 1.66
N PHE A 41 3.06 10.48 1.85
CA PHE A 41 2.13 9.36 1.86
C PHE A 41 1.03 9.58 2.89
N GLY A 42 -0.06 8.82 2.72
CA GLY A 42 -1.19 8.93 3.63
C GLY A 42 -2.50 8.59 2.91
N LYS A 43 -3.56 8.48 3.69
CA LYS A 43 -4.87 8.16 3.15
C LYS A 43 -4.99 8.75 1.74
N GLU A 44 -4.51 9.97 1.61
CA GLU A 44 -4.55 10.65 0.32
C GLU A 44 -4.31 9.66 -0.81
N MET A 45 -3.10 9.10 -0.82
CA MET A 45 -2.73 8.14 -1.85
C MET A 45 -3.22 6.75 -1.49
N ALA A 46 -3.03 6.39 -0.23
CA ALA A 46 -3.45 5.09 0.24
C ALA A 46 -4.91 4.83 -0.18
N HIS A 47 -5.61 5.92 -0.44
CA HIS A 47 -7.00 5.83 -0.86
C HIS A 47 -7.10 6.07 -2.36
N GLY A 48 -6.52 7.19 -2.79
CA GLY A 48 -6.53 7.55 -4.20
C GLY A 48 -5.86 6.47 -5.05
N LYS A 49 -5.07 6.92 -6.01
CA LYS A 49 -4.38 6.01 -6.90
C LYS A 49 -3.05 5.59 -6.25
N GLY A 50 -3.14 5.20 -4.99
CA GLY A 50 -1.96 4.78 -4.25
C GLY A 50 -1.94 3.26 -4.05
N CYS A 51 -2.96 2.79 -3.33
CA CYS A 51 -3.07 1.37 -3.05
C CYS A 51 -4.36 0.86 -3.71
N LYS A 52 -5.47 1.49 -3.32
CA LYS A 52 -6.76 1.11 -3.85
C LYS A 52 -6.76 1.32 -5.37
N GLY A 53 -5.84 2.15 -5.83
CA GLY A 53 -5.73 2.44 -7.25
C GLY A 53 -5.29 1.20 -8.03
N CYS A 54 -4.15 0.66 -7.63
CA CYS A 54 -3.62 -0.53 -8.29
C CYS A 54 -4.24 -1.76 -7.63
N HIS A 55 -5.48 -1.57 -7.15
CA HIS A 55 -6.19 -2.66 -6.51
C HIS A 55 -7.52 -2.90 -7.22
N GLU A 56 -8.40 -1.91 -7.11
CA GLU A 56 -9.70 -2.01 -7.74
C GLU A 56 -9.55 -2.29 -9.23
N GLU A 57 -8.67 -1.52 -9.86
CA GLU A 57 -8.43 -1.68 -11.28
C GLU A 57 -8.26 -3.16 -11.63
N MET A 58 -7.74 -3.90 -10.67
CA MET A 58 -7.51 -5.33 -10.86
C MET A 58 -8.63 -6.15 -10.22
N LYS A 59 -9.33 -5.51 -9.30
CA LYS A 59 -10.42 -6.16 -8.61
C LYS A 59 -9.86 -7.25 -7.69
N LYS A 60 -8.89 -6.87 -6.88
CA LYS A 60 -8.26 -7.79 -5.96
C LYS A 60 -7.46 -7.01 -4.92
N GLY A 61 -7.62 -7.41 -3.67
CA GLY A 61 -6.92 -6.76 -2.57
C GLY A 61 -7.90 -6.05 -1.64
N PRO A 62 -7.36 -5.50 -0.55
CA PRO A 62 -8.09 -4.79 0.46
C PRO A 62 -8.68 -3.52 -0.13
N THR A 63 -9.95 -3.57 -0.52
CA THR A 63 -10.61 -2.41 -1.09
C THR A 63 -11.63 -1.84 -0.12
N LYS A 64 -11.87 -2.58 0.95
CA LYS A 64 -12.83 -2.15 1.95
C LYS A 64 -12.06 -1.56 3.15
N CYS A 65 -12.80 -0.84 3.98
CA CYS A 65 -12.21 -0.22 5.16
C CYS A 65 -12.07 -1.28 6.24
N GLY A 66 -12.57 -2.47 5.93
CA GLY A 66 -12.51 -3.58 6.87
C GLY A 66 -11.43 -4.56 6.47
N GLU A 67 -10.68 -4.19 5.44
CA GLU A 67 -9.60 -5.04 4.95
C GLU A 67 -8.24 -4.41 5.27
N CYS A 68 -8.16 -3.11 5.04
CA CYS A 68 -6.93 -2.38 5.30
C CYS A 68 -6.93 -1.95 6.77
N HIS A 69 -8.02 -1.30 7.17
CA HIS A 69 -8.16 -0.83 8.54
C HIS A 69 -8.81 -1.93 9.38
N LYS A 70 -7.98 -2.86 9.83
CA LYS A 70 -8.47 -3.96 10.65
C LYS A 70 -7.27 -4.75 11.18
N LYS A 71 -6.75 -4.30 12.31
CA LYS A 71 -5.61 -4.95 12.93
C LYS A 71 -6.09 -6.22 13.64
CHA HEM B . 9.19 1.71 1.85
CHB HEM B . 12.73 -0.11 -0.96
CHC HEM B . 9.41 -1.71 -4.15
CHD HEM B . 5.89 0.59 -1.56
C1A HEM B . 10.44 1.33 1.36
C2A HEM B . 11.69 1.55 2.06
C3A HEM B . 12.66 1.04 1.28
C4A HEM B . 12.03 0.50 0.10
CMA HEM B . 14.14 1.02 1.55
CAA HEM B . 11.81 2.22 3.40
CBA HEM B . 12.58 1.40 4.43
CGA HEM B . 11.74 0.27 4.98
O1A HEM B . 11.96 -0.88 4.54
O2A HEM B . 10.88 0.57 5.84
C1B HEM B . 12.12 -0.63 -2.10
C2B HEM B . 12.85 -1.03 -3.29
C3B HEM B . 11.93 -1.47 -4.17
C4B HEM B . 10.63 -1.35 -3.55
CMB HEM B . 14.33 -0.96 -3.46
CAB HEM B . 12.17 -2.01 -5.56
CBB HEM B . 13.37 -1.39 -6.27
C1C HEM B . 8.11 -1.16 -3.73
C2C HEM B . 6.90 -1.22 -4.50
C3C HEM B . 5.94 -0.59 -3.79
C4C HEM B . 6.56 -0.12 -2.57
CMC HEM B . 6.75 -1.89 -5.84
CAC HEM B . 4.50 -0.38 -4.15
CBC HEM B . 3.88 -1.55 -4.90
C1D HEM B . 6.50 1.09 -0.41
C2D HEM B . 5.81 1.84 0.62
C3D HEM B . 6.72 2.14 1.56
C4D HEM B . 7.98 1.60 1.13
CMD HEM B . 4.35 2.18 0.59
CAD HEM B . 6.50 2.92 2.84
CBD HEM B . 7.17 4.29 2.85
CGD HEM B . 6.98 4.97 4.20
O1D HEM B . 6.04 5.79 4.29
O2D HEM B . 7.78 4.67 5.10
NA HEM B . 10.67 0.69 0.16
NB HEM B . 10.77 -0.82 -2.27
NC HEM B . 7.90 -0.48 -2.54
ND HEM B . 7.84 0.95 -0.08
FE HEM B . 9.17 0.04 -1.19
CHA HEM C . -2.82 -7.35 -2.92
CHB HEM C . -1.86 -3.70 0.16
CHC HEM C . -0.19 -1.00 -3.55
CHD HEM C . -1.18 -4.65 -6.64
C1A HEM C . -2.66 -6.60 -1.77
C2A HEM C . -2.93 -7.08 -0.43
C3A HEM C . -2.66 -6.08 0.42
C4A HEM C . -2.23 -4.95 -0.37
CMA HEM C . -2.78 -6.08 1.91
CAA HEM C . -3.41 -8.47 -0.11
CBA HEM C . -2.64 -9.58 -0.83
CGA HEM C . -1.96 -10.50 0.18
O1A HEM C . -2.67 -11.05 1.03
O2A HEM C . -0.71 -10.63 0.06
C1B HEM C . -1.33 -2.66 -0.59
C2B HEM C . -0.95 -1.37 -0.04
C3B HEM C . -0.48 -0.63 -1.06
C4B HEM C . -0.58 -1.44 -2.25
CMB HEM C . -1.05 -0.99 1.41
CAB HEM C . 0.04 0.78 -1.02
CBB HEM C . 0.91 1.08 0.20
C1C HEM C . -0.26 -1.80 -4.70
C2C HEM C . 0.10 -1.35 -6.02
C3C HEM C . -0.20 -2.34 -6.88
C4C HEM C . -0.74 -3.42 -6.11
CMC HEM C . 0.70 -0.01 -6.33
CAC HEM C . 0.00 -2.37 -8.37
CBC HEM C . 1.10 -1.45 -8.87
C1D HEM C . -1.72 -5.69 -5.89
C2D HEM C . -2.18 -6.94 -6.44
C3D HEM C . -2.64 -7.69 -5.42
C4D HEM C . -2.47 -6.91 -4.21
CMD HEM C . -2.14 -7.29 -7.91
CAD HEM C . -3.23 -9.06 -5.47
CBD HEM C . -2.35 -10.14 -4.83
CGD HEM C . -3.19 -11.13 -4.02
O1D HEM C . -4.17 -10.66 -3.40
O2D HEM C . -2.83 -12.33 -4.04
NA HEM C . -2.23 -5.28 -1.72
NB HEM C . -1.09 -2.68 -1.95
NC HEM C . -0.78 -3.08 -4.76
ND HEM C . -1.89 -5.68 -4.51
FE HEM C . -1.41 -4.23 -3.35
CHA HEM D . -5.54 6.48 6.53
CHB HEM D . -10.39 6.08 6.36
CHC HEM D . -10.00 2.39 3.22
CHD HEM D . -5.09 2.48 3.79
C1A HEM D . -6.90 6.69 6.74
C2A HEM D . -7.43 7.72 7.60
C3A HEM D . -8.77 7.61 7.56
C4A HEM D . -9.09 6.52 6.67
CMA HEM D . -9.79 8.45 8.29
CAA HEM D . -6.60 8.70 8.38
CBA HEM D . -6.14 8.18 9.74
CGA HEM D . -5.33 9.23 10.48
O1A HEM D . -4.12 9.32 10.20
O2A HEM D . -5.93 9.94 11.32
C1B HEM D . -10.69 5.07 5.46
C2B HEM D . -12.03 4.75 5.03
C3B HEM D . -11.92 3.72 4.16
C4B HEM D . -10.52 3.40 4.04
CMB HEM D . -13.28 5.45 5.49
CAB HEM D . -13.02 3.02 3.42
CBB HEM D . -13.97 3.95 2.67
C1C HEM D . -8.55 2.12 3.02
C2C HEM D . -8.02 0.95 2.36
C3C HEM D . -6.68 0.95 2.57
C4C HEM D . -6.38 2.12 3.36
CMC HEM D . -8.83 -0.06 1.60
CAC HEM D . -5.67 -0.05 2.10
CBC HEM D . -5.79 -0.40 0.61
C1D HEM D . -4.81 3.57 4.60
C2D HEM D . -3.48 3.92 5.06
C3D HEM D . -3.60 5.03 5.82
C4D HEM D . -5.00 5.37 5.84
CMD HEM D . -2.23 3.16 4.73
CAD HEM D . -2.52 5.79 6.52
CBD HEM D . -2.31 5.36 7.97
CGD HEM D . -2.95 6.35 8.94
O1D HEM D . -3.76 5.89 9.76
O2D HEM D . -2.61 7.55 8.82
NA HEM D . -7.92 5.96 6.17
NB HEM D . -9.77 4.24 4.85
NC HEM D . -7.54 2.83 3.63
ND HEM D . -5.73 4.47 5.09
FE HEM D . -7.66 4.36 4.82
N ALA A 1 9.01 -8.71 9.99
CA ALA A 1 10.27 -8.95 9.29
C ALA A 1 10.33 -8.07 8.04
N ASP A 2 10.26 -8.73 6.89
CA ASP A 2 10.30 -8.02 5.62
C ASP A 2 9.01 -7.23 5.44
N ASP A 3 7.97 -7.68 6.13
CA ASP A 3 6.68 -7.02 6.05
C ASP A 3 6.83 -5.57 6.52
N ILE A 4 5.70 -4.88 6.56
CA ILE A 4 5.69 -3.48 6.98
C ILE A 4 4.31 -3.14 7.54
N VAL A 5 4.31 -2.51 8.71
CA VAL A 5 3.06 -2.12 9.36
C VAL A 5 3.01 -0.59 9.43
N PHE A 6 1.80 -0.08 9.23
CA PHE A 6 1.58 1.36 9.28
C PHE A 6 0.53 1.72 10.32
N LYS A 7 1.01 2.12 11.49
CA LYS A 7 0.13 2.49 12.59
C LYS A 7 -1.05 3.30 12.02
N ALA A 8 -2.25 2.80 12.29
CA ALA A 8 -3.45 3.46 11.82
C ALA A 8 -4.39 3.71 13.00
N LYS A 9 -5.20 4.74 12.88
CA LYS A 9 -6.14 5.09 13.93
C LYS A 9 -7.43 4.31 13.72
N ASN A 10 -7.35 3.30 12.87
CA ASN A 10 -8.51 2.46 12.57
C ASN A 10 -8.03 1.03 12.32
N GLY A 11 -6.87 0.71 12.85
CA GLY A 11 -6.29 -0.61 12.69
C GLY A 11 -5.06 -0.58 11.79
N ASP A 12 -4.02 -1.26 12.24
CA ASP A 12 -2.78 -1.31 11.50
C ASP A 12 -3.07 -1.73 10.05
N VAL A 13 -2.36 -1.10 9.13
CA VAL A 13 -2.53 -1.41 7.72
C VAL A 13 -1.32 -2.21 7.22
N LYS A 14 -1.47 -3.52 7.25
CA LYS A 14 -0.41 -4.41 6.81
C LYS A 14 -0.22 -4.25 5.30
N PHE A 15 1.04 -4.31 4.89
CA PHE A 15 1.38 -4.16 3.49
C PHE A 15 2.59 -5.02 3.13
N PRO A 16 2.34 -6.06 2.34
CA PRO A 16 3.33 -7.01 1.88
C PRO A 16 4.33 -6.29 0.97
N HIS A 17 5.43 -5.82 1.54
CA HIS A 17 6.44 -5.13 0.76
C HIS A 17 7.16 -6.12 -0.14
N LYS A 18 7.75 -7.13 0.49
CA LYS A 18 8.50 -8.15 -0.24
C LYS A 18 7.56 -8.83 -1.24
N ALA A 19 6.33 -9.06 -0.78
CA ALA A 19 5.33 -9.71 -1.62
C ALA A 19 5.05 -8.83 -2.84
N HIS A 20 4.76 -7.56 -2.56
CA HIS A 20 4.48 -6.61 -3.62
C HIS A 20 5.72 -6.43 -4.50
N GLN A 21 6.85 -6.91 -3.98
CA GLN A 21 8.10 -6.80 -4.70
C GLN A 21 8.24 -7.95 -5.70
N LYS A 22 7.37 -8.94 -5.54
CA LYS A 22 7.39 -10.09 -6.42
C LYS A 22 6.17 -10.04 -7.35
N ALA A 23 5.17 -9.28 -6.93
CA ALA A 23 3.96 -9.13 -7.71
C ALA A 23 4.16 -8.03 -8.75
N VAL A 24 4.70 -6.92 -8.28
CA VAL A 24 4.95 -5.78 -9.16
C VAL A 24 6.46 -5.64 -9.38
N PRO A 25 6.81 -5.34 -10.63
CA PRO A 25 8.18 -5.16 -11.08
C PRO A 25 8.64 -3.75 -10.76
N ASP A 26 8.57 -2.87 -11.74
CA ASP A 26 8.99 -1.48 -11.56
C ASP A 26 8.52 -1.01 -10.18
N CYS A 27 9.47 -0.50 -9.41
CA CYS A 27 9.17 0.00 -8.07
C CYS A 27 8.82 1.48 -8.17
N LYS A 28 9.28 2.08 -9.27
CA LYS A 28 9.02 3.50 -9.50
C LYS A 28 7.53 3.78 -9.33
N LYS A 29 6.74 2.73 -9.52
CA LYS A 29 5.29 2.85 -9.38
C LYS A 29 4.94 3.23 -7.95
N CYS A 30 5.84 2.87 -7.04
CA CYS A 30 5.64 3.16 -5.63
C CYS A 30 6.74 4.14 -5.19
N HIS A 31 7.93 3.93 -5.71
CA HIS A 31 9.06 4.78 -5.38
C HIS A 31 9.45 5.61 -6.60
N GLU A 32 8.62 6.59 -6.90
CA GLU A 32 8.86 7.47 -8.04
C GLU A 32 10.16 8.25 -7.82
N LYS A 33 10.39 8.65 -6.58
CA LYS A 33 11.58 9.41 -6.24
C LYS A 33 12.63 8.46 -5.66
N GLY A 34 12.72 7.29 -6.27
CA GLY A 34 13.68 6.29 -5.83
C GLY A 34 13.21 5.62 -4.53
N PRO A 35 13.61 4.35 -4.37
CA PRO A 35 13.28 3.53 -3.23
C PRO A 35 13.51 4.32 -1.95
N GLY A 36 12.55 4.24 -1.03
CA GLY A 36 12.68 4.96 0.23
C GLY A 36 11.30 5.45 0.71
N LYS A 37 11.33 6.22 1.78
CA LYS A 37 10.11 6.75 2.36
C LYS A 37 9.37 7.57 1.29
N ILE A 38 8.06 7.69 1.49
CA ILE A 38 7.23 8.43 0.56
C ILE A 38 6.69 9.68 1.24
N GLU A 39 7.36 10.80 0.97
CA GLU A 39 6.97 12.07 1.55
C GLU A 39 5.70 12.59 0.88
N GLY A 40 4.59 12.40 1.58
CA GLY A 40 3.30 12.84 1.07
C GLY A 40 2.27 11.72 1.13
N PHE A 41 2.73 10.55 1.56
CA PHE A 41 1.86 9.39 1.68
C PHE A 41 0.73 9.65 2.68
N GLY A 42 -0.26 8.77 2.65
CA GLY A 42 -1.40 8.89 3.54
C GLY A 42 -2.69 8.51 2.82
N LYS A 43 -3.77 8.45 3.60
CA LYS A 43 -5.07 8.09 3.06
C LYS A 43 -5.17 8.59 1.62
N GLU A 44 -4.67 9.81 1.41
CA GLU A 44 -4.70 10.41 0.10
C GLU A 44 -4.43 9.36 -0.98
N MET A 45 -3.18 8.95 -1.06
CA MET A 45 -2.78 7.93 -2.03
C MET A 45 -3.32 6.56 -1.65
N ALA A 46 -3.06 6.19 -0.40
CA ALA A 46 -3.51 4.91 0.10
C ALA A 46 -4.95 4.66 -0.35
N HIS A 47 -5.67 5.75 -0.56
CA HIS A 47 -7.06 5.67 -0.99
C HIS A 47 -7.14 5.90 -2.51
N GLY A 48 -6.62 7.05 -2.92
CA GLY A 48 -6.62 7.40 -4.33
C GLY A 48 -5.87 6.36 -5.16
N LYS A 49 -5.17 6.85 -6.17
CA LYS A 49 -4.40 5.97 -7.04
C LYS A 49 -3.09 5.61 -6.36
N GLY A 50 -3.21 5.10 -5.13
CA GLY A 50 -2.03 4.71 -4.36
C GLY A 50 -1.99 3.20 -4.18
N CYS A 51 -2.99 2.68 -3.48
CA CYS A 51 -3.07 1.26 -3.23
C CYS A 51 -4.37 0.73 -3.86
N LYS A 52 -5.46 1.40 -3.53
CA LYS A 52 -6.76 1.01 -4.05
C LYS A 52 -6.76 1.16 -5.56
N GLY A 53 -5.91 2.06 -6.04
CA GLY A 53 -5.81 2.31 -7.47
C GLY A 53 -5.23 1.10 -8.20
N CYS A 54 -4.18 0.54 -7.61
CA CYS A 54 -3.52 -0.62 -8.18
C CYS A 54 -4.20 -1.88 -7.64
N HIS A 55 -5.41 -1.68 -7.14
CA HIS A 55 -6.19 -2.79 -6.59
C HIS A 55 -7.49 -2.95 -7.37
N GLU A 56 -8.36 -1.97 -7.20
CA GLU A 56 -9.65 -1.98 -7.87
C GLU A 56 -9.46 -2.26 -9.37
N GLU A 57 -8.47 -1.57 -9.94
CA GLU A 57 -8.18 -1.74 -11.36
C GLU A 57 -8.23 -3.22 -11.74
N MET A 58 -7.65 -4.04 -10.88
CA MET A 58 -7.61 -5.47 -11.11
C MET A 58 -8.73 -6.18 -10.34
N LYS A 59 -9.28 -5.47 -9.38
CA LYS A 59 -10.37 -6.01 -8.58
C LYS A 59 -9.81 -7.14 -7.69
N LYS A 60 -8.71 -6.82 -7.02
CA LYS A 60 -8.07 -7.79 -6.13
C LYS A 60 -7.28 -7.04 -5.06
N GLY A 61 -7.51 -7.44 -3.81
CA GLY A 61 -6.82 -6.83 -2.69
C GLY A 61 -7.82 -6.15 -1.74
N PRO A 62 -7.28 -5.62 -0.65
CA PRO A 62 -8.03 -4.93 0.38
C PRO A 62 -8.67 -3.68 -0.19
N THR A 63 -9.94 -3.77 -0.52
CA THR A 63 -10.65 -2.62 -1.09
C THR A 63 -11.65 -2.06 -0.07
N LYS A 64 -11.84 -2.82 0.99
CA LYS A 64 -12.76 -2.41 2.04
C LYS A 64 -11.97 -1.81 3.21
N CYS A 65 -12.70 -1.09 4.06
CA CYS A 65 -12.07 -0.46 5.22
C CYS A 65 -11.88 -1.52 6.29
N GLY A 66 -12.41 -2.71 6.02
CA GLY A 66 -12.30 -3.82 6.95
C GLY A 66 -11.16 -4.75 6.58
N GLU A 67 -10.47 -4.38 5.50
CA GLU A 67 -9.35 -5.17 5.03
C GLU A 67 -8.02 -4.49 5.37
N CYS A 68 -7.99 -3.19 5.13
CA CYS A 68 -6.80 -2.41 5.42
C CYS A 68 -6.86 -1.95 6.88
N HIS A 69 -7.96 -1.31 7.21
CA HIS A 69 -8.16 -0.81 8.57
C HIS A 69 -8.82 -1.91 9.42
N LYS A 70 -7.98 -2.84 9.86
CA LYS A 70 -8.47 -3.93 10.69
C LYS A 70 -7.28 -4.73 11.22
N LYS A 71 -6.55 -4.11 12.14
CA LYS A 71 -5.40 -4.75 12.74
C LYS A 71 -5.70 -6.22 13.00
CHA HEM B . 9.21 1.69 1.88
CHB HEM B . 12.71 -0.11 -0.98
CHC HEM B . 9.36 -1.75 -4.09
CHD HEM B . 5.87 0.52 -1.45
C1A HEM B . 10.46 1.32 1.38
C2A HEM B . 11.71 1.55 2.06
C3A HEM B . 12.68 1.04 1.27
C4A HEM B . 12.04 0.50 0.09
CMA HEM B . 14.17 1.02 1.52
CAA HEM B . 11.85 2.21 3.40
CBA HEM B . 12.83 3.38 3.39
CGA HEM B . 13.42 3.60 4.78
O1A HEM B . 14.46 2.96 5.06
O2A HEM B . 12.84 4.40 5.53
C1B HEM B . 12.10 -0.65 -2.10
C2B HEM B . 12.80 -1.07 -3.29
C3B HEM B . 11.87 -1.52 -4.17
C4B HEM B . 10.58 -1.39 -3.51
CMB HEM B . 14.28 -0.99 -3.49
CAB HEM B . 12.09 -2.07 -5.54
CBB HEM B . 13.33 -1.53 -6.24
C1C HEM B . 8.05 -1.26 -3.63
C2C HEM B . 6.82 -1.33 -4.38
C3C HEM B . 5.88 -0.69 -3.67
C4C HEM B . 6.52 -0.20 -2.46
CMC HEM B . 6.68 -2.02 -5.71
CAC HEM B . 4.44 -0.48 -4.02
CBC HEM B . 3.80 -1.67 -4.74
C1D HEM B . 6.49 1.03 -0.32
C2D HEM B . 5.81 1.78 0.71
C3D HEM B . 6.73 2.11 1.64
C4D HEM B . 8.00 1.57 1.19
CMD HEM B . 4.35 2.12 0.71
CAD HEM B . 6.54 2.90 2.90
CBD HEM B . 7.11 4.31 2.85
CGD HEM B . 6.84 5.05 4.16
O1D HEM B . 5.65 5.36 4.39
O2D HEM B . 7.82 5.29 4.89
NA HEM B . 10.67 0.67 0.17
NB HEM B . 10.73 -0.84 -2.25
NC HEM B . 7.86 -0.56 -2.45
ND HEM B . 7.83 0.91 -0.01
FE HEM B . 9.18 -0.05 -1.14
CHA HEM C . -2.76 -7.39 -3.04
CHB HEM C . -1.85 -3.80 0.13
CHC HEM C . -0.17 -1.01 -3.49
CHD HEM C . -1.16 -4.59 -6.70
C1A HEM C . -2.59 -6.66 -1.86
C2A HEM C . -2.82 -7.20 -0.54
C3A HEM C . -2.57 -6.22 0.34
C4A HEM C . -2.19 -5.05 -0.43
CMA HEM C . -2.66 -6.27 1.83
CAA HEM C . -3.25 -8.62 -0.25
CBA HEM C . -2.49 -9.67 -1.05
CGA HEM C . -1.91 -10.73 -0.13
O1A HEM C . -0.70 -11.02 -0.29
O2A HEM C . -2.67 -11.24 0.72
C1B HEM C . -1.32 -2.74 -0.59
C2B HEM C . -0.95 -1.47 -0.01
C3B HEM C . -0.47 -0.69 -1.01
C4B HEM C . -0.56 -1.47 -2.23
CMB HEM C . -1.07 -1.13 1.45
CAB HEM C . 0.04 0.72 -0.93
CBB HEM C . 0.91 0.98 0.30
C1C HEM C . -0.16 -1.81 -4.68
C2C HEM C . 0.24 -1.35 -5.99
C3C HEM C . -0.08 -2.31 -6.87
C4C HEM C . -0.69 -3.39 -6.13
CMC HEM C . 0.89 -0.02 -6.26
CAC HEM C . 0.12 -2.31 -8.37
CBC HEM C . 1.46 -1.71 -8.80
C1D HEM C . -1.72 -5.63 -5.96
C2D HEM C . -2.26 -6.83 -6.56
C3D HEM C . -2.70 -7.62 -5.55
C4D HEM C . -2.44 -6.91 -4.32
CMD HEM C . -2.29 -7.13 -8.04
CAD HEM C . -3.34 -8.97 -5.65
CBD HEM C . -2.44 -10.12 -5.16
CGD HEM C . -2.30 -11.19 -6.24
O1D HEM C . -1.14 -11.54 -6.54
O2D HEM C . -3.35 -11.63 -6.74
NA HEM C . -2.21 -5.34 -1.78
NB HEM C . -1.08 -2.72 -1.95
NC HEM C . -0.73 -3.07 -4.78
ND HEM C . -1.84 -5.68 -4.59
FE HEM C . -1.39 -4.24 -3.40
CHA HEM D . -5.64 6.48 6.40
CHB HEM D . -10.48 6.00 6.23
CHC HEM D . -10.02 2.24 3.17
CHD HEM D . -5.10 2.44 3.72
C1A HEM D . -7.01 6.67 6.61
C2A HEM D . -7.56 7.68 7.48
C3A HEM D . -8.90 7.55 7.44
C4A HEM D . -9.19 6.45 6.55
CMA HEM D . -9.93 8.37 8.16
CAA HEM D . -6.76 8.68 8.26
CBA HEM D . -6.29 8.16 9.63
CGA HEM D . -5.49 9.23 10.36
O1A HEM D . -4.32 8.93 10.71
O2A HEM D . -6.07 10.32 10.58
C1B HEM D . -10.77 4.95 5.36
C2B HEM D . -12.10 4.55 4.98
C3B HEM D . -11.97 3.51 4.14
C4B HEM D . -10.56 3.26 3.97
CMB HEM D . -13.36 5.19 5.48
CAB HEM D . -13.06 2.73 3.46
CBB HEM D . -14.08 3.59 2.73
C1C HEM D . -8.56 1.97 2.99
C2C HEM D . -8.00 0.80 2.36
C3C HEM D . -6.67 0.84 2.56
C4C HEM D . -6.39 2.04 3.31
CMC HEM D . -8.80 -0.26 1.64
CAC HEM D . -5.64 -0.15 2.11
CBC HEM D . -5.74 -0.54 0.64
C1D HEM D . -4.85 3.55 4.53
C2D HEM D . -3.54 3.90 5.02
C3D HEM D . -3.68 5.02 5.76
C4D HEM D . -5.08 5.37 5.74
CMD HEM D . -2.28 3.14 4.73
CAD HEM D . -2.62 5.79 6.49
CBD HEM D . -2.34 5.27 7.90
CGD HEM D . -1.92 6.41 8.83
O1D HEM D . -2.56 7.48 8.73
O2D HEM D . -0.96 6.18 9.60
NA HEM D . -8.02 5.92 6.04
NB HEM D . -9.82 4.16 4.74
NC HEM D . -7.56 2.73 3.56
ND HEM D . -5.79 4.46 4.97
FE HEM D . -7.72 4.28 4.71
N ALA A 1 8.49 -9.90 9.19
CA ALA A 1 9.84 -9.35 9.10
C ALA A 1 9.90 -8.35 7.95
N ASP A 2 10.37 -8.84 6.80
CA ASP A 2 10.48 -8.00 5.62
C ASP A 2 9.20 -7.18 5.47
N ASP A 3 8.12 -7.70 6.02
CA ASP A 3 6.83 -7.03 5.94
C ASP A 3 6.98 -5.60 6.46
N ILE A 4 5.86 -4.90 6.52
CA ILE A 4 5.84 -3.53 6.98
C ILE A 4 4.46 -3.20 7.55
N VAL A 5 4.45 -2.61 8.74
CA VAL A 5 3.21 -2.24 9.39
C VAL A 5 3.15 -0.71 9.52
N PHE A 6 1.95 -0.19 9.28
CA PHE A 6 1.74 1.25 9.36
C PHE A 6 0.68 1.58 10.41
N LYS A 7 1.15 2.11 11.53
CA LYS A 7 0.26 2.48 12.62
C LYS A 7 -0.93 3.25 12.05
N ALA A 8 -2.12 2.80 12.43
CA ALA A 8 -3.35 3.43 11.96
C ALA A 8 -4.27 3.69 13.16
N LYS A 9 -5.01 4.78 13.07
CA LYS A 9 -5.93 5.15 14.13
C LYS A 9 -7.25 4.41 13.93
N ASN A 10 -7.23 3.45 13.02
CA ASN A 10 -8.42 2.67 12.72
C ASN A 10 -8.01 1.22 12.42
N GLY A 11 -6.83 0.87 12.89
CA GLY A 11 -6.31 -0.48 12.68
C GLY A 11 -5.07 -0.45 11.78
N ASP A 12 -4.04 -1.15 12.23
CA ASP A 12 -2.80 -1.22 11.47
C ASP A 12 -3.10 -1.57 10.02
N VAL A 13 -2.25 -1.07 9.13
CA VAL A 13 -2.43 -1.33 7.71
C VAL A 13 -1.23 -2.14 7.20
N LYS A 14 -1.38 -3.46 7.26
CA LYS A 14 -0.32 -4.34 6.80
C LYS A 14 -0.12 -4.17 5.29
N PHE A 15 1.14 -4.24 4.88
CA PHE A 15 1.48 -4.09 3.48
C PHE A 15 2.70 -4.94 3.11
N PRO A 16 2.43 -6.01 2.35
CA PRO A 16 3.43 -6.95 1.89
C PRO A 16 4.41 -6.23 0.97
N HIS A 17 5.51 -5.75 1.55
CA HIS A 17 6.51 -5.05 0.76
C HIS A 17 7.24 -6.05 -0.15
N LYS A 18 7.83 -7.05 0.49
CA LYS A 18 8.56 -8.06 -0.25
C LYS A 18 7.62 -8.75 -1.25
N ALA A 19 6.40 -8.99 -0.79
CA ALA A 19 5.41 -9.63 -1.63
C ALA A 19 5.12 -8.74 -2.84
N HIS A 20 4.85 -7.48 -2.56
CA HIS A 20 4.55 -6.52 -3.60
C HIS A 20 5.79 -6.32 -4.47
N GLN A 21 6.92 -6.79 -3.96
CA GLN A 21 8.17 -6.67 -4.68
C GLN A 21 8.31 -7.80 -5.70
N LYS A 22 7.44 -8.79 -5.57
CA LYS A 22 7.45 -9.92 -6.47
C LYS A 22 6.25 -9.83 -7.42
N ALA A 23 5.26 -9.07 -6.99
CA ALA A 23 4.06 -8.89 -7.79
C ALA A 23 4.27 -7.72 -8.75
N VAL A 24 4.79 -6.63 -8.21
CA VAL A 24 5.03 -5.44 -9.01
C VAL A 24 6.55 -5.22 -9.13
N PRO A 25 7.08 -5.61 -10.29
CA PRO A 25 8.48 -5.49 -10.62
C PRO A 25 8.93 -4.05 -10.47
N ASP A 26 8.47 -3.18 -11.36
CA ASP A 26 8.83 -1.77 -11.30
C ASP A 26 8.44 -1.21 -9.94
N CYS A 27 9.42 -0.63 -9.28
CA CYS A 27 9.19 -0.04 -7.96
C CYS A 27 8.85 1.44 -8.15
N LYS A 28 9.33 1.98 -9.26
CA LYS A 28 9.09 3.38 -9.58
C LYS A 28 7.59 3.69 -9.41
N LYS A 29 6.79 2.64 -9.51
CA LYS A 29 5.35 2.78 -9.40
C LYS A 29 5.01 3.23 -7.97
N CYS A 30 5.90 2.89 -7.05
CA CYS A 30 5.70 3.26 -5.65
C CYS A 30 6.82 4.23 -5.25
N HIS A 31 8.01 3.96 -5.77
CA HIS A 31 9.17 4.79 -5.49
C HIS A 31 9.56 5.58 -6.74
N GLU A 32 8.67 6.47 -7.13
CA GLU A 32 8.90 7.30 -8.31
C GLU A 32 10.14 8.16 -8.11
N LYS A 33 10.27 8.69 -6.90
CA LYS A 33 11.40 9.53 -6.56
C LYS A 33 12.50 8.68 -5.91
N GLY A 34 12.66 7.48 -6.44
CA GLY A 34 13.66 6.56 -5.92
C GLY A 34 13.20 5.90 -4.62
N PRO A 35 13.89 4.84 -4.25
CA PRO A 35 13.61 4.06 -3.05
C PRO A 35 13.62 4.98 -1.84
N GLY A 36 13.04 4.52 -0.74
CA GLY A 36 12.99 5.32 0.47
C GLY A 36 11.54 5.62 0.88
N LYS A 37 11.41 6.48 1.88
CA LYS A 37 10.10 6.85 2.38
C LYS A 37 9.36 7.65 1.31
N ILE A 38 8.05 7.77 1.49
CA ILE A 38 7.22 8.51 0.55
C ILE A 38 6.64 9.74 1.25
N GLU A 39 7.42 10.81 1.21
CA GLU A 39 7.00 12.06 1.84
C GLU A 39 5.74 12.60 1.15
N GLY A 40 4.61 12.37 1.80
CA GLY A 40 3.33 12.82 1.26
C GLY A 40 2.30 11.69 1.29
N PHE A 41 2.76 10.52 1.67
CA PHE A 41 1.89 9.35 1.74
C PHE A 41 0.75 9.59 2.75
N GLY A 42 -0.22 8.68 2.71
CA GLY A 42 -1.37 8.78 3.60
C GLY A 42 -2.66 8.45 2.86
N LYS A 43 -3.75 8.43 3.62
CA LYS A 43 -5.05 8.14 3.05
C LYS A 43 -5.12 8.67 1.62
N GLU A 44 -4.54 9.85 1.44
CA GLU A 44 -4.53 10.49 0.14
C GLU A 44 -4.35 9.44 -0.96
N MET A 45 -3.11 8.98 -1.11
CA MET A 45 -2.80 7.98 -2.11
C MET A 45 -3.31 6.60 -1.69
N ALA A 46 -3.04 6.25 -0.44
CA ALA A 46 -3.46 4.97 0.10
C ALA A 46 -4.91 4.70 -0.33
N HIS A 47 -5.63 5.79 -0.55
CA HIS A 47 -7.02 5.68 -0.97
C HIS A 47 -7.14 5.88 -2.48
N GLY A 48 -6.65 7.03 -2.93
CA GLY A 48 -6.68 7.36 -4.34
C GLY A 48 -5.92 6.31 -5.16
N LYS A 49 -5.22 6.80 -6.18
CA LYS A 49 -4.45 5.93 -7.05
C LYS A 49 -3.12 5.59 -6.36
N GLY A 50 -3.24 5.09 -5.13
CA GLY A 50 -2.06 4.73 -4.36
C GLY A 50 -1.99 3.21 -4.16
N CYS A 51 -2.99 2.70 -3.47
CA CYS A 51 -3.05 1.27 -3.19
C CYS A 51 -4.36 0.73 -3.77
N LYS A 52 -5.46 1.38 -3.40
CA LYS A 52 -6.77 0.96 -3.87
C LYS A 52 -6.81 1.10 -5.40
N GLY A 53 -6.02 2.03 -5.90
CA GLY A 53 -5.95 2.26 -7.33
C GLY A 53 -5.36 1.05 -8.06
N CYS A 54 -4.30 0.50 -7.47
CA CYS A 54 -3.64 -0.65 -8.04
C CYS A 54 -4.29 -1.91 -7.49
N HIS A 55 -5.49 -1.74 -6.97
CA HIS A 55 -6.24 -2.86 -6.40
C HIS A 55 -7.56 -3.03 -7.15
N GLU A 56 -8.44 -2.07 -6.94
CA GLU A 56 -9.74 -2.10 -7.60
C GLU A 56 -9.58 -2.33 -9.10
N GLU A 57 -8.62 -1.62 -9.67
CA GLU A 57 -8.35 -1.73 -11.10
C GLU A 57 -8.39 -3.20 -11.53
N MET A 58 -7.76 -4.04 -10.71
CA MET A 58 -7.72 -5.46 -11.00
C MET A 58 -8.77 -6.21 -10.18
N LYS A 59 -9.31 -5.52 -9.19
CA LYS A 59 -10.33 -6.11 -8.33
C LYS A 59 -9.70 -7.22 -7.50
N LYS A 60 -8.56 -6.90 -6.90
CA LYS A 60 -7.84 -7.85 -6.08
C LYS A 60 -7.07 -7.10 -4.99
N GLY A 61 -7.34 -7.47 -3.75
CA GLY A 61 -6.68 -6.84 -2.62
C GLY A 61 -7.69 -6.17 -1.69
N PRO A 62 -7.17 -5.61 -0.59
CA PRO A 62 -7.94 -4.93 0.42
C PRO A 62 -8.58 -3.69 -0.19
N THR A 63 -9.86 -3.78 -0.52
CA THR A 63 -10.57 -2.65 -1.10
C THR A 63 -11.59 -2.08 -0.11
N LYS A 64 -11.74 -2.79 1.01
CA LYS A 64 -12.66 -2.36 2.03
C LYS A 64 -11.89 -1.73 3.19
N CYS A 65 -12.62 -1.03 4.04
CA CYS A 65 -12.02 -0.36 5.18
C CYS A 65 -11.82 -1.40 6.29
N GLY A 66 -12.39 -2.58 6.06
CA GLY A 66 -12.29 -3.66 7.02
C GLY A 66 -11.15 -4.62 6.65
N GLU A 67 -10.48 -4.29 5.56
CA GLU A 67 -9.38 -5.11 5.08
C GLU A 67 -8.04 -4.45 5.39
N CYS A 68 -8.00 -3.15 5.16
CA CYS A 68 -6.79 -2.37 5.42
C CYS A 68 -6.82 -1.92 6.88
N HIS A 69 -7.90 -1.26 7.25
CA HIS A 69 -8.06 -0.76 8.60
C HIS A 69 -8.68 -1.85 9.47
N LYS A 70 -7.86 -2.84 9.82
CA LYS A 70 -8.32 -3.94 10.65
C LYS A 70 -7.10 -4.67 11.22
N LYS A 71 -6.55 -4.10 12.27
CA LYS A 71 -5.39 -4.68 12.93
C LYS A 71 -5.64 -6.18 13.15
CHA HEM B . 9.21 1.83 1.94
CHB HEM B . 12.75 0.01 -0.86
CHC HEM B . 9.43 -1.66 -4.01
CHD HEM B . 5.91 0.65 -1.44
C1A HEM B . 10.46 1.45 1.45
C2A HEM B . 11.70 1.67 2.15
C3A HEM B . 12.68 1.17 1.38
C4A HEM B . 12.06 0.63 0.19
CMA HEM B . 14.16 1.16 1.65
CAA HEM B . 11.84 2.34 3.49
CBA HEM B . 13.01 3.31 3.58
CGA HEM B . 13.98 2.89 4.69
O1A HEM B . 13.50 2.79 5.84
O2A HEM B . 15.16 2.68 4.35
C1B HEM B . 12.15 -0.53 -2.00
C2B HEM B . 12.86 -0.96 -3.17
C3B HEM B . 11.94 -1.43 -4.05
C4B HEM B . 10.65 -1.28 -3.42
CMB HEM B . 14.35 -0.89 -3.35
CAB HEM B . 12.17 -1.98 -5.42
CBB HEM B . 13.42 -1.43 -6.12
C1C HEM B . 8.14 -1.12 -3.59
C2C HEM B . 6.91 -1.21 -4.35
C3C HEM B . 5.95 -0.56 -3.65
C4C HEM B . 6.57 -0.08 -2.44
CMC HEM B . 6.77 -1.89 -5.69
CAC HEM B . 4.51 -0.38 -4.01
CBC HEM B . 3.88 -1.57 -4.73
C1D HEM B . 6.51 1.16 -0.30
C2D HEM B . 5.83 1.91 0.72
C3D HEM B . 6.74 2.25 1.67
C4D HEM B . 8.00 1.70 1.23
CMD HEM B . 4.36 2.25 0.71
CAD HEM B . 6.52 3.03 2.93
CBD HEM B . 7.05 4.46 2.87
CGD HEM B . 5.92 5.44 2.63
O1D HEM B . 4.82 4.97 2.26
O2D HEM B . 6.18 6.65 2.82
NA HEM B . 10.69 0.80 0.26
NB HEM B . 10.78 -0.73 -2.16
NC HEM B . 7.91 -0.42 -2.42
ND HEM B . 7.86 1.04 0.03
FE HEM B . 9.20 0.12 -1.08
CHA HEM C . -2.66 -7.39 -2.92
CHB HEM C . -1.78 -3.78 0.24
CHC HEM C . -0.16 -0.97 -3.41
CHD HEM C . -1.16 -4.56 -6.59
C1A HEM C . -2.51 -6.66 -1.74
C2A HEM C . -2.74 -7.19 -0.42
C3A HEM C . -2.50 -6.18 0.45
C4A HEM C . -2.11 -5.02 -0.32
CMA HEM C . -2.59 -6.22 1.95
CAA HEM C . -3.16 -8.59 -0.12
CBA HEM C . -2.41 -9.65 -0.91
CGA HEM C . -1.73 -10.64 0.04
O1A HEM C . -1.20 -10.18 1.07
O2A HEM C . -1.77 -11.85 -0.30
C1B HEM C . -1.26 -2.71 -0.49
C2B HEM C . -0.91 -1.43 0.08
C3B HEM C . -0.46 -0.65 -0.93
C4B HEM C . -0.54 -1.44 -2.13
CMB HEM C . -1.01 -1.08 1.54
CAB HEM C . 0.05 0.76 -0.85
CBB HEM C . 0.95 1.03 0.34
C1C HEM C . -0.19 -1.77 -4.59
C2C HEM C . 0.18 -1.28 -5.90
C3C HEM C . -0.13 -2.26 -6.79
C4C HEM C . -0.71 -3.35 -6.03
CMC HEM C . 0.79 0.05 -6.19
CAC HEM C . 0.05 -2.25 -8.27
CBC HEM C . 1.36 -1.62 -8.74
C1D HEM C . -1.68 -5.62 -5.86
C2D HEM C . -2.17 -6.85 -6.44
C3D HEM C . -2.58 -7.63 -5.43
C4D HEM C . -2.36 -6.90 -4.20
CMD HEM C . -2.19 -7.15 -7.91
CAD HEM C . -3.18 -9.01 -5.51
CBD HEM C . -2.25 -10.12 -5.02
CGD HEM C . -1.72 -10.94 -6.19
O1D HEM C . -1.78 -12.18 -6.09
O2D HEM C . -1.27 -10.30 -7.18
NA HEM C . -2.11 -5.33 -1.67
NB HEM C . -1.04 -2.70 -1.86
NC HEM C . -0.73 -3.04 -4.69
ND HEM C . -1.79 -5.67 -4.48
FE HEM C . -1.35 -4.22 -3.31
CHA HEM D . -5.59 6.55 6.36
CHB HEM D . -10.44 6.06 6.27
CHC HEM D . -10.01 2.30 3.20
CHD HEM D . -5.10 2.47 3.74
C1A HEM D . -6.95 6.73 6.59
C2A HEM D . -7.49 7.74 7.46
C3A HEM D . -8.84 7.62 7.44
C4A HEM D . -9.14 6.52 6.56
CMA HEM D . -9.86 8.43 8.16
CAA HEM D . -6.68 8.75 8.22
CBA HEM D . -6.14 8.23 9.55
CGA HEM D . -5.33 9.30 10.27
O1A HEM D . -5.93 10.37 10.55
O2A HEM D . -4.14 9.03 10.53
C1B HEM D . -10.73 5.02 5.39
C2B HEM D . -12.07 4.64 5.00
C3B HEM D . -11.96 3.60 4.14
C4B HEM D . -10.55 3.32 4.00
CMB HEM D . -13.33 5.32 5.47
CAB HEM D . -13.05 2.84 3.45
CBB HEM D . -14.10 3.74 2.80
C1C HEM D . -8.56 2.02 3.01
C2C HEM D . -8.01 0.84 2.39
C3C HEM D . -6.68 0.88 2.58
C4C HEM D . -6.39 2.07 3.33
CMC HEM D . -8.82 -0.19 1.66
CAC HEM D . -5.65 -0.12 2.11
CBC HEM D . -5.77 -0.49 0.64
C1D HEM D . -4.82 3.59 4.51
C2D HEM D . -3.50 3.98 4.93
C3D HEM D . -3.64 5.11 5.65
C4D HEM D . -5.04 5.43 5.69
CMD HEM D . -2.24 3.25 4.59
CAD HEM D . -2.56 5.92 6.32
CBD HEM D . -2.22 5.47 7.74
CGD HEM D . -3.40 4.74 8.37
O1D HEM D . -3.93 5.28 9.37
O2D HEM D . -3.75 3.66 7.85
NA HEM D . -7.97 5.98 6.05
NB HEM D . -9.80 4.20 4.77
NC HEM D . -7.55 2.77 3.59
ND HEM D . -5.77 4.48 4.99
FE HEM D . -7.71 4.33 4.73
N ALA A 1 12.22 -7.02 8.90
CA ALA A 1 12.15 -8.29 8.19
C ALA A 1 11.94 -8.03 6.70
N ASP A 2 10.73 -7.64 6.36
CA ASP A 2 10.39 -7.35 4.98
C ASP A 2 9.04 -6.65 4.92
N ASP A 3 8.11 -7.14 5.74
CA ASP A 3 6.77 -6.58 5.79
C ASP A 3 6.86 -5.12 6.25
N ILE A 4 5.70 -4.50 6.39
CA ILE A 4 5.63 -3.12 6.82
C ILE A 4 4.25 -2.84 7.44
N VAL A 5 4.28 -2.18 8.58
CA VAL A 5 3.04 -1.86 9.28
C VAL A 5 2.91 -0.34 9.40
N PHE A 6 1.71 0.14 9.12
CA PHE A 6 1.44 1.57 9.19
C PHE A 6 0.41 1.88 10.26
N LYS A 7 0.89 2.38 11.39
CA LYS A 7 0.01 2.72 12.49
C LYS A 7 -1.21 3.48 11.96
N ALA A 8 -2.38 3.02 12.37
CA ALA A 8 -3.62 3.64 11.94
C ALA A 8 -4.57 3.74 13.14
N LYS A 9 -5.42 4.77 13.10
CA LYS A 9 -6.38 4.98 14.16
C LYS A 9 -7.63 4.15 13.88
N ASN A 10 -7.50 3.24 12.93
CA ASN A 10 -8.62 2.39 12.56
C ASN A 10 -8.10 0.97 12.30
N GLY A 11 -6.92 0.69 12.84
CA GLY A 11 -6.31 -0.62 12.68
C GLY A 11 -5.08 -0.54 11.77
N ASP A 12 -4.02 -1.18 12.21
CA ASP A 12 -2.78 -1.19 11.46
C ASP A 12 -3.06 -1.65 10.03
N VAL A 13 -2.42 -0.99 9.08
CA VAL A 13 -2.60 -1.32 7.68
C VAL A 13 -1.36 -2.07 7.19
N LYS A 14 -1.41 -3.39 7.31
CA LYS A 14 -0.30 -4.22 6.88
C LYS A 14 -0.15 -4.12 5.36
N PHE A 15 1.10 -4.11 4.92
CA PHE A 15 1.39 -4.02 3.50
C PHE A 15 2.60 -4.88 3.13
N PRO A 16 2.34 -5.93 2.35
CA PRO A 16 3.33 -6.87 1.89
C PRO A 16 4.31 -6.16 0.96
N HIS A 17 5.44 -5.73 1.51
CA HIS A 17 6.44 -5.03 0.72
C HIS A 17 7.11 -6.02 -0.24
N LYS A 18 7.64 -7.08 0.33
CA LYS A 18 8.31 -8.10 -0.46
C LYS A 18 7.30 -8.75 -1.41
N ALA A 19 6.18 -9.17 -0.84
CA ALA A 19 5.13 -9.80 -1.62
C ALA A 19 4.82 -8.93 -2.85
N HIS A 20 4.72 -7.63 -2.60
CA HIS A 20 4.44 -6.68 -3.65
C HIS A 20 5.65 -6.57 -4.59
N GLN A 21 6.79 -6.94 -4.06
CA GLN A 21 8.03 -6.89 -4.83
C GLN A 21 8.09 -8.05 -5.82
N LYS A 22 7.18 -9.01 -5.62
CA LYS A 22 7.13 -10.17 -6.49
C LYS A 22 5.94 -10.04 -7.44
N ALA A 23 4.92 -9.32 -6.97
CA ALA A 23 3.73 -9.11 -7.77
C ALA A 23 3.97 -7.97 -8.75
N VAL A 24 4.50 -6.87 -8.23
CA VAL A 24 4.79 -5.71 -9.06
C VAL A 24 6.29 -5.64 -9.31
N PRO A 25 6.63 -5.37 -10.58
CA PRO A 25 8.00 -5.26 -11.05
C PRO A 25 8.53 -3.85 -10.75
N ASP A 26 8.47 -2.98 -11.75
CA ASP A 26 8.95 -1.62 -11.58
C ASP A 26 8.47 -1.09 -10.23
N CYS A 27 9.44 -0.64 -9.43
CA CYS A 27 9.12 -0.11 -8.11
C CYS A 27 8.79 1.37 -8.27
N LYS A 28 9.24 1.94 -9.37
CA LYS A 28 9.00 3.35 -9.65
C LYS A 28 7.51 3.64 -9.48
N LYS A 29 6.71 2.59 -9.61
CA LYS A 29 5.27 2.72 -9.47
C LYS A 29 4.93 3.17 -8.05
N CYS A 30 5.80 2.81 -7.13
CA CYS A 30 5.61 3.18 -5.73
C CYS A 30 6.73 4.15 -5.33
N HIS A 31 7.91 3.90 -5.87
CA HIS A 31 9.06 4.73 -5.58
C HIS A 31 9.47 5.49 -6.85
N GLU A 32 8.63 6.45 -7.22
CA GLU A 32 8.89 7.25 -8.40
C GLU A 32 10.20 8.02 -8.24
N LYS A 33 10.40 8.55 -7.04
CA LYS A 33 11.61 9.31 -6.75
C LYS A 33 12.64 8.37 -6.12
N GLY A 34 12.71 7.17 -6.67
CA GLY A 34 13.65 6.18 -6.17
C GLY A 34 13.19 5.59 -4.85
N PRO A 35 13.58 4.34 -4.62
CA PRO A 35 13.25 3.59 -3.42
C PRO A 35 13.49 4.45 -2.19
N GLY A 36 12.71 4.22 -1.15
CA GLY A 36 12.85 4.99 0.08
C GLY A 36 11.48 5.33 0.68
N LYS A 37 11.47 6.38 1.48
CA LYS A 37 10.24 6.82 2.12
C LYS A 37 9.42 7.63 1.13
N ILE A 38 8.14 7.79 1.45
CA ILE A 38 7.24 8.54 0.60
C ILE A 38 6.71 9.75 1.37
N GLU A 39 7.47 10.84 1.31
CA GLU A 39 7.09 12.06 1.99
C GLU A 39 5.82 12.65 1.37
N GLY A 40 4.71 12.43 2.05
CA GLY A 40 3.43 12.93 1.57
C GLY A 40 2.37 11.83 1.59
N PHE A 41 2.83 10.60 1.81
CA PHE A 41 1.95 9.46 1.85
C PHE A 41 0.83 9.67 2.87
N GLY A 42 -0.22 8.88 2.73
CA GLY A 42 -1.37 8.97 3.62
C GLY A 42 -2.66 8.59 2.90
N LYS A 43 -3.72 8.49 3.69
CA LYS A 43 -5.02 8.13 3.14
C LYS A 43 -5.13 8.67 1.71
N GLU A 44 -4.67 9.90 1.54
CA GLU A 44 -4.70 10.54 0.23
C GLU A 44 -4.43 9.51 -0.87
N MET A 45 -3.19 9.05 -0.90
CA MET A 45 -2.79 8.07 -1.91
C MET A 45 -3.29 6.68 -1.53
N ALA A 46 -3.08 6.31 -0.28
CA ALA A 46 -3.50 5.02 0.22
C ALA A 46 -4.95 4.77 -0.21
N HIS A 47 -5.66 5.85 -0.46
CA HIS A 47 -7.05 5.76 -0.88
C HIS A 47 -7.15 5.99 -2.39
N GLY A 48 -6.62 7.12 -2.82
CA GLY A 48 -6.64 7.48 -4.23
C GLY A 48 -5.93 6.40 -5.07
N LYS A 49 -5.22 6.86 -6.08
CA LYS A 49 -4.50 5.96 -6.97
C LYS A 49 -3.17 5.58 -6.32
N GLY A 50 -3.25 5.15 -5.07
CA GLY A 50 -2.06 4.76 -4.33
C GLY A 50 -2.03 3.24 -4.12
N CYS A 51 -3.02 2.75 -3.39
CA CYS A 51 -3.11 1.33 -3.10
C CYS A 51 -4.40 0.81 -3.73
N LYS A 52 -5.51 1.41 -3.30
CA LYS A 52 -6.82 1.00 -3.81
C LYS A 52 -6.85 1.19 -5.33
N GLY A 53 -5.98 2.06 -5.81
CA GLY A 53 -5.90 2.35 -7.23
C GLY A 53 -5.37 1.13 -8.00
N CYS A 54 -4.28 0.58 -7.48
CA CYS A 54 -3.67 -0.59 -8.11
C CYS A 54 -4.31 -1.84 -7.52
N HIS A 55 -5.51 -1.66 -7.00
CA HIS A 55 -6.24 -2.77 -6.40
C HIS A 55 -7.56 -2.97 -7.12
N GLU A 56 -8.45 -2.00 -6.96
CA GLU A 56 -9.75 -2.06 -7.59
C GLU A 56 -9.60 -2.31 -9.10
N GLU A 57 -8.68 -1.57 -9.70
CA GLU A 57 -8.43 -1.70 -11.12
C GLU A 57 -8.42 -3.18 -11.53
N MET A 58 -7.78 -3.98 -10.69
CA MET A 58 -7.69 -5.41 -10.95
C MET A 58 -8.74 -6.17 -10.16
N LYS A 59 -9.31 -5.50 -9.17
CA LYS A 59 -10.33 -6.10 -8.33
C LYS A 59 -9.70 -7.20 -7.47
N LYS A 60 -8.56 -6.87 -6.87
CA LYS A 60 -7.86 -7.82 -6.04
C LYS A 60 -7.10 -7.06 -4.95
N GLY A 61 -7.34 -7.46 -3.70
CA GLY A 61 -6.69 -6.83 -2.57
C GLY A 61 -7.72 -6.17 -1.65
N PRO A 62 -7.21 -5.59 -0.56
CA PRO A 62 -7.99 -4.90 0.44
C PRO A 62 -8.59 -3.63 -0.16
N THR A 63 -9.86 -3.69 -0.53
CA THR A 63 -10.53 -2.54 -1.11
C THR A 63 -11.56 -1.98 -0.14
N LYS A 64 -11.81 -2.73 0.92
CA LYS A 64 -12.77 -2.33 1.93
C LYS A 64 -12.03 -1.73 3.13
N CYS A 65 -12.78 -1.01 3.96
CA CYS A 65 -12.20 -0.40 5.13
C CYS A 65 -12.04 -1.47 6.22
N GLY A 66 -12.55 -2.66 5.90
CA GLY A 66 -12.48 -3.77 6.83
C GLY A 66 -11.35 -4.73 6.45
N GLU A 67 -10.61 -4.34 5.42
CA GLU A 67 -9.50 -5.16 4.96
C GLU A 67 -8.17 -4.49 5.30
N CYS A 68 -8.11 -3.19 5.04
CA CYS A 68 -6.90 -2.42 5.32
C CYS A 68 -6.95 -1.99 6.79
N HIS A 69 -8.06 -1.37 7.16
CA HIS A 69 -8.23 -0.89 8.52
C HIS A 69 -8.88 -1.99 9.37
N LYS A 70 -8.04 -2.88 9.86
CA LYS A 70 -8.53 -3.98 10.69
C LYS A 70 -7.33 -4.74 11.25
N LYS A 71 -6.88 -4.29 12.41
CA LYS A 71 -5.74 -4.91 13.08
C LYS A 71 -5.87 -6.43 12.96
CHA HEM B . 9.17 1.83 1.81
CHB HEM B . 12.67 0.00 -1.03
CHC HEM B . 9.32 -1.72 -4.11
CHD HEM B . 5.82 0.59 -1.50
C1A HEM B . 10.40 1.45 1.31
C2A HEM B . 11.66 1.68 1.98
C3A HEM B . 12.64 1.17 1.20
C4A HEM B . 11.99 0.62 0.03
CMA HEM B . 14.11 1.16 1.46
CAA HEM B . 11.81 2.36 3.31
CBA HEM B . 12.96 3.36 3.38
CGA HEM B . 13.88 3.06 4.55
O1A HEM B . 15.10 2.93 4.30
O2A HEM B . 13.35 2.95 5.68
C1B HEM B . 12.07 -0.56 -2.14
C2B HEM B . 12.77 -1.02 -3.32
C3B HEM B . 11.83 -1.49 -4.17
C4B HEM B . 10.54 -1.34 -3.54
CMB HEM B . 14.25 -0.95 -3.51
CAB HEM B . 12.05 -2.09 -5.54
CBB HEM B . 13.32 -1.60 -6.23
C1C HEM B . 8.01 -1.21 -3.66
C2C HEM B . 6.79 -1.30 -4.41
C3C HEM B . 5.84 -0.64 -3.71
C4C HEM B . 6.47 -0.15 -2.51
CMC HEM B . 6.64 -2.00 -5.74
CAC HEM B . 4.40 -0.44 -4.07
CBC HEM B . 3.75 -1.64 -4.76
C1D HEM B . 6.44 1.13 -0.39
C2D HEM B . 5.77 1.91 0.62
C3D HEM B . 6.69 2.26 1.54
C4D HEM B . 7.95 1.70 1.11
CMD HEM B . 4.31 2.26 0.60
CAD HEM B . 6.50 3.08 2.77
CBD HEM B . 7.13 4.47 2.71
CGD HEM B . 6.88 5.25 4.00
O1D HEM B . 6.86 4.60 5.05
O2D HEM B . 6.71 6.49 3.88
NA HEM B . 10.62 0.80 0.11
NB HEM B . 10.69 -0.77 -2.29
NC HEM B . 7.80 -0.51 -2.49
ND HEM B . 7.78 1.00 -0.07
FE HEM B . 9.11 0.05 -1.17
CHA HEM C . -2.66 -7.32 -2.89
CHB HEM C . -1.82 -3.66 0.21
CHC HEM C . -0.14 -0.92 -3.46
CHD HEM C . -1.16 -4.54 -6.60
C1A HEM C . -2.52 -6.56 -1.73
C2A HEM C . -2.77 -7.07 -0.40
C3A HEM C . -2.53 -6.06 0.46
C4A HEM C . -2.14 -4.92 -0.33
CMA HEM C . -2.64 -6.08 1.96
CAA HEM C . -3.20 -8.47 -0.08
CBA HEM C . -2.41 -9.55 -0.82
CGA HEM C . -1.69 -10.47 0.15
O1A HEM C . -0.50 -10.20 0.40
O2A HEM C . -2.34 -11.42 0.63
C1B HEM C . -1.30 -2.60 -0.53
C2B HEM C . -0.93 -1.32 0.03
C3B HEM C . -0.47 -0.55 -0.98
C4B HEM C . -0.53 -1.36 -2.18
CMB HEM C . -1.07 -0.94 1.48
CAB HEM C . 0.03 0.86 -0.92
CBB HEM C . 0.90 1.15 0.29
C1C HEM C . -0.20 -1.71 -4.64
C2C HEM C . 0.16 -1.25 -5.96
C3C HEM C . -0.15 -2.23 -6.82
C4C HEM C . -0.71 -3.32 -6.05
CMC HEM C . 0.77 0.09 -6.25
CAC HEM C . 0.04 -2.25 -8.32
CBC HEM C . 1.22 -1.41 -8.80
C1D HEM C . -1.68 -5.59 -5.85
C2D HEM C . -2.17 -6.82 -6.42
C3D HEM C . -2.59 -7.60 -5.40
C4D HEM C . -2.36 -6.85 -4.18
CMD HEM C . -2.21 -7.14 -7.89
CAD HEM C . -3.19 -8.96 -5.46
CBD HEM C . -2.27 -10.07 -4.94
CGD HEM C . -1.75 -10.93 -6.09
O1D HEM C . -1.04 -10.37 -6.94
O2D HEM C . -2.08 -12.14 -6.08
NA HEM C . -2.14 -5.24 -1.67
NB HEM C . -1.04 -2.62 -1.90
NC HEM C . -0.74 -2.99 -4.71
ND HEM C . -1.80 -5.62 -4.47
FE HEM C . -1.35 -4.15 -3.32
CHA HEM D . -5.70 6.48 6.51
CHB HEM D . -10.53 5.98 6.30
CHC HEM D . -10.03 2.29 3.17
CHD HEM D . -5.13 2.46 3.81
C1A HEM D . -7.05 6.66 6.71
C2A HEM D . -7.62 7.69 7.56
C3A HEM D . -8.97 7.55 7.50
C4A HEM D . -9.25 6.44 6.62
CMA HEM D . -10.01 8.37 8.20
CAA HEM D . -6.83 8.70 8.33
CBA HEM D . -6.32 8.19 9.67
CGA HEM D . -5.49 9.25 10.38
O1A HEM D . -6.12 10.15 10.99
O2A HEM D . -4.25 9.14 10.31
C1B HEM D . -10.81 4.95 5.41
C2B HEM D . -12.13 4.57 4.98
C3B HEM D . -12.00 3.54 4.11
C4B HEM D . -10.58 3.28 3.99
CMB HEM D . -13.40 5.22 5.45
CAB HEM D . -13.08 2.80 3.39
CBB HEM D . -14.04 3.69 2.62
C1C HEM D . -8.57 2.03 2.99
C2C HEM D . -8.00 0.87 2.35
C3C HEM D . -6.68 0.90 2.57
C4C HEM D . -6.40 2.08 3.36
CMC HEM D . -8.79 -0.15 1.57
CAC HEM D . -5.63 -0.08 2.12
CBC HEM D . -5.72 -0.43 0.64
C1D HEM D . -4.88 3.56 4.62
C2D HEM D . -3.57 3.94 5.09
C3D HEM D . -3.72 5.05 5.84
C4D HEM D . -5.13 5.38 5.84
CMD HEM D . -2.30 3.20 4.78
CAD HEM D . -2.66 5.84 6.56
CBD HEM D . -2.31 5.28 7.93
CGD HEM D . -2.80 6.21 9.04
O1D HEM D . -3.84 5.86 9.64
O2D HEM D . -2.12 7.23 9.27
NA HEM D . -8.06 5.90 6.15
NB HEM D . -9.86 4.15 4.79
NC HEM D . -7.58 2.76 3.61
ND HEM D . -5.83 4.46 5.08
FE HEM D . -7.76 4.31 4.79
N ALA A 1 11.56 -8.72 9.49
CA ALA A 1 10.18 -8.63 9.06
C ALA A 1 10.10 -7.83 7.77
N ASP A 2 10.35 -8.52 6.65
CA ASP A 2 10.32 -7.87 5.35
C ASP A 2 9.02 -7.08 5.21
N ASP A 3 8.02 -7.51 5.97
CA ASP A 3 6.71 -6.85 5.94
C ASP A 3 6.86 -5.43 6.47
N ILE A 4 5.73 -4.74 6.56
CA ILE A 4 5.72 -3.38 7.05
C ILE A 4 4.35 -3.05 7.62
N VAL A 5 4.34 -2.48 8.81
CA VAL A 5 3.10 -2.11 9.48
C VAL A 5 3.05 -0.59 9.65
N PHE A 6 1.85 -0.05 9.41
CA PHE A 6 1.65 1.38 9.53
C PHE A 6 0.60 1.70 10.60
N LYS A 7 1.10 2.18 11.74
CA LYS A 7 0.22 2.52 12.84
C LYS A 7 -0.94 3.37 12.32
N ALA A 8 -2.15 2.93 12.66
CA ALA A 8 -3.35 3.63 12.24
C ALA A 8 -4.32 3.73 13.42
N LYS A 9 -5.03 4.85 13.45
CA LYS A 9 -5.99 5.10 14.52
C LYS A 9 -7.31 4.39 14.17
N ASN A 10 -7.26 3.57 13.14
CA ASN A 10 -8.43 2.84 12.70
C ASN A 10 -8.05 1.39 12.40
N GLY A 11 -6.87 1.01 12.87
CA GLY A 11 -6.37 -0.33 12.66
C GLY A 11 -5.09 -0.31 11.83
N ASP A 12 -4.12 -1.09 12.28
CA ASP A 12 -2.85 -1.17 11.59
C ASP A 12 -3.09 -1.59 10.14
N VAL A 13 -2.34 -0.96 9.24
CA VAL A 13 -2.46 -1.25 7.82
C VAL A 13 -1.22 -2.00 7.35
N LYS A 14 -1.36 -3.31 7.24
CA LYS A 14 -0.26 -4.16 6.81
C LYS A 14 -0.05 -3.97 5.30
N PHE A 15 1.21 -4.08 4.90
CA PHE A 15 1.56 -3.93 3.51
C PHE A 15 2.78 -4.78 3.14
N PRO A 16 2.52 -5.85 2.38
CA PRO A 16 3.53 -6.79 1.93
C PRO A 16 4.50 -6.08 1.00
N HIS A 17 5.66 -5.70 1.52
CA HIS A 17 6.65 -5.02 0.71
C HIS A 17 7.29 -6.02 -0.25
N LYS A 18 7.81 -7.09 0.30
CA LYS A 18 8.44 -8.13 -0.49
C LYS A 18 7.41 -8.79 -1.40
N ALA A 19 6.32 -9.23 -0.77
CA ALA A 19 5.25 -9.89 -1.51
C ALA A 19 4.92 -9.06 -2.76
N HIS A 20 4.82 -7.76 -2.56
CA HIS A 20 4.51 -6.85 -3.65
C HIS A 20 5.68 -6.83 -4.64
N GLN A 21 6.86 -7.08 -4.11
CA GLN A 21 8.06 -7.10 -4.94
C GLN A 21 8.03 -8.29 -5.89
N LYS A 22 7.11 -9.20 -5.63
CA LYS A 22 6.96 -10.39 -6.46
C LYS A 22 5.74 -10.23 -7.37
N ALA A 23 4.75 -9.50 -6.86
CA ALA A 23 3.54 -9.26 -7.61
C ALA A 23 3.76 -8.12 -8.59
N VAL A 24 4.35 -7.04 -8.08
CA VAL A 24 4.63 -5.88 -8.90
C VAL A 24 6.11 -5.86 -9.27
N PRO A 25 6.37 -5.50 -10.53
CA PRO A 25 7.70 -5.41 -11.09
C PRO A 25 8.29 -4.04 -10.79
N ASP A 26 8.28 -3.17 -11.79
CA ASP A 26 8.82 -1.82 -11.61
C ASP A 26 8.42 -1.29 -10.24
N CYS A 27 9.40 -0.77 -9.53
CA CYS A 27 9.15 -0.22 -8.20
C CYS A 27 8.86 1.27 -8.35
N LYS A 28 9.33 1.84 -9.44
CA LYS A 28 9.12 3.25 -9.71
C LYS A 28 7.64 3.59 -9.52
N LYS A 29 6.82 2.56 -9.66
CA LYS A 29 5.38 2.75 -9.49
C LYS A 29 5.09 3.22 -8.06
N CYS A 30 5.92 2.77 -7.15
CA CYS A 30 5.76 3.13 -5.75
C CYS A 30 6.88 4.10 -5.38
N HIS A 31 8.05 3.85 -5.95
CA HIS A 31 9.20 4.70 -5.69
C HIS A 31 9.60 5.45 -6.96
N GLU A 32 8.65 6.26 -7.44
CA GLU A 32 8.89 7.04 -8.64
C GLU A 32 10.09 7.98 -8.44
N LYS A 33 10.15 8.58 -7.27
CA LYS A 33 11.23 9.49 -6.94
C LYS A 33 12.37 8.71 -6.29
N GLY A 34 12.54 7.48 -6.74
CA GLY A 34 13.59 6.63 -6.21
C GLY A 34 13.13 5.95 -4.92
N PRO A 35 13.83 4.86 -4.58
CA PRO A 35 13.57 4.06 -3.40
C PRO A 35 13.58 4.96 -2.16
N GLY A 36 12.87 4.55 -1.12
CA GLY A 36 12.81 5.34 0.10
C GLY A 36 11.36 5.65 0.48
N LYS A 37 11.23 6.38 1.57
CA LYS A 37 9.91 6.77 2.06
C LYS A 37 9.19 7.58 0.97
N ILE A 38 7.93 7.89 1.25
CA ILE A 38 7.12 8.65 0.32
C ILE A 38 6.54 9.87 1.04
N GLU A 39 7.27 10.97 0.96
CA GLU A 39 6.84 12.21 1.59
C GLU A 39 5.56 12.73 0.93
N GLY A 40 4.45 12.49 1.62
CA GLY A 40 3.15 12.94 1.12
C GLY A 40 2.14 11.80 1.18
N PHE A 41 2.63 10.62 1.51
CA PHE A 41 1.77 9.44 1.61
C PHE A 41 0.65 9.67 2.61
N GLY A 42 -0.32 8.77 2.58
CA GLY A 42 -1.46 8.85 3.48
C GLY A 42 -2.76 8.50 2.75
N LYS A 43 -3.83 8.47 3.52
CA LYS A 43 -5.14 8.14 2.97
C LYS A 43 -5.23 8.69 1.54
N GLU A 44 -4.67 9.88 1.36
CA GLU A 44 -4.68 10.51 0.05
C GLU A 44 -4.51 9.47 -1.05
N MET A 45 -3.28 9.02 -1.20
CA MET A 45 -2.96 8.02 -2.22
C MET A 45 -3.43 6.63 -1.79
N ALA A 46 -3.12 6.30 -0.54
CA ALA A 46 -3.51 5.01 0.01
C ALA A 46 -4.95 4.69 -0.40
N HIS A 47 -5.71 5.75 -0.62
CA HIS A 47 -7.10 5.61 -1.02
C HIS A 47 -7.22 5.77 -2.54
N GLY A 48 -6.80 6.94 -3.00
CA GLY A 48 -6.86 7.24 -4.43
C GLY A 48 -6.04 6.23 -5.23
N LYS A 49 -5.37 6.74 -6.26
CA LYS A 49 -4.55 5.90 -7.11
C LYS A 49 -3.22 5.64 -6.42
N GLY A 50 -3.30 5.15 -5.19
CA GLY A 50 -2.11 4.86 -4.43
C GLY A 50 -1.96 3.35 -4.19
N CYS A 51 -2.95 2.79 -3.51
CA CYS A 51 -2.94 1.36 -3.22
C CYS A 51 -4.22 0.75 -3.79
N LYS A 52 -5.34 1.34 -3.41
CA LYS A 52 -6.63 0.87 -3.87
C LYS A 52 -6.69 0.97 -5.40
N GLY A 53 -5.97 1.95 -5.92
CA GLY A 53 -5.93 2.16 -7.37
C GLY A 53 -5.27 0.98 -8.07
N CYS A 54 -4.21 0.48 -7.45
CA CYS A 54 -3.48 -0.65 -8.01
C CYS A 54 -4.09 -1.94 -7.45
N HIS A 55 -5.31 -1.82 -6.95
CA HIS A 55 -6.01 -2.96 -6.40
C HIS A 55 -7.31 -3.19 -7.18
N GLU A 56 -8.24 -2.26 -7.02
CA GLU A 56 -9.52 -2.36 -7.69
C GLU A 56 -9.31 -2.64 -9.18
N GLU A 57 -8.34 -1.94 -9.75
CA GLU A 57 -8.03 -2.10 -11.16
C GLU A 57 -8.02 -3.58 -11.54
N MET A 58 -7.34 -4.37 -10.70
CA MET A 58 -7.26 -5.80 -10.94
C MET A 58 -8.28 -6.56 -10.10
N LYS A 59 -8.91 -5.84 -9.19
CA LYS A 59 -9.91 -6.43 -8.32
C LYS A 59 -9.27 -7.49 -7.45
N LYS A 60 -8.12 -7.15 -6.88
CA LYS A 60 -7.39 -8.07 -6.03
C LYS A 60 -6.68 -7.27 -4.93
N GLY A 61 -6.95 -7.69 -3.69
CA GLY A 61 -6.35 -7.03 -2.54
C GLY A 61 -7.42 -6.40 -1.65
N PRO A 62 -6.96 -5.77 -0.56
CA PRO A 62 -7.79 -5.11 0.41
C PRO A 62 -8.45 -3.90 -0.22
N THR A 63 -9.73 -4.01 -0.54
CA THR A 63 -10.45 -2.92 -1.15
C THR A 63 -11.50 -2.35 -0.18
N LYS A 64 -11.58 -2.99 0.97
CA LYS A 64 -12.53 -2.57 1.99
C LYS A 64 -11.77 -1.91 3.14
N CYS A 65 -12.53 -1.20 3.98
CA CYS A 65 -11.94 -0.52 5.11
C CYS A 65 -11.74 -1.54 6.24
N GLY A 66 -12.29 -2.73 6.03
CA GLY A 66 -12.17 -3.80 7.00
C GLY A 66 -10.99 -4.72 6.67
N GLU A 67 -10.31 -4.39 5.59
CA GLU A 67 -9.17 -5.18 5.15
C GLU A 67 -7.86 -4.46 5.51
N CYS A 68 -7.86 -3.16 5.26
CA CYS A 68 -6.69 -2.34 5.55
C CYS A 68 -6.79 -1.86 7.00
N HIS A 69 -7.91 -1.23 7.30
CA HIS A 69 -8.14 -0.71 8.64
C HIS A 69 -8.78 -1.80 9.51
N LYS A 70 -7.97 -2.78 9.88
CA LYS A 70 -8.44 -3.87 10.71
C LYS A 70 -7.24 -4.66 11.25
N LYS A 71 -6.59 -4.08 12.24
CA LYS A 71 -5.44 -4.71 12.85
C LYS A 71 -5.70 -6.21 12.99
CHA HEM B . 9.58 1.77 1.68
CHB HEM B . 12.93 -0.14 -1.29
CHC HEM B . 9.42 -1.84 -4.19
CHD HEM B . 6.08 0.56 -1.48
C1A HEM B . 10.78 1.36 1.14
C2A HEM B . 12.07 1.59 1.76
C3A HEM B . 13.00 1.06 0.94
C4A HEM B . 12.31 0.50 -0.20
CMA HEM B . 14.49 1.05 1.12
CAA HEM B . 12.28 2.29 3.07
CBA HEM B . 13.03 1.45 4.10
CGA HEM B . 12.13 0.42 4.73
O1A HEM B . 12.25 0.22 5.96
O2A HEM B . 11.32 -0.17 3.98
C1B HEM B . 12.26 -0.70 -2.36
C2B HEM B . 12.91 -1.21 -3.54
C3B HEM B . 11.94 -1.67 -4.36
C4B HEM B . 10.68 -1.48 -3.68
CMB HEM B . 14.39 -1.18 -3.79
CAB HEM B . 12.09 -2.30 -5.72
CBB HEM B . 13.35 -1.87 -6.46
C1C HEM B . 8.15 -1.31 -3.70
C2C HEM B . 6.89 -1.36 -4.42
C3C HEM B . 5.99 -0.68 -3.68
C4C HEM B . 6.68 -0.19 -2.50
CMC HEM B . 6.68 -2.06 -5.72
CAC HEM B . 4.53 -0.44 -3.98
CBC HEM B . 3.83 -1.63 -4.62
C1D HEM B . 6.75 1.09 -0.39
C2D HEM B . 6.13 1.89 0.65
C3D HEM B . 7.10 2.22 1.53
C4D HEM B . 8.32 1.64 1.04
CMD HEM B . 4.68 2.24 0.69
CAD HEM B . 6.97 3.04 2.78
CBD HEM B . 6.88 4.53 2.53
CGD HEM B . 5.42 5.00 2.46
O1D HEM B . 4.74 4.90 3.51
O2D HEM B . 5.02 5.44 1.36
NA HEM B . 10.94 0.70 -0.06
NB HEM B . 10.88 -0.88 -2.45
NC HEM B . 8.00 -0.59 -2.52
ND HEM B . 8.10 0.95 -0.13
FE HEM B . 9.41 -0.06 -1.32
CHA HEM C . -2.26 -7.37 -2.73
CHB HEM C . -1.66 -3.63 0.33
CHC HEM C . 0.06 -0.90 -3.33
CHD HEM C . -1.01 -4.53 -6.47
C1A HEM C . -2.19 -6.60 -1.57
C2A HEM C . -2.45 -7.10 -0.25
C3A HEM C . -2.29 -6.06 0.60
C4A HEM C . -1.92 -4.91 -0.19
CMA HEM C . -2.44 -6.06 2.10
CAA HEM C . -2.84 -8.52 0.09
CBA HEM C . -2.00 -9.56 -0.63
CGA HEM C . -1.34 -10.51 0.36
O1A HEM C . -1.90 -11.63 0.53
O2A HEM C . -0.30 -10.12 0.93
C1B HEM C . -1.14 -2.57 -0.40
C2B HEM C . -0.82 -1.28 0.15
C3B HEM C . -0.34 -0.53 -0.86
C4B HEM C . -0.36 -1.33 -2.05
CMB HEM C . -0.99 -0.90 1.60
CAB HEM C . 0.14 0.90 -0.80
CBB HEM C . 1.08 1.20 0.37
C1C HEM C . -0.01 -1.69 -4.56
C2C HEM C . 0.32 -1.23 -5.90
C3C HEM C . -0.01 -2.23 -6.75
C4C HEM C . -0.55 -3.31 -5.95
CMC HEM C . 0.92 0.11 -6.23
CAC HEM C . 0.14 -2.25 -8.24
CBC HEM C . 1.52 -1.81 -8.73
C1D HEM C . -1.36 -5.63 -5.70
C2D HEM C . -1.52 -6.96 -6.23
C3D HEM C . -1.87 -7.76 -5.19
C4D HEM C . -1.93 -6.92 -4.01
CMD HEM C . -1.33 -7.35 -7.66
CAD HEM C . -2.14 -9.23 -5.21
CBD HEM C . -3.62 -9.59 -5.05
CGD HEM C . -3.87 -10.27 -3.71
O1D HEM C . -3.02 -11.10 -3.32
O2D HEM C . -4.90 -9.94 -3.09
NA HEM C . -1.86 -5.26 -1.53
NB HEM C . -0.86 -2.60 -1.76
NC HEM C . -0.55 -2.96 -4.61
ND HEM C . -1.62 -5.61 -4.35
FE HEM C . -1.15 -4.11 -3.19
CHA HEM D . -5.75 6.59 6.38
CHB HEM D . -10.58 6.00 6.12
CHC HEM D . -9.95 2.19 3.15
CHD HEM D . -5.07 2.53 3.80
C1A HEM D . -7.13 6.75 6.56
C2A HEM D . -7.72 7.77 7.40
C3A HEM D . -9.05 7.61 7.33
C4A HEM D . -9.30 6.49 6.45
CMA HEM D . -10.12 8.42 8.01
CAA HEM D . -6.95 8.81 8.17
CBA HEM D . -6.58 8.36 9.59
CGA HEM D . -5.93 9.51 10.36
O1A HEM D . -4.69 9.50 10.46
O2A HEM D . -6.71 10.35 10.85
C1B HEM D . -10.82 4.93 5.26
C2B HEM D . -12.14 4.51 4.84
C3B HEM D . -11.97 3.45 4.02
C4B HEM D . -10.54 3.22 3.93
CMB HEM D . -13.42 5.15 5.26
CAB HEM D . -13.02 2.65 3.32
CBB HEM D . -14.05 3.49 2.57
C1C HEM D . -8.50 1.96 3.00
C2C HEM D . -7.91 0.79 2.41
C3C HEM D . -6.57 0.86 2.64
C4C HEM D . -6.34 2.08 3.37
CMC HEM D . -8.66 -0.29 1.69
CAC HEM D . -5.51 -0.12 2.23
CBC HEM D . -5.56 -0.52 0.77
C1D HEM D . -4.85 3.65 4.58
C2D HEM D . -3.56 4.06 5.08
C3D HEM D . -3.75 5.19 5.79
C4D HEM D . -5.16 5.49 5.75
CMD HEM D . -2.27 3.33 4.81
CAD HEM D . -2.71 6.01 6.51
CBD HEM D . -2.49 5.60 7.97
CGD HEM D . -1.19 4.83 8.12
O1D HEM D . -1.17 3.90 8.95
O2D HEM D . -0.23 5.19 7.40
NA HEM D . -8.11 5.97 5.98
NB HEM D . -9.85 4.13 4.69
NC HEM D . -7.53 2.76 3.58
ND HEM D . -5.82 4.54 5.01
FE HEM D . -7.75 4.32 4.71
N ALA A 1 9.35 -9.03 9.32
CA ALA A 1 9.77 -10.10 8.43
C ALA A 1 9.64 -9.64 6.97
N ASP A 2 10.17 -8.45 6.72
CA ASP A 2 10.12 -7.87 5.39
C ASP A 2 8.83 -7.09 5.21
N ASP A 3 7.82 -7.49 5.99
CA ASP A 3 6.53 -6.83 5.93
C ASP A 3 6.68 -5.39 6.41
N ILE A 4 5.54 -4.71 6.47
CA ILE A 4 5.52 -3.32 6.91
C ILE A 4 4.15 -2.98 7.49
N VAL A 5 4.17 -2.38 8.66
CA VAL A 5 2.93 -2.00 9.33
C VAL A 5 2.89 -0.48 9.49
N PHE A 6 1.71 0.08 9.20
CA PHE A 6 1.52 1.52 9.31
C PHE A 6 0.48 1.86 10.36
N LYS A 7 0.96 2.39 11.48
CA LYS A 7 0.09 2.76 12.58
C LYS A 7 -1.10 3.55 12.02
N ALA A 8 -2.29 3.14 12.46
CA ALA A 8 -3.50 3.81 12.02
C ALA A 8 -4.43 3.99 13.22
N LYS A 9 -5.19 5.08 13.19
CA LYS A 9 -6.12 5.38 14.26
C LYS A 9 -7.44 4.65 14.00
N ASN A 10 -7.40 3.75 13.03
CA ASN A 10 -8.57 2.98 12.68
C ASN A 10 -8.17 1.53 12.36
N GLY A 11 -7.00 1.16 12.86
CA GLY A 11 -6.47 -0.18 12.63
C GLY A 11 -5.21 -0.13 11.77
N ASP A 12 -4.23 -0.91 12.20
CA ASP A 12 -2.96 -0.98 11.48
C ASP A 12 -3.23 -1.41 10.04
N VAL A 13 -2.48 -0.81 9.12
CA VAL A 13 -2.61 -1.13 7.71
C VAL A 13 -1.39 -1.91 7.24
N LYS A 14 -1.56 -3.22 7.19
CA LYS A 14 -0.47 -4.09 6.77
C LYS A 14 -0.26 -3.94 5.26
N PHE A 15 0.99 -4.07 4.85
CA PHE A 15 1.33 -3.94 3.45
C PHE A 15 2.54 -4.82 3.10
N PRO A 16 2.27 -5.89 2.35
CA PRO A 16 3.25 -6.84 1.90
C PRO A 16 4.26 -6.16 0.99
N HIS A 17 5.34 -5.63 1.57
CA HIS A 17 6.36 -4.96 0.79
C HIS A 17 7.04 -5.95 -0.15
N LYS A 18 7.53 -7.04 0.46
CA LYS A 18 8.20 -8.07 -0.31
C LYS A 18 7.21 -8.70 -1.29
N ALA A 19 6.11 -9.20 -0.74
CA ALA A 19 5.09 -9.82 -1.55
C ALA A 19 4.81 -8.96 -2.78
N HIS A 20 4.61 -7.67 -2.53
CA HIS A 20 4.34 -6.73 -3.61
C HIS A 20 5.55 -6.66 -4.54
N GLN A 21 6.72 -6.89 -3.96
CA GLN A 21 7.95 -6.85 -4.72
C GLN A 21 8.03 -8.05 -5.67
N LYS A 22 7.15 -9.01 -5.43
CA LYS A 22 7.10 -10.21 -6.26
C LYS A 22 5.95 -10.10 -7.26
N ALA A 23 4.96 -9.28 -6.89
CA ALA A 23 3.81 -9.08 -7.75
C ALA A 23 4.09 -7.92 -8.71
N VAL A 24 4.55 -6.81 -8.14
CA VAL A 24 4.86 -5.63 -8.92
C VAL A 24 6.36 -5.59 -9.21
N PRO A 25 6.68 -5.22 -10.45
CA PRO A 25 8.05 -5.12 -10.94
C PRO A 25 8.60 -3.74 -10.61
N ASP A 26 8.62 -2.86 -11.59
CA ASP A 26 9.13 -1.50 -11.37
C ASP A 26 8.64 -0.99 -10.01
N CYS A 27 9.58 -0.45 -9.25
CA CYS A 27 9.27 0.08 -7.95
C CYS A 27 8.92 1.56 -8.10
N LYS A 28 9.41 2.15 -9.18
CA LYS A 28 9.15 3.55 -9.45
C LYS A 28 7.65 3.83 -9.29
N LYS A 29 6.87 2.78 -9.46
CA LYS A 29 5.43 2.90 -9.33
C LYS A 29 5.07 3.40 -7.93
N CYS A 30 5.88 2.98 -6.97
CA CYS A 30 5.67 3.38 -5.59
C CYS A 30 6.80 4.33 -5.18
N HIS A 31 7.98 4.05 -5.72
CA HIS A 31 9.14 4.86 -5.42
C HIS A 31 9.56 5.64 -6.66
N GLU A 32 8.63 6.45 -7.16
CA GLU A 32 8.89 7.25 -8.35
C GLU A 32 10.17 8.07 -8.16
N LYS A 33 10.33 8.60 -6.95
CA LYS A 33 11.50 9.41 -6.64
C LYS A 33 12.56 8.51 -6.00
N GLY A 34 12.73 7.33 -6.58
CA GLY A 34 13.70 6.38 -6.07
C GLY A 34 13.26 5.79 -4.73
N PRO A 35 13.86 4.65 -4.38
CA PRO A 35 13.60 3.93 -3.15
C PRO A 35 13.68 4.89 -1.97
N GLY A 36 13.09 4.48 -0.85
CA GLY A 36 13.10 5.32 0.34
C GLY A 36 11.68 5.70 0.75
N LYS A 37 11.57 6.19 1.99
CA LYS A 37 10.27 6.59 2.51
C LYS A 37 9.55 7.45 1.47
N ILE A 38 8.26 7.67 1.73
CA ILE A 38 7.45 8.46 0.82
C ILE A 38 7.01 9.74 1.53
N GLU A 39 7.73 10.82 1.23
CA GLU A 39 7.43 12.11 1.82
C GLU A 39 6.19 12.72 1.17
N GLY A 40 5.11 11.93 1.18
CA GLY A 40 3.86 12.37 0.59
C GLY A 40 2.84 11.25 0.59
N PHE A 41 2.88 10.43 1.64
CA PHE A 41 1.96 9.32 1.75
C PHE A 41 0.81 9.66 2.71
N GLY A 42 -0.17 8.78 2.73
CA GLY A 42 -1.34 8.98 3.58
C GLY A 42 -2.63 8.64 2.84
N LYS A 43 -3.71 8.57 3.59
CA LYS A 43 -5.01 8.25 3.02
C LYS A 43 -5.07 8.77 1.59
N GLU A 44 -4.56 9.97 1.41
CA GLU A 44 -4.55 10.60 0.09
C GLU A 44 -4.32 9.55 -0.99
N MET A 45 -3.08 9.09 -1.09
CA MET A 45 -2.72 8.09 -2.07
C MET A 45 -3.25 6.71 -1.67
N ALA A 46 -3.00 6.36 -0.41
CA ALA A 46 -3.44 5.08 0.11
C ALA A 46 -4.89 4.83 -0.32
N HIS A 47 -5.60 5.93 -0.58
CA HIS A 47 -6.99 5.85 -1.00
C HIS A 47 -7.07 6.04 -2.51
N GLY A 48 -6.58 7.18 -2.95
CA GLY A 48 -6.59 7.51 -4.38
C GLY A 48 -5.83 6.45 -5.19
N LYS A 49 -5.14 6.92 -6.21
CA LYS A 49 -4.38 6.04 -7.07
C LYS A 49 -3.06 5.69 -6.39
N GLY A 50 -3.17 5.20 -5.16
CA GLY A 50 -1.99 4.83 -4.40
C GLY A 50 -1.94 3.32 -4.17
N CYS A 51 -2.95 2.82 -3.47
CA CYS A 51 -3.04 1.40 -3.19
C CYS A 51 -4.33 0.86 -3.80
N LYS A 52 -5.44 1.48 -3.42
CA LYS A 52 -6.74 1.08 -3.92
C LYS A 52 -6.77 1.23 -5.43
N GLY A 53 -5.92 2.12 -5.93
CA GLY A 53 -5.85 2.38 -7.36
C GLY A 53 -5.31 1.15 -8.10
N CYS A 54 -4.23 0.60 -7.56
CA CYS A 54 -3.61 -0.57 -8.15
C CYS A 54 -4.25 -1.82 -7.55
N HIS A 55 -5.48 -1.64 -7.07
CA HIS A 55 -6.21 -2.74 -6.46
C HIS A 55 -7.52 -2.96 -7.21
N GLU A 56 -8.42 -2.00 -7.05
CA GLU A 56 -9.71 -2.07 -7.71
C GLU A 56 -9.54 -2.37 -9.21
N GLU A 57 -8.62 -1.64 -9.81
CA GLU A 57 -8.35 -1.82 -11.24
C GLU A 57 -8.36 -3.30 -11.59
N MET A 58 -7.72 -4.09 -10.73
CA MET A 58 -7.64 -5.52 -10.94
C MET A 58 -8.74 -6.25 -10.16
N LYS A 59 -9.29 -5.55 -9.19
CA LYS A 59 -10.35 -6.12 -8.37
C LYS A 59 -9.77 -7.21 -7.47
N LYS A 60 -8.71 -6.86 -6.76
CA LYS A 60 -8.05 -7.80 -5.88
C LYS A 60 -7.27 -7.03 -4.82
N GLY A 61 -7.49 -7.40 -3.57
CA GLY A 61 -6.80 -6.76 -2.46
C GLY A 61 -7.81 -6.07 -1.53
N PRO A 62 -7.27 -5.49 -0.45
CA PRO A 62 -8.04 -4.79 0.56
C PRO A 62 -8.65 -3.53 -0.04
N THR A 63 -9.89 -3.63 -0.49
CA THR A 63 -10.56 -2.50 -1.09
C THR A 63 -11.57 -1.90 -0.11
N LYS A 64 -11.85 -2.66 0.94
CA LYS A 64 -12.80 -2.23 1.95
C LYS A 64 -12.02 -1.61 3.12
N CYS A 65 -12.76 -0.88 3.96
CA CYS A 65 -12.16 -0.24 5.11
C CYS A 65 -11.98 -1.29 6.21
N GLY A 66 -12.53 -2.46 5.95
CA GLY A 66 -12.44 -3.56 6.91
C GLY A 66 -11.32 -4.52 6.53
N GLU A 67 -10.60 -4.17 5.47
CA GLU A 67 -9.50 -4.99 5.01
C GLU A 67 -8.16 -4.32 5.33
N CYS A 68 -8.10 -3.02 5.05
CA CYS A 68 -6.89 -2.26 5.31
C CYS A 68 -6.92 -1.80 6.77
N HIS A 69 -8.01 -1.15 7.13
CA HIS A 69 -8.17 -0.65 8.49
C HIS A 69 -8.79 -1.75 9.37
N LYS A 70 -7.94 -2.68 9.79
CA LYS A 70 -8.40 -3.77 10.63
C LYS A 70 -7.67 -3.71 11.98
N LYS A 71 -6.82 -4.69 12.20
CA LYS A 71 -6.06 -4.76 13.44
C LYS A 71 -5.60 -3.36 13.83
CHA HEM B . 9.05 1.86 2.02
CHB HEM B . 12.65 0.08 -0.74
CHC HEM B . 9.40 -1.58 -3.96
CHD HEM B . 5.82 0.72 -1.44
C1A HEM B . 10.30 1.49 1.55
C2A HEM B . 11.54 1.72 2.27
C3A HEM B . 12.53 1.23 1.51
C4A HEM B . 11.93 0.69 0.31
CMA HEM B . 14.01 1.22 1.80
CAA HEM B . 11.64 2.39 3.61
CBA HEM B . 12.80 3.37 3.73
CGA HEM B . 13.81 2.90 4.77
O1A HEM B . 15.02 2.94 4.44
O2A HEM B . 13.35 2.51 5.87
C1B HEM B . 12.07 -0.45 -1.88
C2B HEM B . 12.81 -0.88 -3.05
C3B HEM B . 11.90 -1.33 -3.95
C4B HEM B . 10.60 -1.20 -3.35
CMB HEM B . 14.30 -0.80 -3.19
CAB HEM B . 12.17 -1.88 -5.32
CBB HEM B . 13.41 -1.31 -5.99
C1C HEM B . 8.08 -1.06 -3.55
C2C HEM B . 6.87 -1.14 -4.34
C3C HEM B . 5.90 -0.49 -3.65
C4C HEM B . 6.51 -0.01 -2.44
CMC HEM B . 6.76 -1.82 -5.67
CAC HEM B . 4.47 -0.29 -4.05
CBC HEM B . 3.85 -1.49 -4.76
C1D HEM B . 6.40 1.22 -0.28
C2D HEM B . 5.68 1.96 0.73
C3D HEM B . 6.58 2.28 1.69
C4D HEM B . 7.85 1.73 1.28
CMD HEM B . 4.22 2.28 0.69
CAD HEM B . 6.34 3.04 2.96
CBD HEM B . 6.99 4.42 2.99
CGD HEM B . 6.72 5.12 4.31
O1D HEM B . 6.04 6.18 4.26
O2D HEM B . 7.20 4.61 5.34
NA HEM B . 10.56 0.85 0.34
NB HEM B . 10.71 -0.66 -2.07
NC HEM B . 7.84 -0.36 -2.37
ND HEM B . 7.74 1.09 0.06
FE HEM B . 9.10 0.18 -1.02
CHA HEM C . -2.75 -7.26 -2.85
CHB HEM C . -1.86 -3.62 0.26
CHC HEM C . -0.12 -0.91 -3.40
CHD HEM C . -1.13 -4.52 -6.54
C1A HEM C . -2.61 -6.51 -1.68
C2A HEM C . -2.86 -7.02 -0.35
C3A HEM C . -2.61 -6.01 0.51
C4A HEM C . -2.21 -4.87 -0.28
CMA HEM C . -2.74 -6.03 2.00
CAA HEM C . -3.31 -8.42 -0.04
CBA HEM C . -2.56 -9.50 -0.80
CGA HEM C . -1.88 -10.47 0.16
O1A HEM C . -0.67 -10.70 -0.03
O2A HEM C . -2.58 -10.96 1.07
C1B HEM C . -1.32 -2.56 -0.48
C2B HEM C . -0.96 -1.29 0.08
C3B HEM C . -0.48 -0.54 -0.93
C4B HEM C . -0.54 -1.34 -2.13
CMB HEM C . -1.10 -0.91 1.53
CAB HEM C . 0.05 0.87 -0.87
CBB HEM C . 0.93 1.16 0.34
C1C HEM C . -0.24 -1.68 -4.58
C2C HEM C . 0.15 -1.23 -5.89
C3C HEM C . -0.13 -2.22 -6.76
C4C HEM C . -0.70 -3.30 -5.99
CMC HEM C . 0.77 0.12 -6.19
CAC HEM C . 0.09 -2.24 -8.25
CBC HEM C . 1.27 -1.39 -8.70
C1D HEM C . -1.66 -5.57 -5.79
C2D HEM C . -2.12 -6.82 -6.36
C3D HEM C . -2.56 -7.58 -5.34
C4D HEM C . -2.40 -6.81 -4.13
CMD HEM C . -2.08 -7.16 -7.83
CAD HEM C . -3.14 -8.97 -5.40
CBD HEM C . -2.24 -10.04 -4.82
CGD HEM C . -1.97 -11.14 -5.84
O1D HEM C . -0.77 -11.51 -5.99
O2D HEM C . -2.95 -11.61 -6.44
NA HEM C . -2.20 -5.19 -1.63
NB HEM C . -1.06 -2.58 -1.83
NC HEM C . -0.77 -2.96 -4.65
ND HEM C . -1.83 -5.58 -4.42
FE HEM C . -1.40 -4.11 -3.26
CHA HEM D . -5.69 6.68 6.38
CHB HEM D . -10.53 6.18 6.15
CHC HEM D . -10.01 2.42 3.10
CHD HEM D . -5.12 2.61 3.76
C1A HEM D . -7.05 6.87 6.56
C2A HEM D . -7.63 7.91 7.38
C3A HEM D . -8.97 7.78 7.31
C4A HEM D . -9.24 6.65 6.46
CMA HEM D . -10.01 8.63 7.98
CAA HEM D . -6.83 8.95 8.13
CBA HEM D . -6.38 8.49 9.51
CGA HEM D . -5.65 9.60 10.24
O1A HEM D . -6.31 10.63 10.54
O2A HEM D . -4.44 9.41 10.50
C1B HEM D . -10.80 5.13 5.28
C2B HEM D . -12.13 4.74 4.86
C3B HEM D . -11.98 3.70 4.02
C4B HEM D . -10.56 3.43 3.89
CMB HEM D . -13.40 5.40 5.31
CAB HEM D . -13.06 2.92 3.31
CBB HEM D . -14.05 3.80 2.54
C1C HEM D . -8.56 2.17 2.92
C2C HEM D . -7.99 1.00 2.29
C3C HEM D . -6.66 1.03 2.53
C4C HEM D . -6.39 2.22 3.31
CMC HEM D . -8.76 -0.03 1.53
CAC HEM D . -5.62 0.05 2.09
CBC HEM D . -5.68 -0.32 0.61
C1D HEM D . -4.87 3.72 4.55
C2D HEM D . -3.56 4.10 5.04
C3D HEM D . -3.71 5.23 5.76
C4D HEM D . -5.12 5.56 5.73
CMD HEM D . -2.29 3.35 4.76
CAD HEM D . -2.66 6.03 6.48
CBD HEM D . -2.41 5.56 7.92
CGD HEM D . -1.20 4.64 8.00
O1D HEM D . -1.43 3.44 8.22
O2D HEM D . -0.08 5.18 7.85
NA HEM D . -8.05 6.09 6.01
NB HEM D . -9.85 4.33 4.67
NC HEM D . -7.56 2.92 3.54
ND HEM D . -5.82 4.63 4.99
FE HEM D . -7.75 4.47 4.69
N ALA A 1 8.64 -8.74 9.78
CA ALA A 1 9.99 -8.60 9.28
C ALA A 1 9.97 -7.77 8.00
N ASP A 2 10.19 -8.45 6.88
CA ASP A 2 10.20 -7.79 5.58
C ASP A 2 8.90 -7.01 5.41
N ASP A 3 7.87 -7.44 6.14
CA ASP A 3 6.58 -6.79 6.07
C ASP A 3 6.71 -5.34 6.55
N ILE A 4 5.57 -4.67 6.60
CA ILE A 4 5.55 -3.27 7.03
C ILE A 4 4.16 -2.95 7.59
N VAL A 5 4.17 -2.35 8.79
CA VAL A 5 2.93 -1.99 9.44
C VAL A 5 2.85 -0.47 9.57
N PHE A 6 1.68 0.07 9.27
CA PHE A 6 1.47 1.51 9.36
C PHE A 6 0.41 1.85 10.41
N LYS A 7 0.87 2.41 11.51
CA LYS A 7 -0.03 2.79 12.59
C LYS A 7 -1.21 3.57 12.02
N ALA A 8 -2.40 3.14 12.42
CA ALA A 8 -3.62 3.78 11.96
C ALA A 8 -4.56 4.00 13.14
N LYS A 9 -5.33 5.07 13.06
CA LYS A 9 -6.28 5.40 14.11
C LYS A 9 -7.59 4.64 13.86
N ASN A 10 -7.52 3.68 12.96
CA ASN A 10 -8.69 2.89 12.63
C ASN A 10 -8.25 1.46 12.32
N GLY A 11 -7.09 1.10 12.85
CA GLY A 11 -6.55 -0.24 12.64
C GLY A 11 -5.28 -0.19 11.79
N ASP A 12 -4.29 -0.94 12.22
CA ASP A 12 -3.02 -1.00 11.50
C ASP A 12 -3.27 -1.44 10.07
N VAL A 13 -2.51 -0.85 9.15
CA VAL A 13 -2.64 -1.17 7.75
C VAL A 13 -1.40 -1.96 7.29
N LYS A 14 -1.55 -3.27 7.25
CA LYS A 14 -0.47 -4.14 6.83
C LYS A 14 -0.25 -3.99 5.33
N PHE A 15 1.01 -4.08 4.93
CA PHE A 15 1.36 -3.96 3.53
C PHE A 15 2.58 -4.83 3.19
N PRO A 16 2.30 -5.90 2.43
CA PRO A 16 3.29 -6.86 1.99
C PRO A 16 4.29 -6.18 1.08
N HIS A 17 5.32 -5.59 1.66
CA HIS A 17 6.33 -4.91 0.87
C HIS A 17 7.04 -5.92 -0.05
N LYS A 18 7.55 -6.97 0.57
CA LYS A 18 8.24 -8.02 -0.16
C LYS A 18 7.28 -8.66 -1.16
N ALA A 19 6.15 -9.14 -0.62
CA ALA A 19 5.15 -9.78 -1.45
C ALA A 19 4.86 -8.90 -2.68
N HIS A 20 4.73 -7.61 -2.42
CA HIS A 20 4.46 -6.66 -3.49
C HIS A 20 5.68 -6.55 -4.39
N GLN A 21 6.83 -6.82 -3.81
CA GLN A 21 8.08 -6.75 -4.55
C GLN A 21 8.18 -7.91 -5.53
N LYS A 22 7.29 -8.88 -5.36
CA LYS A 22 7.27 -10.04 -6.23
C LYS A 22 6.07 -9.94 -7.17
N ALA A 23 5.08 -9.18 -6.75
CA ALA A 23 3.88 -8.99 -7.54
C ALA A 23 4.11 -7.85 -8.54
N VAL A 24 4.59 -6.73 -8.02
CA VAL A 24 4.86 -5.57 -8.85
C VAL A 24 6.36 -5.46 -9.10
N PRO A 25 6.70 -5.21 -10.36
CA PRO A 25 8.07 -5.06 -10.82
C PRO A 25 8.56 -3.65 -10.55
N ASP A 26 8.50 -2.79 -11.56
CA ASP A 26 8.93 -1.42 -11.41
C ASP A 26 8.47 -0.89 -10.05
N CYS A 27 9.44 -0.45 -9.26
CA CYS A 27 9.14 0.08 -7.94
C CYS A 27 8.82 1.57 -8.09
N LYS A 28 9.30 2.15 -9.17
CA LYS A 28 9.07 3.56 -9.44
C LYS A 28 7.59 3.86 -9.26
N LYS A 29 6.78 2.83 -9.40
CA LYS A 29 5.34 2.99 -9.26
C LYS A 29 5.01 3.46 -7.84
N CYS A 30 5.86 3.04 -6.91
CA CYS A 30 5.68 3.43 -5.52
C CYS A 30 6.82 4.36 -5.12
N HIS A 31 7.99 4.08 -5.67
CA HIS A 31 9.17 4.88 -5.38
C HIS A 31 9.59 5.65 -6.65
N GLU A 32 8.69 6.50 -7.11
CA GLU A 32 8.95 7.30 -8.29
C GLU A 32 10.21 8.14 -8.10
N LYS A 33 10.34 8.69 -6.89
CA LYS A 33 11.49 9.52 -6.57
C LYS A 33 12.59 8.65 -5.96
N GLY A 34 12.70 7.44 -6.48
CA GLY A 34 13.70 6.50 -6.00
C GLY A 34 13.25 5.84 -4.70
N PRO A 35 13.82 4.66 -4.44
CA PRO A 35 13.55 3.87 -3.27
C PRO A 35 13.66 4.73 -2.02
N GLY A 36 13.10 4.25 -0.91
CA GLY A 36 13.16 5.00 0.33
C GLY A 36 11.75 5.26 0.88
N LYS A 37 11.63 6.31 1.67
CA LYS A 37 10.36 6.68 2.25
C LYS A 37 9.56 7.52 1.26
N ILE A 38 8.30 7.75 1.59
CA ILE A 38 7.43 8.54 0.74
C ILE A 38 6.98 9.80 1.49
N GLU A 39 7.64 10.90 1.17
CA GLU A 39 7.33 12.17 1.80
C GLU A 39 6.07 12.77 1.18
N GLY A 40 5.02 11.97 1.13
CA GLY A 40 3.75 12.40 0.56
C GLY A 40 2.73 11.27 0.57
N PHE A 41 2.81 10.44 1.60
CA PHE A 41 1.89 9.32 1.72
C PHE A 41 0.75 9.65 2.67
N GLY A 42 -0.25 8.77 2.69
CA GLY A 42 -1.40 8.96 3.54
C GLY A 42 -2.70 8.60 2.80
N LYS A 43 -3.78 8.54 3.56
CA LYS A 43 -5.07 8.21 2.99
C LYS A 43 -5.14 8.72 1.55
N GLU A 44 -4.63 9.92 1.36
CA GLU A 44 -4.62 10.53 0.04
C GLU A 44 -4.39 9.47 -1.04
N MET A 45 -3.14 9.05 -1.14
CA MET A 45 -2.77 8.04 -2.12
C MET A 45 -3.30 6.66 -1.71
N ALA A 46 -3.05 6.32 -0.45
CA ALA A 46 -3.49 5.04 0.07
C ALA A 46 -4.93 4.78 -0.37
N HIS A 47 -5.64 5.87 -0.62
CA HIS A 47 -7.04 5.77 -1.04
C HIS A 47 -7.12 5.96 -2.56
N GLY A 48 -6.62 7.11 -3.00
CA GLY A 48 -6.63 7.43 -4.42
C GLY A 48 -5.87 6.37 -5.23
N LYS A 49 -5.20 6.84 -6.27
CA LYS A 49 -4.44 5.95 -7.12
C LYS A 49 -3.11 5.61 -6.45
N GLY A 50 -3.21 5.14 -5.22
CA GLY A 50 -2.03 4.78 -4.45
C GLY A 50 -1.97 3.27 -4.22
N CYS A 51 -2.97 2.77 -3.51
CA CYS A 51 -3.04 1.35 -3.22
C CYS A 51 -4.34 0.79 -3.81
N LYS A 52 -5.44 1.44 -3.45
CA LYS A 52 -6.74 1.03 -3.92
C LYS A 52 -6.78 1.14 -5.46
N GLY A 53 -5.95 2.04 -5.97
CA GLY A 53 -5.87 2.26 -7.40
C GLY A 53 -5.28 1.03 -8.11
N CYS A 54 -4.23 0.49 -7.51
CA CYS A 54 -3.58 -0.68 -8.07
C CYS A 54 -4.24 -1.93 -7.50
N HIS A 55 -5.44 -1.73 -6.98
CA HIS A 55 -6.20 -2.84 -6.40
C HIS A 55 -7.51 -3.02 -7.16
N GLU A 56 -8.40 -2.06 -6.96
CA GLU A 56 -9.70 -2.11 -7.63
C GLU A 56 -9.53 -2.38 -9.11
N GLU A 57 -8.57 -1.68 -9.71
CA GLU A 57 -8.29 -1.84 -11.12
C GLU A 57 -8.32 -3.31 -11.51
N MET A 58 -7.70 -4.13 -10.66
CA MET A 58 -7.65 -5.56 -10.90
C MET A 58 -8.70 -6.29 -10.07
N LYS A 59 -9.27 -5.56 -9.13
CA LYS A 59 -10.29 -6.13 -8.26
C LYS A 59 -9.67 -7.22 -7.39
N LYS A 60 -8.51 -6.89 -6.83
CA LYS A 60 -7.80 -7.82 -5.98
C LYS A 60 -7.05 -7.05 -4.90
N GLY A 61 -7.30 -7.44 -3.65
CA GLY A 61 -6.66 -6.79 -2.52
C GLY A 61 -7.69 -6.12 -1.61
N PRO A 62 -7.20 -5.53 -0.53
CA PRO A 62 -7.99 -4.83 0.47
C PRO A 62 -8.58 -3.57 -0.14
N THR A 63 -9.84 -3.65 -0.57
CA THR A 63 -10.50 -2.51 -1.17
C THR A 63 -11.51 -1.91 -0.19
N LYS A 64 -11.83 -2.68 0.83
CA LYS A 64 -12.77 -2.24 1.83
C LYS A 64 -12.02 -1.63 3.02
N CYS A 65 -12.77 -0.91 3.85
CA CYS A 65 -12.18 -0.28 5.02
C CYS A 65 -12.02 -1.34 6.11
N GLY A 66 -12.57 -2.51 5.84
CA GLY A 66 -12.50 -3.61 6.78
C GLY A 66 -11.38 -4.58 6.40
N GLU A 67 -10.65 -4.22 5.37
CA GLU A 67 -9.55 -5.05 4.90
C GLU A 67 -8.21 -4.38 5.24
N CYS A 68 -8.15 -3.08 5.02
CA CYS A 68 -6.94 -2.33 5.29
C CYS A 68 -6.98 -1.87 6.75
N HIS A 69 -8.06 -1.19 7.10
CA HIS A 69 -8.23 -0.70 8.46
C HIS A 69 -8.86 -1.80 9.32
N LYS A 70 -8.01 -2.73 9.75
CA LYS A 70 -8.47 -3.83 10.58
C LYS A 70 -7.82 -3.71 11.97
N LYS A 71 -6.93 -4.64 12.24
CA LYS A 71 -6.24 -4.66 13.52
C LYS A 71 -5.86 -3.22 13.91
CHA HEM B . 9.19 1.88 2.02
CHB HEM B . 12.69 0.04 -0.83
CHC HEM B . 9.32 -1.57 -3.95
CHD HEM B . 5.85 0.76 -1.33
C1A HEM B . 10.44 1.49 1.52
C2A HEM B . 11.69 1.72 2.19
C3A HEM B . 12.67 1.22 1.40
C4A HEM B . 12.01 0.66 0.24
CMA HEM B . 14.15 1.20 1.65
CAA HEM B . 11.85 2.41 3.52
CBA HEM B . 12.73 1.66 4.51
CGA HEM B . 11.93 0.63 5.28
O1A HEM B . 10.95 1.04 5.93
O2A HEM B . 12.31 -0.56 5.21
C1B HEM B . 12.06 -0.50 -1.95
C2B HEM B . 12.76 -0.95 -3.14
C3B HEM B . 11.83 -1.39 -4.00
C4B HEM B . 10.54 -1.22 -3.36
CMB HEM B . 14.25 -0.91 -3.32
CAB HEM B . 12.04 -1.96 -5.37
CBB HEM B . 13.29 -1.43 -6.08
C1C HEM B . 8.03 -1.03 -3.51
C2C HEM B . 6.80 -1.08 -4.27
C3C HEM B . 5.86 -0.43 -3.55
C4C HEM B . 6.49 0.04 -2.35
CMC HEM B . 6.64 -1.75 -5.61
CAC HEM B . 4.42 -0.20 -3.91
CBC HEM B . 3.76 -1.38 -4.62
C1D HEM B . 6.47 1.26 -0.19
C2D HEM B . 5.80 2.00 0.85
C3D HEM B . 6.72 2.31 1.78
C4D HEM B . 7.98 1.77 1.32
CMD HEM B . 4.33 2.34 0.85
CAD HEM B . 6.53 3.07 3.06
CBD HEM B . 7.15 4.47 3.05
CGD HEM B . 6.92 5.18 4.38
O1D HEM B . 6.08 6.11 4.38
O2D HEM B . 7.58 4.78 5.36
NA HEM B . 10.65 0.84 0.32
NB HEM B . 10.70 -0.67 -2.11
NC HEM B . 7.82 -0.35 -2.32
ND HEM B . 7.81 1.12 0.11
FE HEM B . 9.13 0.17 -0.99
CHA HEM C . -2.66 -7.31 -2.79
CHB HEM C . -1.84 -3.61 0.27
CHC HEM C . -0.06 -0.95 -3.39
CHD HEM C . -1.14 -4.58 -6.51
C1A HEM C . -2.53 -6.55 -1.63
C2A HEM C . -2.79 -7.03 -0.29
C3A HEM C . -2.57 -6.02 0.55
C4A HEM C . -2.17 -4.88 -0.25
CMA HEM C . -2.70 -6.01 2.05
CAA HEM C . -3.24 -8.43 0.03
CBA HEM C . -2.44 -9.52 -0.68
CGA HEM C . -1.84 -10.50 0.31
O1A HEM C . -2.36 -11.63 0.39
O2A HEM C . -0.86 -10.10 0.97
C1B HEM C . -1.30 -2.57 -0.46
C2B HEM C . -0.95 -1.28 0.07
C3B HEM C . -0.45 -0.55 -0.94
C4B HEM C . -0.49 -1.36 -2.12
CMB HEM C . -1.11 -0.88 1.52
CAB HEM C . 0.06 0.87 -0.89
CBB HEM C . 0.93 1.18 0.33
C1C HEM C . -0.15 -1.75 -4.58
C2C HEM C . 0.23 -1.30 -5.90
C3C HEM C . -0.09 -2.29 -6.76
C4C HEM C . -0.67 -3.36 -5.98
CMC HEM C . 0.85 0.03 -6.21
CAC HEM C . 0.10 -2.32 -8.25
CBC HEM C . 1.41 -1.69 -8.72
C1D HEM C . -1.65 -5.62 -5.76
C2D HEM C . -2.14 -6.86 -6.32
C3D HEM C . -2.56 -7.62 -5.29
C4D HEM C . -2.34 -6.86 -4.08
CMD HEM C . -2.15 -7.20 -7.78
CAD HEM C . -3.15 -9.01 -5.34
CBD HEM C . -2.22 -10.10 -4.81
CGD HEM C . -1.67 -10.94 -5.95
O1D HEM C . -0.78 -10.43 -6.66
O2D HEM C . -2.15 -12.09 -6.09
NA HEM C . -2.15 -5.22 -1.59
NB HEM C . -1.02 -2.61 -1.82
NC HEM C . -0.70 -3.01 -4.64
ND HEM C . -1.79 -5.64 -4.38
FE HEM C . -1.34 -4.15 -3.24
CHA HEM D . -5.74 6.64 6.35
CHB HEM D . -10.59 6.14 6.09
CHC HEM D . -10.05 2.36 3.06
CHD HEM D . -5.16 2.57 3.74
C1A HEM D . -7.11 6.83 6.53
C2A HEM D . -7.69 7.87 7.34
C3A HEM D . -9.03 7.74 7.26
C4A HEM D . -9.30 6.61 6.41
CMA HEM D . -10.07 8.58 7.95
CAA HEM D . -6.89 8.90 8.10
CBA HEM D . -6.46 8.43 9.49
CGA HEM D . -5.68 9.52 10.21
O1A HEM D . -4.47 9.29 10.44
O2A HEM D . -6.29 10.57 10.51
C1B HEM D . -10.85 5.09 5.21
C2B HEM D . -12.17 4.71 4.78
C3B HEM D . -12.03 3.66 3.94
C4B HEM D . -10.61 3.39 3.85
CMB HEM D . -13.45 5.38 5.21
CAB HEM D . -13.10 2.90 3.23
CBB HEM D . -14.10 3.77 2.48
C1C HEM D . -8.59 2.11 2.90
C2C HEM D . -8.02 0.94 2.27
C3C HEM D . -6.69 0.98 2.51
C4C HEM D . -6.43 2.17 3.29
CMC HEM D . -8.80 -0.09 1.51
CAC HEM D . -5.64 -0.01 2.09
CBC HEM D . -5.70 -0.36 0.60
C1D HEM D . -4.91 3.68 4.53
C2D HEM D . -3.61 4.05 5.02
C3D HEM D . -3.77 5.19 5.74
C4D HEM D . -5.17 5.52 5.70
CMD HEM D . -2.34 3.31 4.76
CAD HEM D . -2.72 5.98 6.47
CBD HEM D . -2.24 5.34 7.77
CGD HEM D . -0.87 5.86 8.16
O1D HEM D . -0.76 6.35 9.30
O2D HEM D . 0.04 5.75 7.31
NA HEM D . -8.11 6.06 5.96
NB HEM D . -9.89 4.27 4.63
NC HEM D . -7.61 2.87 3.51
ND HEM D . -5.87 4.59 4.95
FE HEM D . -7.80 4.42 4.66
N ALA A 1 11.71 -7.16 9.64
CA ALA A 1 10.54 -7.88 9.13
C ALA A 1 10.25 -7.37 7.71
N ASP A 2 10.50 -8.25 6.74
CA ASP A 2 10.26 -7.92 5.35
C ASP A 2 8.92 -7.18 5.23
N ASP A 3 8.03 -7.50 6.15
CA ASP A 3 6.70 -6.89 6.16
C ASP A 3 6.83 -5.43 6.59
N ILE A 4 5.69 -4.78 6.71
CA ILE A 4 5.65 -3.38 7.11
C ILE A 4 4.28 -3.06 7.71
N VAL A 5 4.31 -2.36 8.83
CA VAL A 5 3.08 -1.98 9.51
C VAL A 5 2.98 -0.46 9.57
N PHE A 6 1.78 0.03 9.33
CA PHE A 6 1.54 1.47 9.35
C PHE A 6 0.49 1.84 10.39
N LYS A 7 0.96 2.48 11.46
CA LYS A 7 0.07 2.88 12.53
C LYS A 7 -1.18 3.54 11.94
N ALA A 8 -2.32 3.07 12.39
CA ALA A 8 -3.60 3.59 11.91
C ALA A 8 -4.53 3.81 13.10
N LYS A 9 -5.34 4.85 12.99
CA LYS A 9 -6.29 5.18 14.05
C LYS A 9 -7.58 4.38 13.84
N ASN A 10 -7.48 3.39 12.96
CA ASN A 10 -8.63 2.55 12.67
C ASN A 10 -8.16 1.12 12.39
N GLY A 11 -6.97 0.82 12.90
CA GLY A 11 -6.39 -0.50 12.71
C GLY A 11 -5.14 -0.43 11.84
N ASP A 12 -4.10 -1.11 12.30
CA ASP A 12 -2.84 -1.14 11.56
C ASP A 12 -3.10 -1.62 10.14
N VAL A 13 -2.42 -0.98 9.20
CA VAL A 13 -2.56 -1.32 7.80
C VAL A 13 -1.35 -2.13 7.35
N LYS A 14 -1.41 -3.43 7.60
CA LYS A 14 -0.32 -4.32 7.23
C LYS A 14 -0.13 -4.28 5.72
N PHE A 15 1.13 -4.33 5.31
CA PHE A 15 1.46 -4.31 3.90
C PHE A 15 2.73 -5.12 3.61
N PRO A 16 2.54 -6.17 2.80
CA PRO A 16 3.61 -7.07 2.40
C PRO A 16 4.47 -6.41 1.33
N HIS A 17 5.65 -5.95 1.73
CA HIS A 17 6.55 -5.30 0.80
C HIS A 17 7.19 -6.35 -0.11
N LYS A 18 7.78 -7.35 0.52
CA LYS A 18 8.43 -8.42 -0.22
C LYS A 18 7.49 -8.95 -1.29
N ALA A 19 6.21 -9.04 -0.92
CA ALA A 19 5.20 -9.52 -1.84
C ALA A 19 5.10 -8.58 -3.03
N HIS A 20 4.75 -7.33 -2.73
CA HIS A 20 4.62 -6.32 -3.76
C HIS A 20 5.93 -6.19 -4.52
N GLN A 21 6.98 -6.72 -3.91
CA GLN A 21 8.31 -6.66 -4.52
C GLN A 21 8.42 -7.71 -5.62
N LYS A 22 7.49 -8.64 -5.62
CA LYS A 22 7.48 -9.71 -6.60
C LYS A 22 6.25 -9.55 -7.50
N ALA A 23 5.16 -9.11 -6.89
CA ALA A 23 3.91 -8.93 -7.61
C ALA A 23 4.12 -7.87 -8.70
N VAL A 24 4.64 -6.73 -8.29
CA VAL A 24 4.89 -5.63 -9.21
C VAL A 24 6.40 -5.50 -9.43
N PRO A 25 6.76 -5.26 -10.69
CA PRO A 25 8.13 -5.10 -11.13
C PRO A 25 8.59 -3.67 -10.86
N ASP A 26 8.44 -2.81 -11.85
CA ASP A 26 8.85 -1.41 -11.69
C ASP A 26 8.41 -0.92 -10.31
N CYS A 27 9.39 -0.38 -9.59
CA CYS A 27 9.12 0.13 -8.26
C CYS A 27 8.75 1.61 -8.38
N LYS A 28 9.19 2.21 -9.47
CA LYS A 28 8.91 3.62 -9.73
C LYS A 28 7.41 3.88 -9.54
N LYS A 29 6.64 2.81 -9.65
CA LYS A 29 5.20 2.90 -9.51
C LYS A 29 4.87 3.30 -8.07
N CYS A 30 5.74 2.90 -7.16
CA CYS A 30 5.56 3.22 -5.75
C CYS A 30 6.67 4.17 -5.31
N HIS A 31 7.84 3.95 -5.88
CA HIS A 31 8.99 4.78 -5.57
C HIS A 31 9.39 5.60 -6.80
N GLU A 32 8.55 6.57 -7.12
CA GLU A 32 8.80 7.43 -8.27
C GLU A 32 10.11 8.20 -8.08
N LYS A 33 10.31 8.65 -6.85
CA LYS A 33 11.52 9.40 -6.53
C LYS A 33 12.57 8.44 -5.94
N GLY A 34 12.65 7.27 -6.54
CA GLY A 34 13.61 6.27 -6.09
C GLY A 34 13.14 5.61 -4.80
N PRO A 35 13.53 4.35 -4.63
CA PRO A 35 13.21 3.53 -3.47
C PRO A 35 13.41 4.34 -2.20
N GLY A 36 12.80 3.92 -1.12
CA GLY A 36 12.93 4.61 0.15
C GLY A 36 11.55 4.98 0.71
N LYS A 37 11.57 5.90 1.67
CA LYS A 37 10.33 6.34 2.30
C LYS A 37 9.58 7.27 1.34
N ILE A 38 8.29 7.40 1.58
CA ILE A 38 7.45 8.25 0.75
C ILE A 38 7.07 9.51 1.54
N GLU A 39 7.72 10.61 1.19
CA GLU A 39 7.46 11.87 1.84
C GLU A 39 6.19 12.52 1.27
N GLY A 40 5.13 11.72 1.21
CA GLY A 40 3.86 12.20 0.69
C GLY A 40 2.81 11.09 0.68
N PHE A 41 2.89 10.24 1.70
CA PHE A 41 1.97 9.13 1.83
C PHE A 41 0.84 9.47 2.79
N GLY A 42 -0.18 8.62 2.78
CA GLY A 42 -1.33 8.81 3.66
C GLY A 42 -2.63 8.49 2.93
N LYS A 43 -3.71 8.42 3.71
CA LYS A 43 -5.01 8.12 3.16
C LYS A 43 -5.10 8.70 1.73
N GLU A 44 -4.57 9.90 1.58
CA GLU A 44 -4.58 10.56 0.29
C GLU A 44 -4.38 9.54 -0.83
N MET A 45 -3.15 9.07 -0.95
CA MET A 45 -2.80 8.10 -1.98
C MET A 45 -3.30 6.71 -1.59
N ALA A 46 -3.06 6.35 -0.33
CA ALA A 46 -3.48 5.05 0.17
C ALA A 46 -4.92 4.79 -0.24
N HIS A 47 -5.64 5.88 -0.48
CA HIS A 47 -7.04 5.78 -0.88
C HIS A 47 -7.16 6.01 -2.39
N GLY A 48 -6.68 7.16 -2.81
CA GLY A 48 -6.73 7.52 -4.22
C GLY A 48 -5.99 6.49 -5.07
N LYS A 49 -5.37 6.98 -6.14
CA LYS A 49 -4.63 6.11 -7.04
C LYS A 49 -3.26 5.80 -6.42
N GLY A 50 -3.31 5.33 -5.19
CA GLY A 50 -2.09 4.98 -4.48
C GLY A 50 -1.98 3.47 -4.26
N CYS A 51 -2.92 2.95 -3.50
CA CYS A 51 -2.95 1.52 -3.22
C CYS A 51 -4.25 0.94 -3.79
N LYS A 52 -5.35 1.57 -3.42
CA LYS A 52 -6.65 1.12 -3.89
C LYS A 52 -6.73 1.29 -5.41
N GLY A 53 -5.89 2.18 -5.92
CA GLY A 53 -5.85 2.44 -7.35
C GLY A 53 -5.35 1.21 -8.12
N CYS A 54 -4.23 0.69 -7.64
CA CYS A 54 -3.63 -0.49 -8.27
C CYS A 54 -4.25 -1.74 -7.64
N HIS A 55 -5.45 -1.56 -7.11
CA HIS A 55 -6.16 -2.66 -6.47
C HIS A 55 -7.49 -2.89 -7.19
N GLU A 56 -8.39 -1.93 -7.02
CA GLU A 56 -9.70 -2.02 -7.64
C GLU A 56 -9.56 -2.26 -9.15
N GLU A 57 -8.67 -1.50 -9.76
CA GLU A 57 -8.43 -1.61 -11.19
C GLU A 57 -8.43 -3.08 -11.61
N MET A 58 -7.77 -3.90 -10.79
CA MET A 58 -7.69 -5.32 -11.07
C MET A 58 -8.70 -6.10 -10.22
N LYS A 59 -9.24 -5.41 -9.22
CA LYS A 59 -10.22 -6.04 -8.33
C LYS A 59 -9.54 -7.12 -7.51
N LYS A 60 -8.39 -6.78 -6.96
CA LYS A 60 -7.63 -7.71 -6.15
C LYS A 60 -6.88 -6.95 -5.06
N GLY A 61 -7.15 -7.34 -3.81
CA GLY A 61 -6.51 -6.70 -2.68
C GLY A 61 -7.55 -6.06 -1.76
N PRO A 62 -7.05 -5.52 -0.65
CA PRO A 62 -7.85 -4.85 0.36
C PRO A 62 -8.49 -3.61 -0.22
N THR A 63 -9.76 -3.71 -0.58
CA THR A 63 -10.47 -2.58 -1.15
C THR A 63 -11.53 -2.06 -0.19
N LYS A 64 -11.63 -2.75 0.95
CA LYS A 64 -12.60 -2.36 1.96
C LYS A 64 -11.87 -1.75 3.16
N CYS A 65 -12.62 -1.08 4.01
CA CYS A 65 -12.06 -0.46 5.19
C CYS A 65 -11.87 -1.52 6.27
N GLY A 66 -12.41 -2.70 5.98
CA GLY A 66 -12.32 -3.81 6.91
C GLY A 66 -11.20 -4.77 6.51
N GLU A 67 -10.48 -4.39 5.46
CA GLU A 67 -9.38 -5.19 4.96
C GLU A 67 -8.04 -4.54 5.28
N CYS A 68 -8.00 -3.23 5.07
CA CYS A 68 -6.79 -2.47 5.34
C CYS A 68 -6.80 -2.03 6.80
N HIS A 69 -7.89 -1.38 7.18
CA HIS A 69 -8.04 -0.91 8.55
C HIS A 69 -8.66 -2.00 9.41
N LYS A 70 -7.82 -2.95 9.79
CA LYS A 70 -8.28 -4.06 10.62
C LYS A 70 -7.06 -4.79 11.18
N LYS A 71 -6.42 -4.16 12.17
CA LYS A 71 -5.25 -4.73 12.80
C LYS A 71 -5.47 -6.23 12.99
CHA HEM B . 9.07 1.47 1.73
CHB HEM B . 12.68 -0.08 -1.16
CHC HEM B . 9.42 -1.67 -4.40
CHD HEM B . 5.80 0.36 -1.70
C1A HEM B . 10.33 1.15 1.24
C2A HEM B . 11.57 1.38 1.95
C3A HEM B . 12.57 0.94 1.15
C4A HEM B . 11.97 0.45 -0.06
CMA HEM B . 14.05 0.96 1.42
CAA HEM B . 11.68 1.96 3.32
CBA HEM B . 12.75 3.04 3.46
CGA HEM B . 13.57 2.85 4.73
O1A HEM B . 12.94 2.55 5.76
O2A HEM B . 14.80 3.01 4.63
C1B HEM B . 12.08 -0.57 -2.31
C2B HEM B . 12.83 -0.92 -3.51
C3B HEM B . 11.92 -1.36 -4.41
C4B HEM B . 10.63 -1.30 -3.79
CMB HEM B . 14.31 -0.79 -3.68
CAB HEM B . 12.17 -1.84 -5.81
CBB HEM B . 13.36 -1.17 -6.49
C1C HEM B . 8.08 -1.21 -3.95
C2C HEM B . 6.87 -1.28 -4.72
C3C HEM B . 5.90 -0.71 -3.98
C4C HEM B . 6.50 -0.29 -2.74
CMC HEM B . 6.76 -1.88 -6.09
CAC HEM B . 4.44 -0.53 -4.33
CBC HEM B . 3.86 -1.70 -5.12
C1D HEM B . 6.41 0.84 -0.54
C2D HEM B . 5.70 1.58 0.49
C3D HEM B . 6.61 1.89 1.44
C4D HEM B . 7.88 1.35 1.02
CMD HEM B . 4.24 1.91 0.46
CAD HEM B . 6.38 2.65 2.71
CBD HEM B . 7.06 4.01 2.76
CGD HEM B . 6.81 4.72 4.08
O1D HEM B . 6.21 5.81 4.05
O2D HEM B . 7.23 4.14 5.11
NA HEM B . 10.59 0.58 -0.01
NB HEM B . 10.74 -0.81 -2.49
NC HEM B . 7.85 -0.60 -2.73
ND HEM B . 7.74 0.71 -0.20
FE HEM B . 9.11 -0.08 -1.35
CHA HEM C . -2.49 -7.17 -2.91
CHB HEM C . -1.68 -3.43 0.09
CHC HEM C . 0.00 -0.77 -3.63
CHD HEM C . -1.09 -4.44 -6.70
C1A HEM C . -2.36 -6.39 -1.77
C2A HEM C . -2.58 -6.87 -0.43
C3A HEM C . -2.36 -5.84 0.40
C4A HEM C . -1.99 -4.70 -0.40
CMA HEM C . -2.45 -5.83 1.91
CAA HEM C . -2.98 -8.28 -0.08
CBA HEM C . -2.14 -9.35 -0.77
CGA HEM C . -1.55 -10.31 0.26
O1A HEM C . -1.81 -11.53 0.11
O2A HEM C . -0.84 -9.82 1.16
C1B HEM C . -1.15 -2.39 -0.66
C2B HEM C . -0.74 -1.11 -0.12
C3B HEM C . -0.28 -0.37 -1.15
C4B HEM C . -0.38 -1.18 -2.34
CMB HEM C . -0.85 -0.72 1.32
CAB HEM C . 0.26 1.03 -1.12
CBB HEM C . 1.14 1.32 0.10
C1C HEM C . -0.15 -1.56 -4.81
C2C HEM C . 0.19 -1.11 -6.14
C3C HEM C . -0.11 -2.13 -6.98
C4C HEM C . -0.65 -3.20 -6.18
CMC HEM C . 0.78 0.22 -6.48
CAC HEM C . 0.06 -2.16 -8.48
CBC HEM C . 1.22 -1.32 -8.99
C1D HEM C . -1.58 -5.48 -5.92
C2D HEM C . -2.05 -6.73 -6.46
C3D HEM C . -2.44 -7.50 -5.42
C4D HEM C . -2.21 -6.72 -4.23
CMD HEM C . -2.08 -7.08 -7.92
CAD HEM C . -3.01 -8.89 -5.45
CBD HEM C . -2.06 -9.95 -4.92
CGD HEM C . -1.41 -10.73 -6.05
O1D HEM C . -1.27 -11.96 -5.90
O2D HEM C . -1.07 -10.08 -7.06
NA HEM C . -2.00 -5.05 -1.75
NB HEM C . -0.92 -2.43 -2.03
NC HEM C . -0.68 -2.85 -4.85
ND HEM C . -1.68 -5.49 -4.55
FE HEM C . -1.24 -3.99 -3.42
CHA HEM D . -5.63 6.47 6.52
CHB HEM D . -10.47 5.93 6.31
CHC HEM D . -9.94 2.22 3.20
CHD HEM D . -5.04 2.47 3.80
C1A HEM D . -7.00 6.65 6.71
C2A HEM D . -7.57 7.68 7.54
C3A HEM D . -8.91 7.53 7.49
C4A HEM D . -9.18 6.41 6.62
CMA HEM D . -9.95 8.36 8.17
CAA HEM D . -6.78 8.70 8.30
CBA HEM D . -6.30 8.22 9.67
CGA HEM D . -5.52 9.31 10.39
O1A HEM D . -4.28 9.34 10.21
O2A HEM D . -6.17 10.10 11.10
C1B HEM D . -10.73 4.90 5.41
C2B HEM D . -12.06 4.50 5.00
C3B HEM D . -11.91 3.47 4.14
C4B HEM D . -10.50 3.21 4.01
CMB HEM D . -13.33 5.14 5.47
CAB HEM D . -13.00 2.70 3.43
CBB HEM D . -13.99 3.58 2.68
C1C HEM D . -8.48 1.98 3.01
C2C HEM D . -7.91 0.82 2.38
C3C HEM D . -6.58 0.87 2.60
C4C HEM D . -6.31 2.05 3.37
CMC HEM D . -8.69 -0.22 1.62
CAC HEM D . -5.53 -0.11 2.14
CBC HEM D . -5.60 -0.44 0.65
C1D HEM D . -4.79 3.56 4.62
C2D HEM D . -3.49 3.92 5.13
C3D HEM D . -3.65 5.03 5.88
C4D HEM D . -5.06 5.36 5.84
CMD HEM D . -2.22 3.17 4.84
CAD HEM D . -2.60 5.80 6.63
CBD HEM D . -2.08 5.10 7.87
CGD HEM D . -0.70 5.60 8.25
O1D HEM D . 0.28 5.04 7.71
O2D HEM D . -0.64 6.54 9.07
NA HEM D . -7.99 5.87 6.15
NB HEM D . -9.78 4.10 4.81
NC HEM D . -7.50 2.74 3.61
ND HEM D . -5.75 4.46 5.07
FE HEM D . -7.68 4.27 4.79
#